data_2KXE
#
_entry.id   2KXE
#
_entity_poly.entity_id   1
_entity_poly.type   'polypeptide(L)'
_entity_poly.pdbx_seq_one_letter_code
;GSHMDEFVKGLMKNGYLITPSAYYLLVGHFNEGKFSLIELIKFAKSRETFIIDDEIANEFLKSIGAEVELPQEIK
;
_entity_poly.pdbx_strand_id   A
#
# COMPACT_ATOMS: atom_id res chain seq x y z
N MET A 4 15.66 2.27 -2.96
CA MET A 4 15.20 1.72 -4.26
C MET A 4 14.34 2.73 -5.02
N ASP A 5 13.26 3.18 -4.39
CA ASP A 5 12.37 4.15 -5.01
C ASP A 5 11.77 5.08 -3.95
N GLU A 6 10.95 6.03 -4.41
CA GLU A 6 10.31 6.98 -3.50
C GLU A 6 9.41 6.27 -2.51
N PHE A 7 8.57 5.37 -3.02
CA PHE A 7 7.65 4.62 -2.17
C PHE A 7 8.42 3.79 -1.14
N VAL A 8 9.47 3.12 -1.60
CA VAL A 8 10.28 2.30 -0.72
C VAL A 8 11.05 3.14 0.28
N LYS A 9 11.56 4.29 -0.17
CA LYS A 9 12.32 5.19 0.69
C LYS A 9 11.39 5.90 1.66
N GLY A 10 10.15 6.14 1.23
CA GLY A 10 9.18 6.81 2.08
C GLY A 10 8.86 6.03 3.33
N LEU A 11 8.78 4.71 3.19
CA LEU A 11 8.47 3.84 4.32
C LEU A 11 9.67 3.74 5.26
N MET A 12 10.84 3.45 4.70
CA MET A 12 12.06 3.32 5.48
C MET A 12 12.32 4.58 6.30
N LYS A 13 11.84 5.72 5.80
CA LYS A 13 12.03 7.00 6.48
C LYS A 13 11.41 6.96 7.88
N ASN A 14 10.35 6.19 8.03
CA ASN A 14 9.66 6.07 9.32
C ASN A 14 9.89 4.69 9.92
N GLY A 15 11.03 4.09 9.60
CA GLY A 15 11.34 2.77 10.13
C GLY A 15 10.34 1.72 9.71
N TYR A 16 9.74 1.91 8.54
CA TYR A 16 8.75 0.97 8.02
C TYR A 16 9.33 0.15 6.86
N LEU A 17 9.05 -1.14 6.86
CA LEU A 17 9.54 -2.03 5.81
C LEU A 17 8.39 -2.55 4.96
N ILE A 18 8.70 -2.96 3.73
CA ILE A 18 7.70 -3.48 2.82
C ILE A 18 8.25 -4.65 1.99
N THR A 19 7.44 -5.69 1.84
CA THR A 19 7.84 -6.86 1.08
C THR A 19 7.59 -6.65 -0.41
N PRO A 20 8.35 -7.35 -1.28
CA PRO A 20 8.21 -7.24 -2.73
C PRO A 20 6.83 -7.68 -3.21
N SER A 21 6.24 -8.64 -2.50
CA SER A 21 4.93 -9.15 -2.84
C SER A 21 3.86 -8.06 -2.70
N ALA A 22 4.07 -7.15 -1.77
CA ALA A 22 3.14 -6.06 -1.53
C ALA A 22 3.54 -4.82 -2.32
N TYR A 23 4.84 -4.65 -2.55
CA TYR A 23 5.35 -3.51 -3.29
C TYR A 23 4.90 -3.56 -4.74
N TYR A 24 4.95 -4.76 -5.32
CA TYR A 24 4.56 -4.95 -6.72
C TYR A 24 3.10 -4.54 -6.93
N LEU A 25 2.30 -4.65 -5.88
CA LEU A 25 0.89 -4.30 -5.96
C LEU A 25 0.65 -2.87 -5.46
N LEU A 26 1.14 -2.58 -4.26
CA LEU A 26 0.97 -1.25 -3.67
C LEU A 26 1.55 -0.18 -4.58
N VAL A 27 2.58 -0.53 -5.34
CA VAL A 27 3.23 0.40 -6.24
C VAL A 27 2.25 0.93 -7.29
N GLY A 28 1.46 0.02 -7.86
CA GLY A 28 0.49 0.40 -8.86
C GLY A 28 -0.58 1.32 -8.32
N HIS A 29 -1.04 1.04 -7.09
CA HIS A 29 -2.06 1.85 -6.45
C HIS A 29 -1.49 3.15 -5.91
N PHE A 30 -0.17 3.18 -5.72
CA PHE A 30 0.49 4.37 -5.20
C PHE A 30 0.95 5.28 -6.34
N ASN A 31 1.55 4.68 -7.36
CA ASN A 31 2.03 5.45 -8.52
C ASN A 31 0.87 6.15 -9.23
N GLU A 32 -0.22 5.42 -9.41
CA GLU A 32 -1.39 5.98 -10.08
C GLU A 32 -1.92 7.20 -9.33
N GLY A 33 -1.73 7.21 -8.02
CA GLY A 33 -2.19 8.31 -7.21
C GLY A 33 -3.51 8.02 -6.51
N LYS A 34 -3.75 6.74 -6.22
CA LYS A 34 -4.98 6.32 -5.55
C LYS A 34 -4.91 6.63 -4.06
N PHE A 35 -3.86 6.13 -3.41
CA PHE A 35 -3.68 6.36 -1.98
C PHE A 35 -2.37 7.08 -1.70
N SER A 36 -2.31 7.77 -0.57
CA SER A 36 -1.11 8.52 -0.18
C SER A 36 -0.32 7.76 0.89
N LEU A 37 0.95 8.10 1.03
CA LEU A 37 1.81 7.46 2.02
C LEU A 37 1.26 7.64 3.42
N ILE A 38 0.70 8.82 3.69
CA ILE A 38 0.14 9.12 5.00
C ILE A 38 -0.99 8.15 5.34
N GLU A 39 -1.72 7.70 4.32
CA GLU A 39 -2.82 6.77 4.53
C GLU A 39 -2.30 5.36 4.81
N LEU A 40 -1.22 5.00 4.13
CA LEU A 40 -0.62 3.68 4.31
C LEU A 40 -0.12 3.50 5.75
N ILE A 41 0.57 4.51 6.26
CA ILE A 41 1.11 4.46 7.62
C ILE A 41 -0.01 4.50 8.65
N LYS A 42 -1.07 5.25 8.33
CA LYS A 42 -2.22 5.38 9.23
C LYS A 42 -2.91 4.03 9.43
N PHE A 43 -2.88 3.20 8.39
CA PHE A 43 -3.50 1.89 8.45
C PHE A 43 -2.71 0.94 9.35
N ALA A 44 -1.41 0.87 9.11
CA ALA A 44 -0.54 0.00 9.90
C ALA A 44 -0.57 0.39 11.38
N LYS A 45 -0.80 1.67 11.64
CA LYS A 45 -0.87 2.18 13.01
C LYS A 45 -1.96 1.47 13.81
N SER A 46 -3.15 1.37 13.20
CA SER A 46 -4.27 0.72 13.86
C SER A 46 -3.96 -0.75 14.14
N ARG A 47 -3.19 -1.36 13.26
CA ARG A 47 -2.81 -2.76 13.42
C ARG A 47 -1.64 -2.92 14.39
N GLU A 48 -0.93 -1.82 14.65
CA GLU A 48 0.20 -1.83 15.56
C GLU A 48 1.31 -2.74 15.03
N THR A 49 1.81 -2.41 13.84
CA THR A 49 2.87 -3.19 13.23
C THR A 49 3.71 -2.32 12.28
N PHE A 50 4.97 -2.70 12.09
CA PHE A 50 5.87 -1.97 11.22
C PHE A 50 6.28 -2.81 10.02
N ILE A 51 5.37 -3.67 9.58
CA ILE A 51 5.64 -4.54 8.43
C ILE A 51 4.44 -4.61 7.50
N ILE A 52 4.60 -4.06 6.30
CA ILE A 52 3.53 -4.06 5.31
C ILE A 52 3.64 -5.24 4.36
N ASP A 53 2.91 -6.31 4.67
CA ASP A 53 2.93 -7.51 3.84
C ASP A 53 1.69 -7.58 2.97
N ASP A 54 1.61 -8.61 2.13
CA ASP A 54 0.47 -8.79 1.23
C ASP A 54 -0.83 -8.82 2.01
N GLU A 55 -0.80 -9.38 3.21
CA GLU A 55 -1.97 -9.47 4.06
C GLU A 55 -2.49 -8.07 4.41
N ILE A 56 -1.57 -7.16 4.69
CA ILE A 56 -1.93 -5.78 5.04
C ILE A 56 -2.41 -5.01 3.81
N ALA A 57 -1.72 -5.21 2.69
CA ALA A 57 -2.07 -4.53 1.45
C ALA A 57 -3.49 -4.89 1.02
N ASN A 58 -3.86 -6.15 1.20
CA ASN A 58 -5.19 -6.61 0.84
C ASN A 58 -6.25 -5.99 1.73
N GLU A 59 -6.02 -6.03 3.03
CA GLU A 59 -6.96 -5.47 4.00
C GLU A 59 -7.04 -3.95 3.85
N PHE A 60 -5.94 -3.34 3.44
CA PHE A 60 -5.90 -1.90 3.26
C PHE A 60 -6.85 -1.46 2.16
N LEU A 61 -6.59 -1.92 0.94
CA LEU A 61 -7.42 -1.57 -0.20
C LEU A 61 -8.87 -1.95 0.05
N LYS A 62 -9.09 -2.99 0.83
CA LYS A 62 -10.44 -3.46 1.15
C LYS A 62 -11.09 -2.54 2.18
N SER A 63 -10.28 -1.94 3.04
CA SER A 63 -10.77 -1.04 4.07
C SER A 63 -11.10 0.33 3.49
N ILE A 64 -10.14 0.91 2.78
CA ILE A 64 -10.32 2.22 2.18
C ILE A 64 -11.44 2.20 1.14
N GLY A 65 -11.66 1.04 0.54
CA GLY A 65 -12.71 0.91 -0.46
C GLY A 65 -12.19 1.14 -1.87
N ALA A 66 -11.08 0.49 -2.20
CA ALA A 66 -10.48 0.62 -3.53
C ALA A 66 -10.40 -0.72 -4.23
N GLU A 67 -10.20 -0.69 -5.55
CA GLU A 67 -10.09 -1.92 -6.33
C GLU A 67 -11.38 -2.74 -6.23
N VAL A 68 -12.51 -2.05 -6.21
CA VAL A 68 -13.81 -2.72 -6.12
C VAL A 68 -14.07 -3.58 -7.35
N GLU A 69 -13.48 -4.76 -7.39
CA GLU A 69 -13.66 -5.68 -8.50
C GLU A 69 -13.81 -7.11 -8.02
N LEU A 70 -15.05 -7.53 -7.82
CA LEU A 70 -15.33 -8.89 -7.35
C LEU A 70 -16.25 -9.63 -8.34
N PRO A 71 -16.11 -10.95 -8.43
CA PRO A 71 -16.92 -11.77 -9.33
C PRO A 71 -18.38 -11.86 -8.88
N GLN A 72 -18.59 -11.75 -7.58
CA GLN A 72 -19.93 -11.81 -7.01
C GLN A 72 -20.40 -10.44 -6.55
N GLU A 73 -19.70 -9.88 -5.57
CA GLU A 73 -20.05 -8.56 -5.04
C GLU A 73 -21.46 -8.56 -4.48
N ILE A 74 -21.57 -8.79 -3.18
CA ILE A 74 -22.86 -8.82 -2.51
C ILE A 74 -23.03 -7.62 -1.56
N LYS A 75 -22.23 -7.60 -0.50
CA LYS A 75 -22.28 -6.52 0.48
C LYS A 75 -21.01 -6.52 1.34
N MET A 4 15.35 3.44 -4.14
CA MET A 4 15.20 3.81 -5.57
C MET A 4 13.74 4.10 -5.91
N ASP A 5 12.99 4.60 -4.93
CA ASP A 5 11.58 4.91 -5.12
C ASP A 5 11.03 5.72 -3.93
N GLU A 6 10.17 6.67 -4.23
CA GLU A 6 9.57 7.52 -3.19
C GLU A 6 8.79 6.68 -2.20
N PHE A 7 8.22 5.57 -2.68
CA PHE A 7 7.45 4.68 -1.83
C PHE A 7 8.33 3.98 -0.80
N VAL A 8 9.30 3.22 -1.29
CA VAL A 8 10.22 2.51 -0.42
C VAL A 8 10.99 3.46 0.48
N LYS A 9 11.42 4.58 -0.09
CA LYS A 9 12.18 5.58 0.66
C LYS A 9 11.26 6.31 1.65
N GLY A 10 10.07 6.68 1.18
CA GLY A 10 9.13 7.38 2.03
C GLY A 10 8.66 6.54 3.20
N LEU A 11 8.64 5.22 3.00
CA LEU A 11 8.21 4.30 4.05
C LEU A 11 9.33 4.04 5.05
N MET A 12 10.49 3.63 4.53
CA MET A 12 11.64 3.34 5.37
C MET A 12 12.01 4.54 6.24
N LYS A 13 11.71 5.74 5.74
CA LYS A 13 12.00 6.97 6.46
C LYS A 13 11.28 7.00 7.80
N ASN A 14 10.07 6.43 7.82
CA ASN A 14 9.27 6.38 9.04
C ASN A 14 9.38 5.02 9.72
N GLY A 15 10.51 4.35 9.53
CA GLY A 15 10.72 3.05 10.13
C GLY A 15 9.68 2.03 9.69
N TYR A 16 9.51 1.89 8.38
CA TYR A 16 8.54 0.95 7.83
C TYR A 16 9.18 0.08 6.76
N LEU A 17 8.63 -1.11 6.55
CA LEU A 17 9.14 -2.04 5.56
C LEU A 17 8.01 -2.62 4.73
N ILE A 18 8.36 -3.25 3.61
CA ILE A 18 7.38 -3.86 2.72
C ILE A 18 7.99 -5.01 1.93
N THR A 19 7.21 -6.08 1.75
CA THR A 19 7.67 -7.25 1.02
C THR A 19 7.46 -7.08 -0.48
N PRO A 20 8.32 -7.68 -1.31
CA PRO A 20 8.22 -7.59 -2.76
C PRO A 20 6.84 -7.98 -3.27
N SER A 21 6.16 -8.85 -2.52
CA SER A 21 4.83 -9.31 -2.89
C SER A 21 3.79 -8.21 -2.69
N ALA A 22 4.03 -7.36 -1.69
CA ALA A 22 3.12 -6.26 -1.39
C ALA A 22 3.49 -5.01 -2.16
N TYR A 23 4.79 -4.83 -2.40
CA TYR A 23 5.28 -3.67 -3.14
C TYR A 23 4.79 -3.70 -4.59
N TYR A 24 4.74 -4.89 -5.17
CA TYR A 24 4.30 -5.05 -6.54
C TYR A 24 2.83 -4.67 -6.70
N LEU A 25 2.06 -4.80 -5.62
CA LEU A 25 0.64 -4.47 -5.64
C LEU A 25 0.41 -3.05 -5.14
N LEU A 26 1.28 -2.59 -4.24
CA LEU A 26 1.16 -1.24 -3.67
C LEU A 26 1.83 -0.21 -4.58
N VAL A 27 2.86 -0.63 -5.29
CA VAL A 27 3.59 0.25 -6.19
C VAL A 27 2.66 0.82 -7.25
N GLY A 28 1.84 -0.03 -7.85
CA GLY A 28 0.92 0.41 -8.87
C GLY A 28 -0.20 1.28 -8.32
N HIS A 29 -0.56 1.04 -7.07
CA HIS A 29 -1.62 1.80 -6.42
C HIS A 29 -1.07 3.10 -5.80
N PHE A 30 0.23 3.12 -5.56
CA PHE A 30 0.88 4.30 -4.97
C PHE A 30 1.42 5.21 -6.06
N ASN A 31 1.88 4.63 -7.16
CA ASN A 31 2.44 5.40 -8.26
C ASN A 31 1.32 6.08 -9.05
N GLU A 32 0.26 5.34 -9.35
CA GLU A 32 -0.87 5.88 -10.10
C GLU A 32 -1.48 7.07 -9.36
N GLY A 33 -1.40 7.04 -8.05
CA GLY A 33 -1.96 8.13 -7.24
C GLY A 33 -3.30 7.76 -6.64
N LYS A 34 -3.42 6.52 -6.18
CA LYS A 34 -4.67 6.05 -5.58
C LYS A 34 -4.69 6.37 -4.08
N PHE A 35 -3.64 5.98 -3.38
CA PHE A 35 -3.54 6.22 -1.94
C PHE A 35 -2.27 7.00 -1.60
N SER A 36 -2.31 7.72 -0.49
CA SER A 36 -1.15 8.51 -0.05
C SER A 36 -0.41 7.80 1.07
N LEU A 37 0.78 8.30 1.38
CA LEU A 37 1.59 7.71 2.45
C LEU A 37 0.92 7.86 3.80
N ILE A 38 0.25 9.00 4.00
CA ILE A 38 -0.44 9.26 5.26
C ILE A 38 -1.48 8.19 5.55
N GLU A 39 -2.02 7.58 4.50
CA GLU A 39 -3.02 6.54 4.65
C GLU A 39 -2.38 5.20 4.95
N LEU A 40 -1.21 4.97 4.38
CA LEU A 40 -0.47 3.72 4.58
C LEU A 40 0.11 3.66 5.99
N ILE A 41 0.67 4.78 6.44
CA ILE A 41 1.27 4.85 7.78
C ILE A 41 0.19 4.80 8.85
N LYS A 42 -0.98 5.36 8.55
CA LYS A 42 -2.09 5.38 9.50
C LYS A 42 -2.69 3.99 9.65
N PHE A 43 -2.68 3.22 8.56
CA PHE A 43 -3.23 1.88 8.57
C PHE A 43 -2.36 0.94 9.40
N ALA A 44 -1.06 0.95 9.12
CA ALA A 44 -0.12 0.10 9.85
C ALA A 44 -0.05 0.49 11.32
N LYS A 45 -0.12 1.79 11.59
CA LYS A 45 -0.06 2.31 12.96
C LYS A 45 -1.21 1.74 13.78
N SER A 46 -2.39 1.65 13.18
CA SER A 46 -3.57 1.13 13.87
C SER A 46 -3.46 -0.39 14.05
N ARG A 47 -2.80 -1.04 13.11
CA ARG A 47 -2.62 -2.49 13.17
C ARG A 47 -1.41 -2.87 14.01
N GLU A 48 -0.51 -1.91 14.20
CA GLU A 48 0.70 -2.15 14.98
C GLU A 48 1.57 -3.22 14.33
N THR A 49 2.00 -2.94 13.10
CA THR A 49 2.84 -3.88 12.36
C THR A 49 3.61 -3.17 11.25
N PHE A 50 4.84 -2.78 11.54
CA PHE A 50 5.67 -2.09 10.56
C PHE A 50 5.84 -2.92 9.29
N ILE A 51 5.73 -4.24 9.44
CA ILE A 51 5.86 -5.14 8.31
C ILE A 51 4.64 -5.09 7.40
N ILE A 52 4.77 -4.38 6.28
CA ILE A 52 3.67 -4.25 5.32
C ILE A 52 3.70 -5.36 4.29
N ASP A 53 2.94 -6.42 4.53
CA ASP A 53 2.88 -7.55 3.62
C ASP A 53 1.54 -7.59 2.89
N ASP A 54 1.32 -8.65 2.11
CA ASP A 54 0.08 -8.81 1.36
C ASP A 54 -1.12 -8.78 2.28
N GLU A 55 -0.95 -9.28 3.50
CA GLU A 55 -2.03 -9.31 4.47
C GLU A 55 -2.54 -7.90 4.78
N ILE A 56 -1.62 -6.97 4.95
CA ILE A 56 -1.97 -5.58 5.24
C ILE A 56 -2.48 -4.87 3.98
N ALA A 57 -1.84 -5.15 2.85
CA ALA A 57 -2.23 -4.55 1.59
C ALA A 57 -3.63 -4.99 1.16
N ASN A 58 -3.94 -6.26 1.43
CA ASN A 58 -5.25 -6.80 1.07
C ASN A 58 -6.36 -6.06 1.79
N GLU A 59 -6.29 -6.05 3.13
CA GLU A 59 -7.29 -5.37 3.93
C GLU A 59 -7.26 -3.86 3.71
N PHE A 60 -6.07 -3.33 3.48
CA PHE A 60 -5.90 -1.90 3.24
C PHE A 60 -6.73 -1.44 2.05
N LEU A 61 -6.55 -2.09 0.91
CA LEU A 61 -7.29 -1.75 -0.29
C LEU A 61 -8.79 -1.97 -0.10
N LYS A 62 -9.14 -2.93 0.75
CA LYS A 62 -10.54 -3.25 1.01
C LYS A 62 -11.14 -2.27 2.01
N SER A 63 -10.31 -1.78 2.92
CA SER A 63 -10.75 -0.82 3.93
C SER A 63 -11.05 0.54 3.32
N ILE A 64 -10.14 1.01 2.47
CA ILE A 64 -10.31 2.29 1.80
C ILE A 64 -11.44 2.24 0.78
N GLY A 65 -11.66 1.08 0.20
CA GLY A 65 -12.71 0.93 -0.79
C GLY A 65 -12.24 1.23 -2.19
N ALA A 66 -11.12 0.64 -2.58
CA ALA A 66 -10.56 0.86 -3.92
C ALA A 66 -10.46 -0.46 -4.68
N GLU A 67 -10.47 -0.36 -6.01
CA GLU A 67 -10.38 -1.54 -6.87
C GLU A 67 -8.98 -1.67 -7.46
N VAL A 68 -8.43 -2.89 -7.41
CA VAL A 68 -7.11 -3.15 -7.93
C VAL A 68 -7.15 -3.34 -9.45
N GLU A 69 -6.28 -2.66 -10.17
CA GLU A 69 -6.22 -2.76 -11.62
C GLU A 69 -4.94 -3.46 -12.06
N LEU A 70 -5.04 -4.25 -13.13
CA LEU A 70 -3.89 -4.97 -13.66
C LEU A 70 -3.68 -4.65 -15.14
N PRO A 71 -3.09 -3.49 -15.44
CA PRO A 71 -2.83 -3.06 -16.83
C PRO A 71 -1.69 -3.85 -17.47
N GLN A 72 -1.82 -4.11 -18.76
CA GLN A 72 -0.80 -4.84 -19.50
C GLN A 72 0.06 -3.91 -20.34
N GLU A 73 1.23 -4.39 -20.74
CA GLU A 73 2.15 -3.59 -21.55
C GLU A 73 1.51 -3.25 -22.90
N ILE A 74 2.28 -2.59 -23.76
CA ILE A 74 1.80 -2.21 -25.07
C ILE A 74 2.93 -2.23 -26.10
N LYS A 75 2.56 -2.25 -27.38
CA LYS A 75 3.55 -2.27 -28.46
C LYS A 75 4.29 -0.94 -28.55
N MET A 4 16.13 4.43 -5.38
CA MET A 4 15.37 3.85 -6.52
C MET A 4 13.99 4.47 -6.63
N ASP A 5 13.10 4.09 -5.72
CA ASP A 5 11.74 4.62 -5.71
C ASP A 5 11.48 5.47 -4.48
N GLU A 6 10.56 6.43 -4.60
CA GLU A 6 10.23 7.31 -3.49
C GLU A 6 9.33 6.60 -2.48
N PHE A 7 8.53 5.67 -2.97
CA PHE A 7 7.62 4.92 -2.11
C PHE A 7 8.39 4.15 -1.03
N VAL A 8 9.30 3.29 -1.47
CA VAL A 8 10.09 2.49 -0.55
C VAL A 8 10.92 3.39 0.38
N LYS A 9 11.52 4.43 -0.19
CA LYS A 9 12.33 5.36 0.59
C LYS A 9 11.50 6.02 1.68
N GLY A 10 10.28 6.45 1.33
CA GLY A 10 9.42 7.09 2.30
C GLY A 10 9.11 6.20 3.49
N LEU A 11 9.12 4.89 3.26
CA LEU A 11 8.84 3.94 4.32
C LEU A 11 10.04 3.77 5.25
N MET A 12 11.24 3.80 4.66
CA MET A 12 12.46 3.66 5.44
C MET A 12 12.63 4.82 6.42
N LYS A 13 12.15 5.99 6.01
CA LYS A 13 12.26 7.18 6.85
C LYS A 13 11.48 7.00 8.14
N ASN A 14 10.41 6.22 8.09
CA ASN A 14 9.57 5.97 9.26
C ASN A 14 9.74 4.53 9.76
N GLY A 15 10.86 3.90 9.39
CA GLY A 15 11.10 2.53 9.79
C GLY A 15 9.94 1.60 9.49
N TYR A 16 9.79 1.25 8.21
CA TYR A 16 8.72 0.37 7.79
C TYR A 16 9.17 -0.54 6.65
N LEU A 17 9.19 -1.84 6.92
CA LEU A 17 9.61 -2.82 5.91
C LEU A 17 8.43 -3.22 5.03
N ILE A 18 8.71 -3.41 3.74
CA ILE A 18 7.67 -3.81 2.79
C ILE A 18 8.11 -5.01 1.96
N THR A 19 7.23 -6.00 1.86
CA THR A 19 7.54 -7.21 1.09
C THR A 19 7.18 -7.02 -0.38
N PRO A 20 7.87 -7.75 -1.28
CA PRO A 20 7.62 -7.66 -2.73
C PRO A 20 6.15 -7.86 -3.07
N SER A 21 5.52 -8.84 -2.44
CA SER A 21 4.11 -9.13 -2.69
C SER A 21 3.25 -7.90 -2.42
N ALA A 22 3.70 -7.05 -1.51
CA ALA A 22 2.97 -5.83 -1.17
C ALA A 22 3.31 -4.69 -2.11
N TYR A 23 4.60 -4.56 -2.42
CA TYR A 23 5.06 -3.50 -3.32
C TYR A 23 4.56 -3.74 -4.74
N TYR A 24 4.59 -5.00 -5.18
CA TYR A 24 4.14 -5.35 -6.52
C TYR A 24 2.71 -4.90 -6.76
N LEU A 25 1.93 -4.82 -5.68
CA LEU A 25 0.54 -4.41 -5.77
C LEU A 25 0.37 -2.95 -5.39
N LEU A 26 1.05 -2.53 -4.33
CA LEU A 26 0.98 -1.15 -3.86
C LEU A 26 1.64 -0.20 -4.84
N VAL A 27 2.64 -0.70 -5.57
CA VAL A 27 3.35 0.10 -6.55
C VAL A 27 2.41 0.66 -7.60
N GLY A 28 1.34 -0.07 -7.87
CA GLY A 28 0.38 0.36 -8.88
C GLY A 28 -0.65 1.31 -8.30
N HIS A 29 -1.02 1.10 -7.04
CA HIS A 29 -2.01 1.95 -6.38
C HIS A 29 -1.36 3.19 -5.78
N PHE A 30 -0.04 3.16 -5.62
CA PHE A 30 0.70 4.28 -5.05
C PHE A 30 1.12 5.27 -6.13
N ASN A 31 1.62 4.74 -7.25
CA ASN A 31 2.07 5.56 -8.36
C ASN A 31 0.89 6.22 -9.05
N GLU A 32 -0.19 5.47 -9.23
CA GLU A 32 -1.39 5.98 -9.89
C GLU A 32 -1.92 7.22 -9.16
N GLY A 33 -1.66 7.30 -7.87
CA GLY A 33 -2.12 8.43 -7.08
C GLY A 33 -3.44 8.17 -6.40
N LYS A 34 -3.71 6.91 -6.10
CA LYS A 34 -4.96 6.53 -5.44
C LYS A 34 -4.87 6.77 -3.95
N PHE A 35 -3.88 6.17 -3.30
CA PHE A 35 -3.69 6.32 -1.87
C PHE A 35 -2.40 7.10 -1.56
N SER A 36 -2.39 7.79 -0.43
CA SER A 36 -1.23 8.56 -0.03
C SER A 36 -0.44 7.84 1.05
N LEU A 37 0.80 8.27 1.28
CA LEU A 37 1.66 7.66 2.27
C LEU A 37 1.02 7.73 3.66
N ILE A 38 0.35 8.84 3.94
CA ILE A 38 -0.31 9.04 5.22
C ILE A 38 -1.37 7.97 5.46
N GLU A 39 -2.01 7.53 4.39
CA GLU A 39 -3.05 6.50 4.48
C GLU A 39 -2.45 5.14 4.81
N LEU A 40 -1.30 4.85 4.21
CA LEU A 40 -0.62 3.58 4.44
C LEU A 40 -0.12 3.48 5.87
N ILE A 41 0.49 4.57 6.36
CA ILE A 41 1.02 4.60 7.72
C ILE A 41 -0.12 4.60 8.74
N LYS A 42 -1.26 5.19 8.36
CA LYS A 42 -2.41 5.26 9.24
C LYS A 42 -2.98 3.87 9.50
N PHE A 43 -2.97 3.03 8.46
CA PHE A 43 -3.48 1.67 8.58
C PHE A 43 -2.53 0.80 9.41
N ALA A 44 -1.24 0.92 9.12
CA ALA A 44 -0.22 0.14 9.83
C ALA A 44 -0.21 0.49 11.32
N LYS A 45 -0.45 1.77 11.63
CA LYS A 45 -0.47 2.22 13.02
C LYS A 45 -1.56 1.50 13.81
N SER A 46 -2.74 1.41 13.22
CA SER A 46 -3.87 0.75 13.87
C SER A 46 -3.54 -0.72 14.17
N ARG A 47 -2.72 -1.32 13.32
CA ARG A 47 -2.32 -2.72 13.49
C ARG A 47 -1.19 -2.83 14.50
N GLU A 48 -0.54 -1.71 14.82
CA GLU A 48 0.56 -1.71 15.77
C GLU A 48 1.72 -2.57 15.26
N THR A 49 2.02 -2.45 13.97
CA THR A 49 3.11 -3.21 13.37
C THR A 49 3.87 -2.36 12.35
N PHE A 50 5.14 -2.71 12.14
CA PHE A 50 5.99 -1.97 11.21
C PHE A 50 6.42 -2.88 10.05
N ILE A 51 5.48 -3.61 9.48
CA ILE A 51 5.77 -4.51 8.38
C ILE A 51 4.62 -4.55 7.37
N ILE A 52 4.71 -3.71 6.34
CA ILE A 52 3.68 -3.65 5.32
C ILE A 52 3.80 -4.82 4.34
N ASP A 53 3.00 -5.86 4.56
CA ASP A 53 3.02 -7.04 3.70
C ASP A 53 1.70 -7.20 2.97
N ASP A 54 1.54 -8.32 2.28
CA ASP A 54 0.31 -8.60 1.54
C ASP A 54 -0.90 -8.59 2.47
N GLU A 55 -0.69 -9.01 3.71
CA GLU A 55 -1.77 -9.05 4.70
C GLU A 55 -2.36 -7.66 4.91
N ILE A 56 -1.48 -6.67 5.10
CA ILE A 56 -1.90 -5.30 5.31
C ILE A 56 -2.30 -4.64 3.99
N ALA A 57 -1.53 -4.92 2.95
CA ALA A 57 -1.79 -4.35 1.63
C ALA A 57 -3.14 -4.83 1.08
N ASN A 58 -3.51 -6.05 1.44
CA ASN A 58 -4.77 -6.62 0.99
C ASN A 58 -5.96 -5.92 1.63
N GLU A 59 -6.03 -5.98 2.96
CA GLU A 59 -7.12 -5.35 3.70
C GLU A 59 -7.13 -3.84 3.45
N PHE A 60 -5.96 -3.26 3.25
CA PHE A 60 -5.84 -1.83 3.00
C PHE A 60 -6.63 -1.43 1.77
N LEU A 61 -6.42 -2.14 0.66
CA LEU A 61 -7.12 -1.84 -0.58
C LEU A 61 -8.59 -2.22 -0.48
N LYS A 62 -8.88 -3.25 0.31
CA LYS A 62 -10.25 -3.70 0.50
C LYS A 62 -11.04 -2.74 1.37
N SER A 63 -10.35 -2.11 2.31
CA SER A 63 -10.98 -1.15 3.22
C SER A 63 -11.34 0.14 2.48
N ILE A 64 -10.58 0.45 1.45
CA ILE A 64 -10.82 1.67 0.67
C ILE A 64 -11.69 1.38 -0.55
N GLY A 65 -12.39 0.24 -0.54
CA GLY A 65 -13.24 -0.12 -1.65
C GLY A 65 -12.50 -0.11 -2.98
N ALA A 66 -11.22 -0.45 -2.95
CA ALA A 66 -10.40 -0.48 -4.15
C ALA A 66 -10.02 -1.91 -4.52
N GLU A 67 -10.95 -2.63 -5.16
CA GLU A 67 -10.71 -4.00 -5.57
C GLU A 67 -10.53 -4.10 -7.08
N VAL A 68 -9.29 -3.96 -7.52
CA VAL A 68 -8.98 -4.04 -8.95
C VAL A 68 -9.41 -5.37 -9.54
N GLU A 69 -9.42 -5.44 -10.87
CA GLU A 69 -9.82 -6.66 -11.56
C GLU A 69 -9.19 -6.74 -12.95
N LEU A 70 -7.96 -6.23 -13.06
CA LEU A 70 -7.25 -6.24 -14.33
C LEU A 70 -5.81 -5.76 -14.15
N PRO A 71 -4.90 -6.69 -13.80
CA PRO A 71 -3.49 -6.36 -13.59
C PRO A 71 -2.77 -6.02 -14.90
N GLN A 72 -2.26 -4.80 -14.98
CA GLN A 72 -1.56 -4.35 -16.18
C GLN A 72 -0.17 -3.85 -15.84
N GLU A 73 0.82 -4.75 -15.87
CA GLU A 73 2.20 -4.39 -15.56
C GLU A 73 3.16 -5.01 -16.56
N ILE A 74 2.64 -5.39 -17.72
CA ILE A 74 3.47 -6.00 -18.77
C ILE A 74 4.06 -7.33 -18.29
N LYS A 75 4.10 -8.31 -19.20
CA LYS A 75 4.64 -9.61 -18.87
C LYS A 75 4.99 -10.39 -20.15
N MET A 4 15.58 4.54 -7.62
CA MET A 4 15.04 5.32 -6.47
C MET A 4 13.52 5.35 -6.47
N ASP A 5 12.93 5.21 -5.29
CA ASP A 5 11.48 5.22 -5.15
C ASP A 5 11.06 5.95 -3.88
N GLU A 6 10.00 6.73 -3.98
CA GLU A 6 9.48 7.48 -2.83
C GLU A 6 8.63 6.59 -1.93
N PHE A 7 8.00 5.58 -2.53
CA PHE A 7 7.16 4.66 -1.79
C PHE A 7 7.97 3.89 -0.75
N VAL A 8 8.95 3.12 -1.21
CA VAL A 8 9.79 2.33 -0.33
C VAL A 8 10.57 3.23 0.63
N LYS A 9 11.31 4.18 0.07
CA LYS A 9 12.10 5.11 0.88
C LYS A 9 11.21 5.90 1.83
N GLY A 10 10.05 6.32 1.33
CA GLY A 10 9.12 7.09 2.15
C GLY A 10 8.69 6.34 3.38
N LEU A 11 8.68 5.01 3.30
CA LEU A 11 8.28 4.17 4.42
C LEU A 11 9.46 3.89 5.34
N MET A 12 10.60 3.52 4.76
CA MET A 12 11.80 3.23 5.52
C MET A 12 12.19 4.40 6.40
N LYS A 13 11.86 5.61 5.96
CA LYS A 13 12.17 6.82 6.71
C LYS A 13 11.52 6.80 8.08
N ASN A 14 10.30 6.27 8.15
CA ASN A 14 9.57 6.19 9.41
C ASN A 14 9.67 4.79 10.01
N GLY A 15 10.77 4.11 9.72
CA GLY A 15 10.98 2.76 10.24
C GLY A 15 9.86 1.81 9.85
N TYR A 16 9.64 1.67 8.54
CA TYR A 16 8.61 0.78 8.04
C TYR A 16 9.14 -0.10 6.92
N LEU A 17 8.68 -1.36 6.89
CA LEU A 17 9.11 -2.31 5.88
C LEU A 17 7.95 -2.73 4.99
N ILE A 18 8.25 -3.55 3.99
CA ILE A 18 7.23 -4.02 3.06
C ILE A 18 7.72 -5.24 2.27
N THR A 19 6.80 -6.14 1.97
CA THR A 19 7.14 -7.35 1.21
C THR A 19 7.10 -7.09 -0.29
N PRO A 20 8.02 -7.73 -1.04
CA PRO A 20 8.08 -7.56 -2.51
C PRO A 20 6.74 -7.80 -3.18
N SER A 21 6.07 -8.88 -2.79
CA SER A 21 4.77 -9.22 -3.36
C SER A 21 3.76 -8.11 -3.12
N ALA A 22 3.92 -7.40 -2.01
CA ALA A 22 3.02 -6.31 -1.67
C ALA A 22 3.37 -5.04 -2.43
N TYR A 23 4.67 -4.79 -2.57
CA TYR A 23 5.14 -3.60 -3.29
C TYR A 23 4.64 -3.59 -4.73
N TYR A 24 4.64 -4.76 -5.36
CA TYR A 24 4.18 -4.89 -6.73
C TYR A 24 2.69 -4.58 -6.86
N LEU A 25 1.97 -4.72 -5.75
CA LEU A 25 0.53 -4.46 -5.74
C LEU A 25 0.24 -3.02 -5.36
N LEU A 26 1.11 -2.43 -4.55
CA LEU A 26 0.94 -1.05 -4.10
C LEU A 26 1.66 -0.08 -5.03
N VAL A 27 2.68 -0.58 -5.73
CA VAL A 27 3.45 0.26 -6.65
C VAL A 27 2.55 0.93 -7.68
N GLY A 28 1.54 0.20 -8.15
CA GLY A 28 0.62 0.74 -9.13
C GLY A 28 -0.43 1.64 -8.51
N HIS A 29 -0.90 1.26 -7.32
CA HIS A 29 -1.92 2.04 -6.63
C HIS A 29 -1.34 3.33 -6.06
N PHE A 30 -0.02 3.39 -5.94
CA PHE A 30 0.65 4.57 -5.42
C PHE A 30 1.06 5.52 -6.53
N ASN A 31 1.60 4.95 -7.61
CA ASN A 31 2.04 5.74 -8.75
C ASN A 31 0.87 6.45 -9.40
N GLU A 32 -0.22 5.71 -9.64
CA GLU A 32 -1.41 6.27 -10.25
C GLU A 32 -1.94 7.45 -9.45
N GLY A 33 -1.71 7.42 -8.13
CA GLY A 33 -2.17 8.48 -7.27
C GLY A 33 -3.49 8.16 -6.60
N LYS A 34 -3.67 6.89 -6.23
CA LYS A 34 -4.89 6.44 -5.59
C LYS A 34 -4.83 6.70 -4.08
N PHE A 35 -3.83 6.14 -3.42
CA PHE A 35 -3.67 6.31 -1.98
C PHE A 35 -2.42 7.15 -1.67
N SER A 36 -2.31 7.58 -0.43
CA SER A 36 -1.16 8.38 0.00
C SER A 36 -0.31 7.62 1.00
N LEU A 37 0.95 8.02 1.12
CA LEU A 37 1.88 7.37 2.03
C LEU A 37 1.38 7.48 3.48
N ILE A 38 0.97 8.69 3.86
CA ILE A 38 0.47 8.92 5.22
C ILE A 38 -0.74 8.03 5.51
N GLU A 39 -1.51 7.70 4.48
CA GLU A 39 -2.68 6.85 4.64
C GLU A 39 -2.28 5.40 4.84
N LEU A 40 -1.24 4.98 4.14
CA LEU A 40 -0.75 3.61 4.25
C LEU A 40 -0.14 3.34 5.62
N ILE A 41 0.60 4.32 6.12
CA ILE A 41 1.24 4.20 7.43
C ILE A 41 0.20 4.18 8.55
N LYS A 42 -0.85 4.98 8.39
CA LYS A 42 -1.91 5.07 9.38
C LYS A 42 -2.57 3.70 9.58
N PHE A 43 -2.75 2.97 8.49
CA PHE A 43 -3.37 1.66 8.54
C PHE A 43 -2.53 0.69 9.37
N ALA A 44 -1.22 0.71 9.14
CA ALA A 44 -0.30 -0.16 9.85
C ALA A 44 -0.09 0.33 11.29
N LYS A 45 -0.14 1.64 11.47
CA LYS A 45 0.04 2.24 12.79
C LYS A 45 -1.02 1.73 13.77
N SER A 46 -2.28 1.78 13.36
CA SER A 46 -3.38 1.33 14.20
C SER A 46 -3.22 -0.15 14.55
N ARG A 47 -2.61 -0.91 13.64
CA ARG A 47 -2.39 -2.33 13.86
C ARG A 47 -1.14 -2.58 14.69
N GLU A 48 -0.37 -1.53 14.94
CA GLU A 48 0.87 -1.64 15.72
C GLU A 48 1.86 -2.57 15.04
N THR A 49 2.22 -2.25 13.80
CA THR A 49 3.15 -3.06 13.04
C THR A 49 3.90 -2.21 12.01
N PHE A 50 5.22 -2.36 11.98
CA PHE A 50 6.05 -1.60 11.05
C PHE A 50 6.38 -2.44 9.81
N ILE A 51 5.50 -3.38 9.48
CA ILE A 51 5.70 -4.24 8.33
C ILE A 51 4.43 -4.36 7.49
N ILE A 52 4.49 -3.88 6.26
CA ILE A 52 3.35 -3.93 5.36
C ILE A 52 3.40 -5.17 4.48
N ASP A 53 2.90 -6.29 5.00
CA ASP A 53 2.89 -7.54 4.26
C ASP A 53 1.67 -7.62 3.36
N ASP A 54 1.50 -8.77 2.70
CA ASP A 54 0.38 -8.97 1.79
C ASP A 54 -0.95 -8.84 2.54
N GLU A 55 -1.00 -9.39 3.74
CA GLU A 55 -2.21 -9.34 4.56
C GLU A 55 -2.61 -7.90 4.85
N ILE A 56 -1.61 -7.05 5.04
CA ILE A 56 -1.86 -5.64 5.32
C ILE A 56 -2.25 -4.88 4.06
N ALA A 57 -1.58 -5.20 2.95
CA ALA A 57 -1.85 -4.55 1.68
C ALA A 57 -3.22 -4.96 1.14
N ASN A 58 -3.59 -6.21 1.38
CA ASN A 58 -4.88 -6.72 0.91
C ASN A 58 -6.03 -6.01 1.61
N GLU A 59 -6.08 -6.12 2.93
CA GLU A 59 -7.13 -5.49 3.72
C GLU A 59 -7.12 -3.97 3.51
N PHE A 60 -5.95 -3.41 3.29
CA PHE A 60 -5.80 -1.98 3.08
C PHE A 60 -6.60 -1.53 1.86
N LEU A 61 -6.30 -2.14 0.71
CA LEU A 61 -6.98 -1.80 -0.53
C LEU A 61 -8.46 -2.18 -0.46
N LYS A 62 -8.76 -3.25 0.26
CA LYS A 62 -10.13 -3.72 0.41
C LYS A 62 -10.92 -2.82 1.35
N SER A 63 -10.23 -2.19 2.28
CA SER A 63 -10.86 -1.29 3.24
C SER A 63 -11.13 0.07 2.62
N ILE A 64 -10.12 0.63 1.95
CA ILE A 64 -10.25 1.93 1.32
C ILE A 64 -11.31 1.91 0.23
N GLY A 65 -11.44 0.77 -0.45
CA GLY A 65 -12.44 0.64 -1.50
C GLY A 65 -11.80 0.41 -2.86
N ALA A 66 -10.67 -0.27 -2.88
CA ALA A 66 -9.97 -0.55 -4.13
C ALA A 66 -10.24 -1.98 -4.60
N GLU A 67 -10.64 -2.11 -5.85
CA GLU A 67 -10.93 -3.42 -6.43
C GLU A 67 -10.14 -3.64 -7.71
N VAL A 68 -9.11 -4.48 -7.64
CA VAL A 68 -8.28 -4.77 -8.79
C VAL A 68 -8.87 -5.89 -9.64
N GLU A 69 -9.61 -5.53 -10.69
CA GLU A 69 -10.22 -6.51 -11.56
C GLU A 69 -9.83 -6.27 -13.01
N LEU A 70 -9.33 -7.31 -13.67
CA LEU A 70 -8.91 -7.21 -15.06
C LEU A 70 -9.80 -8.08 -15.96
N PRO A 71 -11.06 -7.67 -16.14
CA PRO A 71 -12.01 -8.39 -16.98
C PRO A 71 -11.67 -8.29 -18.47
N GLN A 72 -11.11 -9.38 -19.00
CA GLN A 72 -10.73 -9.41 -20.41
C GLN A 72 -10.28 -10.81 -20.82
N GLU A 73 -9.69 -10.93 -22.00
CA GLU A 73 -9.22 -12.20 -22.51
C GLU A 73 -8.20 -12.01 -23.62
N ILE A 74 -8.50 -11.10 -24.55
CA ILE A 74 -7.62 -10.81 -25.67
C ILE A 74 -6.23 -10.40 -25.18
N LYS A 75 -5.20 -10.91 -25.84
CA LYS A 75 -3.82 -10.60 -25.47
C LYS A 75 -3.01 -10.22 -26.70
N MET A 4 14.57 2.93 -3.43
CA MET A 4 14.73 3.51 -4.78
C MET A 4 13.52 4.37 -5.15
N ASP A 5 12.34 3.91 -4.77
CA ASP A 5 11.10 4.65 -5.06
C ASP A 5 10.64 5.43 -3.83
N GLU A 6 9.92 6.52 -4.08
CA GLU A 6 9.41 7.36 -3.00
C GLU A 6 8.54 6.55 -2.04
N PHE A 7 7.86 5.54 -2.57
CA PHE A 7 6.99 4.70 -1.77
C PHE A 7 7.79 3.93 -0.73
N VAL A 8 8.83 3.24 -1.18
CA VAL A 8 9.68 2.46 -0.29
C VAL A 8 10.53 3.37 0.59
N LYS A 9 11.06 4.44 -0.01
CA LYS A 9 11.89 5.39 0.72
C LYS A 9 11.11 6.07 1.83
N GLY A 10 9.87 6.42 1.54
CA GLY A 10 9.02 7.07 2.52
C GLY A 10 8.81 6.22 3.76
N LEU A 11 8.57 4.93 3.55
CA LEU A 11 8.35 4.01 4.65
C LEU A 11 9.64 3.78 5.44
N MET A 12 10.73 3.53 4.72
CA MET A 12 12.03 3.30 5.35
C MET A 12 12.40 4.46 6.28
N LYS A 13 11.90 5.65 5.95
CA LYS A 13 12.18 6.84 6.75
C LYS A 13 11.58 6.71 8.14
N ASN A 14 10.42 6.08 8.22
CA ASN A 14 9.72 5.90 9.50
C ASN A 14 10.00 4.51 10.07
N GLY A 15 11.09 3.89 9.64
CA GLY A 15 11.44 2.57 10.13
C GLY A 15 10.43 1.52 9.72
N TYR A 16 9.75 1.74 8.60
CA TYR A 16 8.76 0.79 8.11
C TYR A 16 9.37 -0.19 7.12
N LEU A 17 8.62 -1.23 6.77
CA LEU A 17 9.09 -2.23 5.83
C LEU A 17 7.95 -2.74 4.96
N ILE A 18 8.29 -3.27 3.78
CA ILE A 18 7.29 -3.79 2.86
C ILE A 18 7.90 -4.85 1.94
N THR A 19 7.23 -5.99 1.83
CA THR A 19 7.70 -7.08 0.98
C THR A 19 7.50 -6.76 -0.49
N PRO A 20 8.29 -7.38 -1.38
CA PRO A 20 8.19 -7.14 -2.82
C PRO A 20 6.89 -7.68 -3.41
N SER A 21 6.33 -8.70 -2.76
CA SER A 21 5.09 -9.30 -3.22
C SER A 21 3.95 -8.29 -3.16
N ALA A 22 3.99 -7.41 -2.17
CA ALA A 22 2.97 -6.39 -2.00
C ALA A 22 3.31 -5.12 -2.77
N TYR A 23 4.61 -4.82 -2.86
CA TYR A 23 5.07 -3.64 -3.58
C TYR A 23 4.65 -3.69 -5.05
N TYR A 24 4.70 -4.89 -5.62
CA TYR A 24 4.33 -5.08 -7.03
C TYR A 24 2.87 -4.68 -7.27
N LEU A 25 2.06 -4.78 -6.22
CA LEU A 25 0.64 -4.43 -6.33
C LEU A 25 0.38 -3.02 -5.82
N LEU A 26 1.17 -2.60 -4.84
CA LEU A 26 1.01 -1.26 -4.27
C LEU A 26 1.72 -0.21 -5.13
N VAL A 27 2.73 -0.64 -5.87
CA VAL A 27 3.50 0.26 -6.72
C VAL A 27 2.57 0.99 -7.70
N GLY A 28 1.68 0.25 -8.32
CA GLY A 28 0.75 0.84 -9.28
C GLY A 28 -0.30 1.71 -8.60
N HIS A 29 -0.95 1.15 -7.59
CA HIS A 29 -1.99 1.86 -6.86
C HIS A 29 -1.43 3.13 -6.22
N PHE A 30 -0.11 3.18 -6.05
CA PHE A 30 0.53 4.34 -5.45
C PHE A 30 0.91 5.37 -6.51
N ASN A 31 1.65 4.93 -7.53
CA ASN A 31 2.07 5.83 -8.60
C ASN A 31 0.88 6.29 -9.43
N GLU A 32 -0.19 5.49 -9.44
CA GLU A 32 -1.39 5.83 -10.19
C GLU A 32 -2.07 7.07 -9.61
N GLY A 33 -1.91 7.25 -8.30
CA GLY A 33 -2.52 8.40 -7.64
C GLY A 33 -3.80 8.02 -6.91
N LYS A 34 -3.86 6.80 -6.41
CA LYS A 34 -5.03 6.33 -5.68
C LYS A 34 -4.89 6.59 -4.19
N PHE A 35 -3.88 6.00 -3.57
CA PHE A 35 -3.64 6.17 -2.15
C PHE A 35 -2.33 6.91 -1.90
N SER A 36 -2.10 7.29 -0.64
CA SER A 36 -0.88 8.00 -0.28
C SER A 36 -0.19 7.34 0.91
N LEU A 37 1.02 7.79 1.20
CA LEU A 37 1.79 7.24 2.32
C LEU A 37 1.11 7.54 3.65
N ILE A 38 0.51 8.71 3.75
CA ILE A 38 -0.18 9.13 4.96
C ILE A 38 -1.28 8.14 5.34
N GLU A 39 -1.89 7.52 4.33
CA GLU A 39 -2.95 6.55 4.56
C GLU A 39 -2.38 5.19 4.93
N LEU A 40 -1.34 4.77 4.22
CA LEU A 40 -0.70 3.49 4.48
C LEU A 40 -0.15 3.43 5.91
N ILE A 41 0.59 4.46 6.29
CA ILE A 41 1.17 4.52 7.63
C ILE A 41 0.09 4.56 8.70
N LYS A 42 -1.01 5.26 8.40
CA LYS A 42 -2.12 5.38 9.34
C LYS A 42 -2.72 4.01 9.63
N PHE A 43 -2.68 3.11 8.64
CA PHE A 43 -3.22 1.77 8.79
C PHE A 43 -2.39 0.96 9.77
N ALA A 44 -1.08 0.92 9.53
CA ALA A 44 -0.17 0.16 10.40
C ALA A 44 -0.23 0.67 11.84
N LYS A 45 -0.38 1.99 11.98
CA LYS A 45 -0.45 2.60 13.31
C LYS A 45 -1.59 2.00 14.13
N SER A 46 -2.77 1.91 13.53
CA SER A 46 -3.93 1.36 14.20
C SER A 46 -3.80 -0.15 14.38
N ARG A 47 -3.05 -0.79 13.47
CA ARG A 47 -2.84 -2.23 13.53
C ARG A 47 -1.67 -2.59 14.44
N GLU A 48 -0.85 -1.60 14.77
CA GLU A 48 0.31 -1.82 15.63
C GLU A 48 1.29 -2.77 14.98
N THR A 49 1.78 -2.39 13.80
CA THR A 49 2.73 -3.21 13.07
C THR A 49 3.41 -2.41 11.96
N PHE A 50 4.67 -2.73 11.70
CA PHE A 50 5.43 -2.04 10.66
C PHE A 50 5.64 -2.92 9.44
N ILE A 51 5.56 -4.23 9.64
CA ILE A 51 5.73 -5.19 8.56
C ILE A 51 4.55 -5.14 7.59
N ILE A 52 4.71 -4.36 6.52
CA ILE A 52 3.66 -4.22 5.52
C ILE A 52 3.73 -5.34 4.49
N ASP A 53 3.07 -6.46 4.79
CA ASP A 53 3.06 -7.61 3.89
C ASP A 53 1.76 -7.67 3.10
N ASP A 54 1.54 -8.79 2.42
CA ASP A 54 0.33 -8.98 1.63
C ASP A 54 -0.92 -8.85 2.50
N GLU A 55 -0.84 -9.39 3.72
CA GLU A 55 -1.97 -9.34 4.64
C GLU A 55 -2.36 -7.89 4.94
N ILE A 56 -1.36 -7.01 4.97
CA ILE A 56 -1.59 -5.60 5.24
C ILE A 56 -2.05 -4.86 3.99
N ALA A 57 -1.40 -5.15 2.87
CA ALA A 57 -1.73 -4.51 1.60
C ALA A 57 -3.15 -4.88 1.16
N ASN A 58 -3.58 -6.09 1.52
CA ASN A 58 -4.90 -6.57 1.16
C ASN A 58 -5.98 -5.85 1.97
N GLU A 59 -5.88 -5.94 3.29
CA GLU A 59 -6.86 -5.30 4.17
C GLU A 59 -6.87 -3.79 3.95
N PHE A 60 -5.68 -3.21 3.74
CA PHE A 60 -5.55 -1.78 3.53
C PHE A 60 -6.35 -1.35 2.30
N LEU A 61 -6.03 -1.94 1.16
CA LEU A 61 -6.72 -1.61 -0.10
C LEU A 61 -8.20 -1.95 -0.01
N LYS A 62 -8.53 -2.93 0.82
CA LYS A 62 -9.92 -3.36 0.99
C LYS A 62 -10.70 -2.36 1.83
N SER A 63 -10.00 -1.68 2.74
CA SER A 63 -10.63 -0.69 3.61
C SER A 63 -10.89 0.60 2.86
N ILE A 64 -9.88 1.09 2.14
CA ILE A 64 -10.02 2.32 1.38
C ILE A 64 -11.08 2.20 0.29
N GLY A 65 -11.24 0.98 -0.23
CA GLY A 65 -12.21 0.75 -1.27
C GLY A 65 -11.57 0.43 -2.61
N ALA A 66 -10.45 -0.28 -2.57
CA ALA A 66 -9.74 -0.65 -3.79
C ALA A 66 -9.96 -2.12 -4.14
N GLU A 67 -11.18 -2.44 -4.57
CA GLU A 67 -11.53 -3.80 -4.93
C GLU A 67 -12.14 -3.85 -6.34
N VAL A 68 -11.53 -3.12 -7.27
CA VAL A 68 -12.00 -3.08 -8.64
C VAL A 68 -13.40 -2.46 -8.72
N GLU A 69 -13.45 -1.15 -8.88
CA GLU A 69 -14.71 -0.43 -8.97
C GLU A 69 -15.09 -0.18 -10.42
N LEU A 70 -16.29 0.35 -10.64
CA LEU A 70 -16.76 0.65 -11.98
C LEU A 70 -17.51 1.98 -12.01
N PRO A 71 -16.78 3.10 -12.02
CA PRO A 71 -17.37 4.44 -12.05
C PRO A 71 -18.02 4.76 -13.39
N GLN A 72 -18.77 5.86 -13.44
CA GLN A 72 -19.44 6.27 -14.67
C GLN A 72 -18.47 6.97 -15.61
N GLU A 73 -18.29 6.41 -16.80
CA GLU A 73 -17.39 6.99 -17.79
C GLU A 73 -18.11 7.22 -19.12
N ILE A 74 -17.86 8.37 -19.72
CA ILE A 74 -18.49 8.72 -20.99
C ILE A 74 -17.86 7.94 -22.14
N LYS A 75 -16.54 7.93 -22.19
CA LYS A 75 -15.81 7.22 -23.24
C LYS A 75 -14.40 6.87 -22.79
N MET A 4 14.64 6.72 -6.46
CA MET A 4 13.55 6.93 -7.46
C MET A 4 12.20 6.49 -6.91
N ASP A 5 12.23 5.49 -6.03
CA ASP A 5 11.01 4.96 -5.43
C ASP A 5 10.73 5.63 -4.09
N GLU A 6 9.97 6.73 -4.14
CA GLU A 6 9.62 7.46 -2.92
C GLU A 6 8.79 6.61 -1.98
N PHE A 7 8.05 5.65 -2.56
CA PHE A 7 7.21 4.76 -1.76
C PHE A 7 8.03 3.97 -0.77
N VAL A 8 9.08 3.31 -1.26
CA VAL A 8 9.95 2.51 -0.40
C VAL A 8 10.84 3.40 0.45
N LYS A 9 11.64 4.24 -0.18
CA LYS A 9 12.53 5.14 0.53
C LYS A 9 11.77 6.05 1.48
N GLY A 10 10.53 6.36 1.11
CA GLY A 10 9.70 7.21 1.95
C GLY A 10 9.21 6.52 3.19
N LEU A 11 9.03 5.20 3.11
CA LEU A 11 8.57 4.41 4.24
C LEU A 11 9.73 4.02 5.15
N MET A 12 10.86 3.68 4.54
CA MET A 12 12.05 3.29 5.29
C MET A 12 12.48 4.40 6.24
N LYS A 13 12.23 5.64 5.85
CA LYS A 13 12.60 6.79 6.66
C LYS A 13 11.84 6.80 7.98
N ASN A 14 10.62 6.28 7.96
CA ASN A 14 9.79 6.22 9.16
C ASN A 14 9.86 4.83 9.81
N GLY A 15 10.96 4.13 9.57
CA GLY A 15 11.13 2.79 10.14
C GLY A 15 10.01 1.86 9.74
N TYR A 16 9.66 1.87 8.46
CA TYR A 16 8.59 1.00 7.96
C TYR A 16 9.12 0.07 6.88
N LEU A 17 8.63 -1.18 6.89
CA LEU A 17 9.06 -2.17 5.92
C LEU A 17 7.92 -2.51 4.96
N ILE A 18 8.21 -3.38 4.00
CA ILE A 18 7.20 -3.79 3.03
C ILE A 18 7.75 -4.87 2.09
N THR A 19 7.14 -6.05 2.14
CA THR A 19 7.58 -7.16 1.31
C THR A 19 7.43 -6.83 -0.18
N PRO A 20 8.21 -7.50 -1.04
CA PRO A 20 8.18 -7.26 -2.48
C PRO A 20 6.85 -7.70 -3.11
N SER A 21 6.20 -8.67 -2.48
CA SER A 21 4.93 -9.18 -2.97
C SER A 21 3.83 -8.11 -2.85
N ALA A 22 3.93 -7.29 -1.82
CA ALA A 22 2.96 -6.23 -1.59
C ALA A 22 3.33 -4.97 -2.35
N TYR A 23 4.62 -4.72 -2.49
CA TYR A 23 5.11 -3.55 -3.21
C TYR A 23 4.64 -3.57 -4.66
N TYR A 24 4.59 -4.75 -5.24
CA TYR A 24 4.15 -4.91 -6.63
C TYR A 24 2.69 -4.52 -6.80
N LEU A 25 1.91 -4.70 -5.72
CA LEU A 25 0.49 -4.37 -5.75
C LEU A 25 0.25 -2.95 -5.26
N LEU A 26 1.11 -2.48 -4.36
CA LEU A 26 1.00 -1.14 -3.80
C LEU A 26 1.64 -0.11 -4.73
N VAL A 27 2.69 -0.53 -5.44
CA VAL A 27 3.39 0.35 -6.35
C VAL A 27 2.45 0.91 -7.42
N GLY A 28 1.57 0.07 -7.92
CA GLY A 28 0.63 0.49 -8.94
C GLY A 28 -0.48 1.36 -8.39
N HIS A 29 -0.80 1.17 -7.11
CA HIS A 29 -1.85 1.95 -6.46
C HIS A 29 -1.30 3.28 -5.94
N PHE A 30 0.01 3.37 -5.80
CA PHE A 30 0.65 4.58 -5.31
C PHE A 30 1.04 5.50 -6.47
N ASN A 31 1.65 4.91 -7.50
CA ASN A 31 2.08 5.66 -8.67
C ASN A 31 0.87 6.22 -9.42
N GLU A 32 -0.17 5.41 -9.57
CA GLU A 32 -1.37 5.83 -10.27
C GLU A 32 -2.00 7.03 -9.59
N GLY A 33 -1.89 7.08 -8.26
CA GLY A 33 -2.45 8.19 -7.51
C GLY A 33 -3.78 7.84 -6.86
N LYS A 34 -3.85 6.63 -6.29
CA LYS A 34 -5.06 6.17 -5.64
C LYS A 34 -5.02 6.49 -4.14
N PHE A 35 -3.94 6.10 -3.48
CA PHE A 35 -3.78 6.34 -2.05
C PHE A 35 -2.55 7.21 -1.78
N SER A 36 -2.37 7.60 -0.52
CA SER A 36 -1.23 8.42 -0.13
C SER A 36 -0.37 7.70 0.90
N LEU A 37 0.88 8.13 1.01
CA LEU A 37 1.82 7.53 1.95
C LEU A 37 1.30 7.66 3.39
N ILE A 38 0.86 8.86 3.75
CA ILE A 38 0.35 9.10 5.09
C ILE A 38 -0.84 8.19 5.40
N GLU A 39 -1.58 7.83 4.36
CA GLU A 39 -2.75 6.97 4.53
C GLU A 39 -2.32 5.53 4.85
N LEU A 40 -1.26 5.08 4.19
CA LEU A 40 -0.75 3.73 4.41
C LEU A 40 -0.14 3.59 5.80
N ILE A 41 0.57 4.62 6.24
CA ILE A 41 1.20 4.61 7.55
C ILE A 41 0.16 4.64 8.66
N LYS A 42 -0.98 5.27 8.38
CA LYS A 42 -2.06 5.36 9.35
C LYS A 42 -2.73 4.00 9.56
N PHE A 43 -2.74 3.20 8.49
CA PHE A 43 -3.35 1.87 8.56
C PHE A 43 -2.50 0.92 9.39
N ALA A 44 -1.19 0.93 9.13
CA ALA A 44 -0.28 0.06 9.85
C ALA A 44 -0.28 0.38 11.35
N LYS A 45 -0.42 1.66 11.67
CA LYS A 45 -0.44 2.10 13.06
C LYS A 45 -1.58 1.44 13.82
N SER A 46 -2.79 1.53 13.26
CA SER A 46 -3.96 0.94 13.90
C SER A 46 -3.79 -0.57 14.05
N ARG A 47 -3.04 -1.18 13.14
CA ARG A 47 -2.80 -2.62 13.18
C ARG A 47 -1.70 -2.97 14.19
N GLU A 48 -0.96 -1.95 14.63
CA GLU A 48 0.11 -2.16 15.60
C GLU A 48 1.21 -3.05 15.01
N THR A 49 1.61 -2.76 13.79
CA THR A 49 2.65 -3.53 13.12
C THR A 49 3.33 -2.72 12.03
N PHE A 50 4.67 -2.72 12.03
CA PHE A 50 5.44 -1.98 11.04
C PHE A 50 5.91 -2.88 9.92
N ILE A 51 5.10 -3.89 9.60
CA ILE A 51 5.42 -4.84 8.55
C ILE A 51 4.32 -4.88 7.49
N ILE A 52 4.51 -4.13 6.41
CA ILE A 52 3.53 -4.09 5.33
C ILE A 52 3.67 -5.30 4.41
N ASP A 53 3.01 -6.39 4.76
CA ASP A 53 3.05 -7.61 3.98
C ASP A 53 1.84 -7.71 3.06
N ASP A 54 1.75 -8.81 2.32
CA ASP A 54 0.63 -9.04 1.41
C ASP A 54 -0.69 -9.04 2.17
N GLU A 55 -0.66 -9.49 3.41
CA GLU A 55 -1.86 -9.53 4.24
C GLU A 55 -2.37 -8.13 4.54
N ILE A 56 -1.45 -7.22 4.83
CA ILE A 56 -1.81 -5.84 5.14
C ILE A 56 -2.22 -5.08 3.88
N ALA A 57 -1.54 -5.36 2.78
CA ALA A 57 -1.85 -4.71 1.51
C ALA A 57 -3.26 -5.03 1.05
N ASN A 58 -3.65 -6.29 1.19
CA ASN A 58 -4.98 -6.73 0.79
C ASN A 58 -6.05 -6.05 1.62
N GLU A 59 -5.91 -6.11 2.94
CA GLU A 59 -6.86 -5.49 3.85
C GLU A 59 -6.89 -3.97 3.66
N PHE A 60 -5.75 -3.41 3.31
CA PHE A 60 -5.64 -1.97 3.09
C PHE A 60 -6.58 -1.52 1.97
N LEU A 61 -6.42 -2.09 0.79
CA LEU A 61 -7.24 -1.75 -0.36
C LEU A 61 -8.72 -2.01 -0.05
N LYS A 62 -8.98 -3.01 0.78
CA LYS A 62 -10.35 -3.36 1.14
C LYS A 62 -10.91 -2.37 2.16
N SER A 63 -10.02 -1.81 2.99
CA SER A 63 -10.43 -0.85 4.01
C SER A 63 -10.75 0.51 3.38
N ILE A 64 -9.86 0.96 2.51
CA ILE A 64 -10.04 2.25 1.84
C ILE A 64 -11.23 2.21 0.89
N GLY A 65 -11.53 1.02 0.36
CA GLY A 65 -12.64 0.89 -0.56
C GLY A 65 -12.22 0.95 -2.01
N ALA A 66 -11.13 0.27 -2.35
CA ALA A 66 -10.61 0.26 -3.70
C ALA A 66 -10.78 -1.11 -4.35
N GLU A 67 -11.10 -1.12 -5.64
CA GLU A 67 -11.29 -2.36 -6.37
C GLU A 67 -11.09 -2.15 -7.87
N VAL A 68 -10.33 -3.04 -8.48
CA VAL A 68 -10.06 -2.96 -9.92
C VAL A 68 -10.06 -4.33 -10.56
N GLU A 69 -11.19 -4.69 -11.17
CA GLU A 69 -11.32 -5.99 -11.83
C GLU A 69 -11.35 -5.83 -13.35
N LEU A 70 -10.19 -5.93 -13.97
CA LEU A 70 -10.08 -5.79 -15.42
C LEU A 70 -10.58 -4.42 -15.89
N PRO A 71 -9.70 -3.40 -15.85
CA PRO A 71 -10.06 -2.04 -16.27
C PRO A 71 -10.24 -1.93 -17.78
N GLN A 72 -9.42 -2.67 -18.52
CA GLN A 72 -9.49 -2.65 -19.98
C GLN A 72 -8.82 -3.89 -20.57
N GLU A 73 -9.04 -4.12 -21.86
CA GLU A 73 -8.46 -5.27 -22.54
C GLU A 73 -8.83 -5.26 -24.02
N ILE A 74 -10.06 -4.90 -24.32
CA ILE A 74 -10.53 -4.85 -25.70
C ILE A 74 -10.91 -3.42 -26.10
N LYS A 75 -10.65 -3.08 -27.37
CA LYS A 75 -10.96 -1.75 -27.88
C LYS A 75 -12.41 -1.67 -28.34
N MET A 4 14.09 1.69 -7.10
CA MET A 4 13.93 2.44 -5.82
C MET A 4 13.02 3.64 -6.00
N ASP A 5 11.74 3.48 -5.69
CA ASP A 5 10.76 4.54 -5.81
C ASP A 5 10.56 5.26 -4.48
N GLU A 6 9.91 6.42 -4.52
CA GLU A 6 9.64 7.19 -3.32
C GLU A 6 8.82 6.39 -2.32
N PHE A 7 7.99 5.49 -2.84
CA PHE A 7 7.14 4.67 -1.99
C PHE A 7 7.98 3.79 -1.06
N VAL A 8 8.91 3.05 -1.65
CA VAL A 8 9.79 2.17 -0.88
C VAL A 8 10.61 2.96 0.13
N LYS A 9 11.44 3.87 -0.36
CA LYS A 9 12.28 4.69 0.49
C LYS A 9 11.44 5.52 1.46
N GLY A 10 10.25 5.91 1.02
CA GLY A 10 9.37 6.70 1.85
C GLY A 10 8.99 5.98 3.14
N LEU A 11 8.80 4.66 3.04
CA LEU A 11 8.42 3.87 4.20
C LEU A 11 9.64 3.59 5.08
N MET A 12 10.70 3.09 4.47
CA MET A 12 11.94 2.79 5.20
C MET A 12 12.43 4.00 5.97
N LYS A 13 12.08 5.20 5.48
CA LYS A 13 12.49 6.44 6.13
C LYS A 13 11.75 6.64 7.46
N ASN A 14 10.52 6.12 7.52
CA ASN A 14 9.70 6.25 8.73
C ASN A 14 9.78 4.97 9.57
N GLY A 15 10.92 4.28 9.49
CA GLY A 15 11.09 3.06 10.25
C GLY A 15 10.07 1.99 9.88
N TYR A 16 9.70 1.95 8.60
CA TYR A 16 8.73 0.97 8.13
C TYR A 16 9.37 -0.01 7.14
N LEU A 17 8.74 -1.15 6.96
CA LEU A 17 9.25 -2.17 6.04
C LEU A 17 8.13 -2.74 5.17
N ILE A 18 8.47 -3.10 3.94
CA ILE A 18 7.49 -3.65 3.02
C ILE A 18 8.10 -4.77 2.17
N THR A 19 7.29 -5.78 1.86
CA THR A 19 7.76 -6.91 1.07
C THR A 19 7.58 -6.65 -0.43
N PRO A 20 8.41 -7.29 -1.27
CA PRO A 20 8.34 -7.12 -2.72
C PRO A 20 7.03 -7.65 -3.30
N SER A 21 6.44 -8.63 -2.62
CA SER A 21 5.19 -9.23 -3.08
C SER A 21 4.04 -8.22 -2.97
N ALA A 22 4.13 -7.33 -1.99
CA ALA A 22 3.10 -6.32 -1.79
C ALA A 22 3.44 -5.03 -2.53
N TYR A 23 4.74 -4.74 -2.64
CA TYR A 23 5.19 -3.54 -3.34
C TYR A 23 4.75 -3.55 -4.80
N TYR A 24 4.79 -4.72 -5.41
CA TYR A 24 4.39 -4.87 -6.81
C TYR A 24 2.92 -4.51 -6.99
N LEU A 25 2.13 -4.67 -5.94
CA LEU A 25 0.70 -4.36 -6.00
C LEU A 25 0.43 -2.95 -5.48
N LEU A 26 1.18 -2.53 -4.48
CA LEU A 26 1.02 -1.20 -3.89
C LEU A 26 1.67 -0.13 -4.75
N VAL A 27 2.73 -0.52 -5.47
CA VAL A 27 3.45 0.40 -6.34
C VAL A 27 2.51 1.03 -7.38
N GLY A 28 1.65 0.20 -7.97
CA GLY A 28 0.73 0.68 -8.96
C GLY A 28 -0.35 1.57 -8.37
N HIS A 29 -0.87 1.18 -7.21
CA HIS A 29 -1.91 1.96 -6.54
C HIS A 29 -1.36 3.27 -5.99
N PHE A 30 -0.04 3.34 -5.84
CA PHE A 30 0.60 4.53 -5.32
C PHE A 30 1.04 5.46 -6.45
N ASN A 31 1.68 4.89 -7.46
CA ASN A 31 2.14 5.65 -8.61
C ASN A 31 0.98 6.36 -9.30
N GLU A 32 -0.10 5.62 -9.52
CA GLU A 32 -1.29 6.17 -10.17
C GLU A 32 -1.85 7.35 -9.38
N GLY A 33 -1.67 7.30 -8.06
CA GLY A 33 -2.17 8.36 -7.21
C GLY A 33 -3.49 8.02 -6.57
N LYS A 34 -3.65 6.76 -6.18
CA LYS A 34 -4.89 6.31 -5.56
C LYS A 34 -4.87 6.58 -4.05
N PHE A 35 -3.88 6.02 -3.37
CA PHE A 35 -3.74 6.20 -1.93
C PHE A 35 -2.51 7.04 -1.59
N SER A 36 -2.48 7.57 -0.37
CA SER A 36 -1.36 8.39 0.07
C SER A 36 -0.53 7.67 1.13
N LEU A 37 0.72 8.08 1.29
CA LEU A 37 1.61 7.48 2.27
C LEU A 37 1.07 7.69 3.69
N ILE A 38 0.50 8.86 3.94
CA ILE A 38 -0.05 9.17 5.25
C ILE A 38 -1.14 8.18 5.65
N GLU A 39 -1.91 7.73 4.66
CA GLU A 39 -2.99 6.78 4.89
C GLU A 39 -2.44 5.39 5.20
N LEU A 40 -1.44 4.98 4.42
CA LEU A 40 -0.82 3.68 4.61
C LEU A 40 -0.20 3.56 6.00
N ILE A 41 0.49 4.60 6.43
CA ILE A 41 1.13 4.62 7.75
C ILE A 41 0.08 4.66 8.86
N LYS A 42 -1.06 5.27 8.57
CA LYS A 42 -2.14 5.39 9.55
C LYS A 42 -2.84 4.05 9.74
N PHE A 43 -2.86 3.24 8.69
CA PHE A 43 -3.49 1.92 8.75
C PHE A 43 -2.68 0.96 9.59
N ALA A 44 -1.36 0.96 9.39
CA ALA A 44 -0.47 0.08 10.14
C ALA A 44 -0.39 0.49 11.60
N LYS A 45 -0.36 1.80 11.85
CA LYS A 45 -0.28 2.33 13.20
C LYS A 45 -1.47 1.86 14.04
N SER A 46 -2.63 1.77 13.41
CA SER A 46 -3.84 1.34 14.09
C SER A 46 -3.83 -0.16 14.33
N ARG A 47 -3.11 -0.89 13.48
CA ARG A 47 -3.01 -2.34 13.60
C ARG A 47 -1.84 -2.75 14.51
N GLU A 48 -1.01 -1.79 14.89
CA GLU A 48 0.13 -2.06 15.73
C GLU A 48 1.11 -3.01 15.05
N THR A 49 1.63 -2.58 13.91
CA THR A 49 2.58 -3.40 13.15
C THR A 49 3.26 -2.58 12.06
N PHE A 50 4.58 -2.55 12.10
CA PHE A 50 5.36 -1.80 11.11
C PHE A 50 5.88 -2.71 10.01
N ILE A 51 5.12 -3.77 9.73
CA ILE A 51 5.50 -4.72 8.69
C ILE A 51 4.41 -4.84 7.63
N ILE A 52 4.47 -3.99 6.62
CA ILE A 52 3.47 -4.01 5.54
C ILE A 52 3.70 -5.20 4.62
N ASP A 53 2.93 -6.27 4.85
CA ASP A 53 3.03 -7.47 4.05
C ASP A 53 1.85 -7.59 3.10
N ASP A 54 1.80 -8.70 2.36
CA ASP A 54 0.71 -8.94 1.42
C ASP A 54 -0.63 -8.93 2.12
N GLU A 55 -0.63 -9.34 3.38
CA GLU A 55 -1.86 -9.39 4.17
C GLU A 55 -2.36 -7.98 4.49
N ILE A 56 -1.43 -7.11 4.87
CA ILE A 56 -1.77 -5.73 5.21
C ILE A 56 -2.12 -4.93 3.96
N ALA A 57 -1.44 -5.23 2.85
CA ALA A 57 -1.68 -4.55 1.59
C ALA A 57 -3.07 -4.88 1.04
N ASN A 58 -3.43 -6.16 1.12
CA ASN A 58 -4.73 -6.61 0.63
C ASN A 58 -5.86 -6.01 1.46
N GLU A 59 -5.74 -6.09 2.78
CA GLU A 59 -6.76 -5.56 3.68
C GLU A 59 -6.85 -4.04 3.56
N PHE A 60 -5.70 -3.41 3.34
CA PHE A 60 -5.64 -1.95 3.20
C PHE A 60 -6.49 -1.48 2.03
N LEU A 61 -6.41 -2.20 0.91
CA LEU A 61 -7.17 -1.84 -0.28
C LEU A 61 -8.66 -2.07 -0.05
N LYS A 62 -8.99 -3.10 0.73
CA LYS A 62 -10.37 -3.44 1.03
C LYS A 62 -11.00 -2.38 1.94
N SER A 63 -10.20 -1.85 2.86
CA SER A 63 -10.67 -0.84 3.79
C SER A 63 -11.00 0.46 3.07
N ILE A 64 -10.10 0.88 2.18
CA ILE A 64 -10.29 2.11 1.42
C ILE A 64 -11.36 1.92 0.34
N GLY A 65 -11.47 0.70 -0.17
CA GLY A 65 -12.45 0.43 -1.21
C GLY A 65 -11.84 0.38 -2.59
N ALA A 66 -10.66 -0.23 -2.70
CA ALA A 66 -9.96 -0.34 -3.99
C ALA A 66 -10.42 -1.58 -4.75
N GLU A 67 -10.82 -1.37 -6.00
CA GLU A 67 -11.28 -2.47 -6.84
C GLU A 67 -10.49 -2.53 -8.15
N VAL A 68 -10.03 -3.73 -8.50
CA VAL A 68 -9.25 -3.93 -9.71
C VAL A 68 -9.94 -4.92 -10.65
N GLU A 69 -9.62 -4.83 -11.93
CA GLU A 69 -10.21 -5.72 -12.93
C GLU A 69 -9.27 -6.89 -13.23
N LEU A 70 -7.96 -6.63 -13.14
CA LEU A 70 -6.97 -7.65 -13.40
C LEU A 70 -5.94 -7.72 -12.28
N PRO A 71 -6.25 -8.44 -11.19
CA PRO A 71 -5.35 -8.57 -10.04
C PRO A 71 -3.99 -9.11 -10.44
N GLN A 72 -3.97 -9.92 -11.49
CA GLN A 72 -2.72 -10.51 -11.98
C GLN A 72 -1.72 -9.42 -12.36
N GLU A 73 -0.51 -9.83 -12.72
CA GLU A 73 0.53 -8.90 -13.11
C GLU A 73 1.15 -9.28 -14.45
N ILE A 74 0.30 -9.72 -15.39
CA ILE A 74 0.77 -10.13 -16.71
C ILE A 74 1.50 -8.99 -17.41
N LYS A 75 2.56 -9.33 -18.13
CA LYS A 75 3.35 -8.34 -18.84
C LYS A 75 3.93 -7.31 -17.89
N MET A 4 14.49 4.19 -8.51
CA MET A 4 14.73 5.03 -7.32
C MET A 4 13.95 4.52 -6.10
N ASP A 5 12.79 3.92 -6.37
CA ASP A 5 11.95 3.39 -5.31
C ASP A 5 11.61 4.46 -4.28
N GLU A 6 10.72 5.38 -4.64
CA GLU A 6 10.33 6.46 -3.75
C GLU A 6 9.32 5.96 -2.71
N PHE A 7 8.52 4.97 -3.10
CA PHE A 7 7.52 4.41 -2.20
C PHE A 7 8.17 3.81 -0.96
N VAL A 8 8.98 2.78 -1.18
CA VAL A 8 9.68 2.11 -0.08
C VAL A 8 10.56 3.09 0.69
N LYS A 9 11.22 3.99 -0.04
CA LYS A 9 12.10 4.98 0.57
C LYS A 9 11.34 5.85 1.55
N GLY A 10 10.20 6.38 1.12
CA GLY A 10 9.40 7.23 1.97
C GLY A 10 8.92 6.51 3.21
N LEU A 11 8.66 5.21 3.08
CA LEU A 11 8.20 4.41 4.21
C LEU A 11 9.34 4.13 5.18
N MET A 12 10.54 3.94 4.64
CA MET A 12 11.70 3.65 5.47
C MET A 12 12.09 4.86 6.30
N LYS A 13 11.80 6.06 5.79
CA LYS A 13 12.12 7.30 6.48
C LYS A 13 11.42 7.35 7.84
N ASN A 14 10.22 6.77 7.90
CA ASN A 14 9.45 6.75 9.14
C ASN A 14 9.76 5.51 9.96
N GLY A 15 10.12 4.43 9.27
CA GLY A 15 10.43 3.19 9.95
C GLY A 15 9.45 2.07 9.62
N TYR A 16 9.33 1.75 8.33
CA TYR A 16 8.41 0.71 7.90
C TYR A 16 9.04 -0.14 6.79
N LEU A 17 8.80 -1.44 6.84
CA LEU A 17 9.34 -2.36 5.84
C LEU A 17 8.22 -2.98 5.01
N ILE A 18 8.48 -3.17 3.72
CA ILE A 18 7.49 -3.76 2.83
C ILE A 18 8.05 -4.98 2.10
N THR A 19 7.17 -5.90 1.73
CA THR A 19 7.57 -7.11 1.03
C THR A 19 7.45 -6.94 -0.48
N PRO A 20 8.12 -7.81 -1.26
CA PRO A 20 8.08 -7.76 -2.72
C PRO A 20 6.68 -8.01 -3.27
N SER A 21 5.97 -8.96 -2.66
CA SER A 21 4.61 -9.30 -3.08
C SER A 21 3.66 -8.12 -2.89
N ALA A 22 3.95 -7.29 -1.88
CA ALA A 22 3.13 -6.13 -1.59
C ALA A 22 3.55 -4.93 -2.42
N TYR A 23 4.85 -4.77 -2.61
CA TYR A 23 5.39 -3.66 -3.39
C TYR A 23 4.90 -3.72 -4.84
N TYR A 24 4.97 -4.91 -5.42
CA TYR A 24 4.55 -5.11 -6.80
C TYR A 24 3.11 -4.62 -7.01
N LEU A 25 2.33 -4.60 -5.94
CA LEU A 25 0.94 -4.15 -6.02
C LEU A 25 0.81 -2.71 -5.55
N LEU A 26 1.29 -2.44 -4.34
CA LEU A 26 1.21 -1.09 -3.77
C LEU A 26 1.93 -0.08 -4.66
N VAL A 27 2.93 -0.54 -5.39
CA VAL A 27 3.71 0.33 -6.28
C VAL A 27 2.79 1.01 -7.29
N GLY A 28 1.88 0.23 -7.90
CA GLY A 28 0.97 0.78 -8.88
C GLY A 28 -0.10 1.64 -8.25
N HIS A 29 -0.70 1.15 -7.18
CA HIS A 29 -1.76 1.88 -6.48
C HIS A 29 -1.23 3.19 -5.91
N PHE A 30 0.09 3.29 -5.74
CA PHE A 30 0.71 4.49 -5.20
C PHE A 30 1.20 5.40 -6.32
N ASN A 31 1.85 4.81 -7.32
CA ASN A 31 2.38 5.56 -8.46
C ASN A 31 1.26 6.33 -9.16
N GLU A 32 0.15 5.64 -9.43
CA GLU A 32 -0.98 6.26 -10.10
C GLU A 32 -1.53 7.43 -9.29
N GLY A 33 -1.37 7.35 -7.97
CA GLY A 33 -1.84 8.41 -7.11
C GLY A 33 -3.20 8.10 -6.51
N LYS A 34 -3.45 6.82 -6.25
CA LYS A 34 -4.72 6.40 -5.67
C LYS A 34 -4.76 6.67 -4.16
N PHE A 35 -3.83 6.07 -3.44
CA PHE A 35 -3.75 6.25 -2.00
C PHE A 35 -2.53 7.08 -1.60
N SER A 36 -2.63 7.78 -0.47
CA SER A 36 -1.53 8.61 0.01
C SER A 36 -0.66 7.84 1.00
N LEU A 37 0.55 8.33 1.21
CA LEU A 37 1.49 7.69 2.13
C LEU A 37 0.91 7.66 3.55
N ILE A 38 0.34 8.77 3.98
CA ILE A 38 -0.25 8.86 5.31
C ILE A 38 -1.33 7.80 5.51
N GLU A 39 -2.03 7.48 4.43
CA GLU A 39 -3.09 6.48 4.49
C GLU A 39 -2.53 5.10 4.84
N LEU A 40 -1.48 4.70 4.14
CA LEU A 40 -0.85 3.41 4.38
C LEU A 40 -0.22 3.35 5.77
N ILE A 41 0.53 4.39 6.12
CA ILE A 41 1.17 4.45 7.43
C ILE A 41 0.14 4.49 8.56
N LYS A 42 -1.02 5.06 8.26
CA LYS A 42 -2.09 5.17 9.24
C LYS A 42 -2.72 3.80 9.51
N PHE A 43 -2.77 2.96 8.47
CA PHE A 43 -3.34 1.63 8.58
C PHE A 43 -2.46 0.74 9.45
N ALA A 44 -1.18 0.67 9.11
CA ALA A 44 -0.23 -0.15 9.85
C ALA A 44 -0.17 0.27 11.32
N LYS A 45 -0.36 1.56 11.57
CA LYS A 45 -0.34 2.08 12.92
C LYS A 45 -1.42 1.43 13.79
N SER A 46 -2.63 1.33 13.24
CA SER A 46 -3.74 0.73 13.96
C SER A 46 -3.45 -0.74 14.29
N ARG A 47 -2.71 -1.40 13.41
CA ARG A 47 -2.35 -2.79 13.60
C ARG A 47 -1.15 -2.94 14.53
N GLU A 48 -0.47 -1.82 14.81
CA GLU A 48 0.70 -1.83 15.69
C GLU A 48 1.80 -2.70 15.10
N THR A 49 2.03 -2.57 13.80
CA THR A 49 3.07 -3.35 13.12
C THR A 49 3.75 -2.52 12.05
N PHE A 50 5.08 -2.64 11.97
CA PHE A 50 5.86 -1.90 10.98
C PHE A 50 6.30 -2.81 9.84
N ILE A 51 5.39 -3.64 9.37
CA ILE A 51 5.68 -4.57 8.28
C ILE A 51 4.49 -4.71 7.33
N ILE A 52 4.50 -3.92 6.25
CA ILE A 52 3.41 -3.95 5.28
C ILE A 52 3.58 -5.14 4.32
N ASP A 53 2.72 -6.14 4.47
CA ASP A 53 2.76 -7.32 3.63
C ASP A 53 1.44 -7.51 2.88
N ASP A 54 1.38 -8.53 2.04
CA ASP A 54 0.17 -8.83 1.27
C ASP A 54 -1.05 -8.92 2.18
N GLU A 55 -0.85 -9.44 3.39
CA GLU A 55 -1.94 -9.57 4.35
C GLU A 55 -2.52 -8.21 4.71
N ILE A 56 -1.65 -7.29 5.11
CA ILE A 56 -2.09 -5.94 5.48
C ILE A 56 -2.44 -5.13 4.24
N ALA A 57 -1.71 -5.36 3.15
CA ALA A 57 -1.94 -4.65 1.91
C ALA A 57 -3.36 -4.90 1.39
N ASN A 58 -3.78 -6.16 1.44
CA ASN A 58 -5.11 -6.52 0.98
C ASN A 58 -6.19 -5.84 1.81
N GLU A 59 -6.04 -5.90 3.12
CA GLU A 59 -7.00 -5.28 4.04
C GLU A 59 -7.01 -3.77 3.85
N PHE A 60 -5.86 -3.21 3.51
CA PHE A 60 -5.74 -1.76 3.30
C PHE A 60 -6.67 -1.31 2.18
N LEU A 61 -6.48 -1.87 1.00
CA LEU A 61 -7.30 -1.52 -0.16
C LEU A 61 -8.76 -1.84 0.09
N LYS A 62 -9.01 -2.88 0.89
CA LYS A 62 -10.38 -3.28 1.21
C LYS A 62 -11.05 -2.28 2.14
N SER A 63 -10.28 -1.74 3.08
CA SER A 63 -10.80 -0.77 4.03
C SER A 63 -11.20 0.52 3.32
N ILE A 64 -10.35 0.98 2.41
CA ILE A 64 -10.62 2.20 1.66
C ILE A 64 -11.67 1.97 0.59
N GLY A 65 -11.73 0.75 0.07
CA GLY A 65 -12.69 0.42 -0.96
C GLY A 65 -12.15 0.62 -2.36
N ALA A 66 -11.04 -0.03 -2.66
CA ALA A 66 -10.41 0.09 -3.97
C ALA A 66 -10.29 -1.28 -4.65
N GLU A 67 -11.27 -1.62 -5.47
CA GLU A 67 -11.26 -2.90 -6.16
C GLU A 67 -12.38 -2.94 -7.22
N VAL A 68 -11.98 -2.93 -8.49
CA VAL A 68 -12.94 -2.98 -9.58
C VAL A 68 -13.33 -4.42 -9.91
N GLU A 69 -14.64 -4.65 -9.98
CA GLU A 69 -15.15 -5.99 -10.29
C GLU A 69 -15.52 -6.10 -11.77
N LEU A 70 -14.52 -6.34 -12.60
CA LEU A 70 -14.73 -6.47 -14.04
C LEU A 70 -14.26 -7.85 -14.53
N PRO A 71 -15.20 -8.74 -14.89
CA PRO A 71 -14.87 -10.08 -15.37
C PRO A 71 -14.22 -10.05 -16.75
N GLN A 72 -13.56 -11.15 -17.11
CA GLN A 72 -12.89 -11.24 -18.40
C GLN A 72 -13.84 -11.78 -19.46
N GLU A 73 -13.51 -11.53 -20.73
CA GLU A 73 -14.32 -12.00 -21.84
C GLU A 73 -13.65 -13.15 -22.57
N ILE A 74 -14.37 -14.27 -22.70
CA ILE A 74 -13.84 -15.44 -23.37
C ILE A 74 -14.02 -15.33 -24.89
N LYS A 75 -13.02 -14.75 -25.55
CA LYS A 75 -13.07 -14.58 -27.00
C LYS A 75 -11.72 -14.93 -27.63
N MET A 4 14.25 1.51 -3.86
CA MET A 4 14.82 2.75 -4.44
C MET A 4 13.73 3.79 -4.71
N ASP A 5 12.53 3.31 -5.02
CA ASP A 5 11.41 4.19 -5.31
C ASP A 5 11.02 5.01 -4.07
N GLU A 6 10.31 6.11 -4.29
CA GLU A 6 9.89 6.97 -3.20
C GLU A 6 8.99 6.22 -2.23
N PHE A 7 8.25 5.24 -2.74
CA PHE A 7 7.35 4.44 -1.93
C PHE A 7 8.13 3.64 -0.88
N VAL A 8 9.05 2.81 -1.34
CA VAL A 8 9.86 1.99 -0.45
C VAL A 8 10.71 2.86 0.47
N LYS A 9 11.29 3.93 -0.09
CA LYS A 9 12.12 4.84 0.68
C LYS A 9 11.28 5.64 1.67
N GLY A 10 10.06 5.99 1.26
CA GLY A 10 9.18 6.76 2.12
C GLY A 10 8.80 6.00 3.39
N LEU A 11 8.59 4.69 3.25
CA LEU A 11 8.22 3.86 4.39
C LEU A 11 9.40 3.68 5.33
N MET A 12 10.56 3.35 4.77
CA MET A 12 11.77 3.14 5.56
C MET A 12 12.13 4.40 6.34
N LYS A 13 11.80 5.55 5.78
CA LYS A 13 12.09 6.83 6.42
C LYS A 13 11.29 6.98 7.71
N ASN A 14 10.04 6.53 7.67
CA ASN A 14 9.16 6.61 8.84
C ASN A 14 9.13 5.29 9.60
N GLY A 15 10.23 4.54 9.53
CA GLY A 15 10.31 3.27 10.21
C GLY A 15 9.24 2.29 9.76
N TYR A 16 9.30 1.90 8.49
CA TYR A 16 8.32 0.97 7.93
C TYR A 16 8.94 0.16 6.79
N LEU A 17 8.46 -1.07 6.63
CA LEU A 17 8.97 -1.95 5.57
C LEU A 17 7.81 -2.58 4.80
N ILE A 18 8.09 -3.02 3.58
CA ILE A 18 7.09 -3.65 2.74
C ILE A 18 7.65 -4.87 2.01
N THR A 19 6.79 -5.82 1.71
CA THR A 19 7.20 -7.04 1.02
C THR A 19 6.96 -6.92 -0.48
N PRO A 20 7.79 -7.60 -1.31
CA PRO A 20 7.67 -7.56 -2.76
C PRO A 20 6.27 -7.92 -3.23
N SER A 21 5.63 -8.87 -2.54
CA SER A 21 4.28 -9.30 -2.89
C SER A 21 3.31 -8.14 -2.82
N ALA A 22 3.58 -7.20 -1.93
CA ALA A 22 2.72 -6.03 -1.76
C ALA A 22 3.26 -4.83 -2.54
N TYR A 23 4.59 -4.78 -2.70
CA TYR A 23 5.22 -3.69 -3.42
C TYR A 23 4.82 -3.70 -4.88
N TYR A 24 4.86 -4.89 -5.50
CA TYR A 24 4.51 -5.03 -6.90
C TYR A 24 3.10 -4.52 -7.17
N LEU A 25 2.25 -4.58 -6.16
CA LEU A 25 0.87 -4.12 -6.29
C LEU A 25 0.73 -2.66 -5.85
N LEU A 26 1.26 -2.36 -4.66
CA LEU A 26 1.20 -1.01 -4.12
C LEU A 26 1.95 -0.03 -5.00
N VAL A 27 3.01 -0.51 -5.66
CA VAL A 27 3.81 0.32 -6.53
C VAL A 27 2.97 0.94 -7.64
N GLY A 28 1.93 0.23 -8.05
CA GLY A 28 1.06 0.72 -9.10
C GLY A 28 -0.06 1.60 -8.57
N HIS A 29 -0.51 1.30 -7.35
CA HIS A 29 -1.58 2.06 -6.72
C HIS A 29 -1.04 3.36 -6.11
N PHE A 30 0.26 3.40 -5.88
CA PHE A 30 0.89 4.58 -5.28
C PHE A 30 1.39 5.54 -6.37
N ASN A 31 1.97 4.97 -7.43
CA ASN A 31 2.48 5.77 -8.53
C ASN A 31 1.33 6.42 -9.31
N GLU A 32 0.29 5.64 -9.57
CA GLU A 32 -0.88 6.14 -10.30
C GLU A 32 -1.52 7.31 -9.57
N GLY A 33 -1.46 7.28 -8.25
CA GLY A 33 -2.04 8.34 -7.45
C GLY A 33 -3.40 7.98 -6.88
N LYS A 34 -3.53 6.74 -6.41
CA LYS A 34 -4.78 6.27 -5.85
C LYS A 34 -4.83 6.52 -4.34
N PHE A 35 -3.79 6.06 -3.64
CA PHE A 35 -3.71 6.24 -2.19
C PHE A 35 -2.50 7.09 -1.81
N SER A 36 -2.36 7.36 -0.52
CA SER A 36 -1.25 8.17 -0.02
C SER A 36 -0.48 7.43 1.07
N LEU A 37 0.77 7.84 1.30
CA LEU A 37 1.60 7.21 2.32
C LEU A 37 0.99 7.39 3.71
N ILE A 38 0.47 8.59 3.96
CA ILE A 38 -0.13 8.90 5.25
C ILE A 38 -1.26 7.92 5.58
N GLU A 39 -1.99 7.50 4.55
CA GLU A 39 -3.09 6.57 4.73
C GLU A 39 -2.58 5.16 5.03
N LEU A 40 -1.44 4.82 4.43
CA LEU A 40 -0.85 3.50 4.62
C LEU A 40 -0.22 3.40 6.01
N ILE A 41 0.45 4.46 6.44
CA ILE A 41 1.10 4.48 7.75
C ILE A 41 0.06 4.37 8.86
N LYS A 42 -1.13 4.90 8.61
CA LYS A 42 -2.21 4.85 9.59
C LYS A 42 -2.69 3.42 9.80
N PHE A 43 -2.86 2.69 8.71
CA PHE A 43 -3.32 1.31 8.78
C PHE A 43 -2.32 0.43 9.51
N ALA A 44 -1.04 0.79 9.40
CA ALA A 44 0.02 0.04 10.06
C ALA A 44 0.14 0.43 11.53
N LYS A 45 0.01 1.72 11.82
CA LYS A 45 0.10 2.21 13.19
C LYS A 45 -0.96 1.56 14.07
N SER A 46 -2.20 1.57 13.60
CA SER A 46 -3.31 0.99 14.36
C SER A 46 -3.07 -0.51 14.57
N ARG A 47 -2.41 -1.15 13.62
CA ARG A 47 -2.12 -2.57 13.71
C ARG A 47 -0.96 -2.84 14.66
N GLU A 48 -0.20 -1.80 14.99
CA GLU A 48 0.94 -1.93 15.89
C GLU A 48 2.03 -2.80 15.26
N THR A 49 2.46 -2.41 14.07
CA THR A 49 3.50 -3.15 13.36
C THR A 49 4.14 -2.30 12.26
N PHE A 50 5.46 -2.39 12.13
CA PHE A 50 6.18 -1.63 11.13
C PHE A 50 6.47 -2.49 9.90
N ILE A 51 5.56 -3.40 9.60
CA ILE A 51 5.72 -4.28 8.44
C ILE A 51 4.44 -4.32 7.61
N ILE A 52 4.56 -3.90 6.35
CA ILE A 52 3.42 -3.87 5.45
C ILE A 52 3.44 -5.07 4.51
N ASP A 53 2.91 -6.20 4.98
CA ASP A 53 2.87 -7.41 4.18
C ASP A 53 1.64 -7.43 3.28
N ASP A 54 1.53 -8.48 2.46
CA ASP A 54 0.39 -8.61 1.55
C ASP A 54 -0.93 -8.60 2.30
N GLU A 55 -0.92 -9.18 3.50
CA GLU A 55 -2.12 -9.24 4.33
C GLU A 55 -2.57 -7.84 4.72
N ILE A 56 -1.62 -6.97 5.03
CA ILE A 56 -1.93 -5.59 5.41
C ILE A 56 -2.30 -4.76 4.19
N ALA A 57 -1.59 -4.97 3.09
CA ALA A 57 -1.84 -4.23 1.87
C ALA A 57 -3.22 -4.57 1.28
N ASN A 58 -3.53 -5.87 1.27
CA ASN A 58 -4.81 -6.33 0.74
C ASN A 58 -5.97 -5.74 1.54
N GLU A 59 -5.94 -5.94 2.85
CA GLU A 59 -7.00 -5.43 3.72
C GLU A 59 -7.07 -3.91 3.64
N PHE A 60 -5.94 -3.27 3.41
CA PHE A 60 -5.87 -1.82 3.30
C PHE A 60 -6.69 -1.32 2.11
N LEU A 61 -6.49 -1.95 0.96
CA LEU A 61 -7.21 -1.58 -0.25
C LEU A 61 -8.69 -1.98 -0.16
N LYS A 62 -8.94 -3.14 0.46
CA LYS A 62 -10.29 -3.64 0.61
C LYS A 62 -11.10 -2.75 1.56
N SER A 63 -10.42 -2.16 2.53
CA SER A 63 -11.07 -1.29 3.51
C SER A 63 -11.45 0.05 2.86
N ILE A 64 -10.48 0.70 2.23
CA ILE A 64 -10.71 1.99 1.59
C ILE A 64 -11.70 1.84 0.44
N GLY A 65 -11.72 0.68 -0.19
CA GLY A 65 -12.62 0.44 -1.30
C GLY A 65 -12.05 0.92 -2.62
N ALA A 66 -10.78 0.64 -2.85
CA ALA A 66 -10.11 1.05 -4.08
C ALA A 66 -10.64 0.26 -5.28
N GLU A 67 -11.15 0.99 -6.28
CA GLU A 67 -11.68 0.35 -7.48
C GLU A 67 -11.84 1.37 -8.59
N VAL A 68 -11.79 0.89 -9.84
CA VAL A 68 -11.94 1.77 -10.99
C VAL A 68 -13.28 2.49 -10.99
N GLU A 69 -13.22 3.82 -10.95
CA GLU A 69 -14.43 4.64 -10.94
C GLU A 69 -14.61 5.38 -12.25
N LEU A 70 -13.49 5.79 -12.85
CA LEU A 70 -13.52 6.52 -14.12
C LEU A 70 -12.41 6.03 -15.04
N PRO A 71 -12.73 5.77 -16.31
CA PRO A 71 -11.75 5.29 -17.30
C PRO A 71 -10.83 6.41 -17.77
N GLN A 72 -11.41 7.57 -18.07
CA GLN A 72 -10.64 8.72 -18.54
C GLN A 72 -11.29 10.03 -18.08
N GLU A 73 -12.49 10.30 -18.59
CA GLU A 73 -13.22 11.51 -18.23
C GLU A 73 -14.46 11.18 -17.42
N ILE A 74 -15.23 12.21 -17.09
CA ILE A 74 -16.45 12.03 -16.32
C ILE A 74 -17.64 12.72 -17.00
N LYS A 75 -17.88 12.37 -18.26
CA LYS A 75 -18.98 12.94 -19.01
C LYS A 75 -20.21 12.04 -18.96
N MET A 4 14.59 4.05 -8.60
CA MET A 4 13.79 5.12 -7.96
C MET A 4 12.50 4.56 -7.38
N ASP A 5 12.31 4.75 -6.08
CA ASP A 5 11.12 4.26 -5.39
C ASP A 5 10.82 5.10 -4.15
N GLU A 6 10.01 6.15 -4.33
CA GLU A 6 9.65 7.03 -3.23
C GLU A 6 8.75 6.31 -2.24
N PHE A 7 7.97 5.35 -2.73
CA PHE A 7 7.05 4.59 -1.89
C PHE A 7 7.81 3.84 -0.81
N VAL A 8 8.79 3.04 -1.22
CA VAL A 8 9.58 2.25 -0.28
C VAL A 8 10.38 3.17 0.65
N LYS A 9 11.19 4.04 0.07
CA LYS A 9 12.01 4.97 0.84
C LYS A 9 11.13 5.85 1.73
N GLY A 10 9.97 6.23 1.21
CA GLY A 10 9.06 7.07 1.96
C GLY A 10 8.64 6.44 3.27
N LEU A 11 8.54 5.12 3.28
CA LEU A 11 8.13 4.39 4.48
C LEU A 11 9.32 4.19 5.42
N MET A 12 10.48 3.91 4.84
CA MET A 12 11.70 3.70 5.63
C MET A 12 12.11 4.97 6.35
N LYS A 13 11.71 6.12 5.80
CA LYS A 13 12.03 7.41 6.40
C LYS A 13 11.52 7.50 7.84
N ASN A 14 10.30 7.01 8.05
CA ASN A 14 9.69 7.04 9.37
C ASN A 14 10.03 5.77 10.15
N GLY A 15 10.24 4.67 9.43
CA GLY A 15 10.57 3.42 10.07
C GLY A 15 9.55 2.33 9.77
N TYR A 16 9.41 1.99 8.50
CA TYR A 16 8.47 0.96 8.08
C TYR A 16 9.09 0.06 7.01
N LEU A 17 8.55 -1.15 6.88
CA LEU A 17 9.04 -2.11 5.90
C LEU A 17 7.89 -2.68 5.08
N ILE A 18 8.18 -3.02 3.83
CA ILE A 18 7.16 -3.58 2.94
C ILE A 18 7.72 -4.76 2.15
N THR A 19 6.88 -5.78 1.97
CA THR A 19 7.29 -6.98 1.22
C THR A 19 7.15 -6.76 -0.28
N PRO A 20 7.85 -7.58 -1.08
CA PRO A 20 7.81 -7.47 -2.54
C PRO A 20 6.43 -7.81 -3.11
N SER A 21 5.75 -8.76 -2.47
CA SER A 21 4.41 -9.17 -2.90
C SER A 21 3.40 -8.04 -2.69
N ALA A 22 3.66 -7.21 -1.69
CA ALA A 22 2.76 -6.09 -1.39
C ALA A 22 3.15 -4.85 -2.18
N TYR A 23 4.44 -4.69 -2.43
CA TYR A 23 4.95 -3.55 -3.18
C TYR A 23 4.51 -3.61 -4.64
N TYR A 24 4.48 -4.82 -5.19
CA TYR A 24 4.08 -5.02 -6.58
C TYR A 24 2.62 -4.63 -6.79
N LEU A 25 1.83 -4.71 -5.72
CA LEU A 25 0.41 -4.37 -5.79
C LEU A 25 0.17 -2.92 -5.37
N LEU A 26 1.01 -2.42 -4.47
CA LEU A 26 0.88 -1.05 -3.98
C LEU A 26 1.60 -0.07 -4.90
N VAL A 27 2.66 -0.55 -5.56
CA VAL A 27 3.44 0.29 -6.46
C VAL A 27 2.57 0.85 -7.58
N GLY A 28 1.54 0.11 -7.96
CA GLY A 28 0.65 0.55 -9.01
C GLY A 28 -0.40 1.53 -8.52
N HIS A 29 -0.87 1.31 -7.29
CA HIS A 29 -1.89 2.17 -6.70
C HIS A 29 -1.27 3.45 -6.15
N PHE A 30 0.05 3.43 -5.94
CA PHE A 30 0.76 4.60 -5.42
C PHE A 30 1.23 5.50 -6.55
N ASN A 31 1.82 4.88 -7.59
CA ASN A 31 2.32 5.63 -8.74
C ASN A 31 1.20 6.43 -9.40
N GLU A 32 0.08 5.76 -9.66
CA GLU A 32 -1.06 6.41 -10.30
C GLU A 32 -1.56 7.57 -9.46
N GLY A 33 -1.38 7.47 -8.14
CA GLY A 33 -1.82 8.52 -7.25
C GLY A 33 -3.18 8.24 -6.64
N LYS A 34 -3.42 6.98 -6.28
CA LYS A 34 -4.69 6.58 -5.69
C LYS A 34 -4.67 6.79 -4.18
N PHE A 35 -3.72 6.15 -3.51
CA PHE A 35 -3.59 6.27 -2.06
C PHE A 35 -2.34 7.05 -1.68
N SER A 36 -2.35 7.62 -0.48
CA SER A 36 -1.21 8.39 0.00
C SER A 36 -0.39 7.60 1.01
N LEU A 37 0.88 7.96 1.15
CA LEU A 37 1.76 7.27 2.09
C LEU A 37 1.24 7.39 3.52
N ILE A 38 0.77 8.58 3.87
CA ILE A 38 0.24 8.83 5.21
C ILE A 38 -0.91 7.88 5.53
N GLU A 39 -1.62 7.44 4.50
CA GLU A 39 -2.74 6.54 4.67
C GLU A 39 -2.27 5.12 4.99
N LEU A 40 -1.22 4.69 4.29
CA LEU A 40 -0.66 3.36 4.50
C LEU A 40 -0.02 3.24 5.88
N ILE A 41 0.69 4.29 6.29
CA ILE A 41 1.35 4.30 7.59
C ILE A 41 0.33 4.24 8.72
N LYS A 42 -0.70 5.08 8.63
CA LYS A 42 -1.75 5.12 9.64
C LYS A 42 -2.46 3.78 9.74
N PHE A 43 -2.54 3.07 8.63
CA PHE A 43 -3.20 1.77 8.58
C PHE A 43 -2.36 0.71 9.28
N ALA A 44 -1.05 0.75 9.04
CA ALA A 44 -0.13 -0.22 9.63
C ALA A 44 0.15 0.13 11.09
N LYS A 45 0.27 1.42 11.38
CA LYS A 45 0.55 1.89 12.74
C LYS A 45 -0.60 1.49 13.68
N SER A 46 -1.81 1.51 13.16
CA SER A 46 -2.99 1.15 13.96
C SER A 46 -2.96 -0.32 14.33
N ARG A 47 -2.40 -1.13 13.45
CA ARG A 47 -2.32 -2.57 13.69
C ARG A 47 -1.11 -2.92 14.57
N GLU A 48 -0.29 -1.92 14.87
CA GLU A 48 0.91 -2.13 15.70
C GLU A 48 1.87 -3.11 15.04
N THR A 49 2.23 -2.82 13.79
CA THR A 49 3.15 -3.68 13.05
C THR A 49 3.88 -2.89 11.96
N PHE A 50 5.20 -3.03 11.93
CA PHE A 50 6.01 -2.32 10.94
C PHE A 50 6.36 -3.25 9.77
N ILE A 51 5.47 -4.20 9.50
CA ILE A 51 5.68 -5.14 8.40
C ILE A 51 4.47 -5.18 7.47
N ILE A 52 4.51 -4.37 6.43
CA ILE A 52 3.42 -4.31 5.46
C ILE A 52 3.42 -5.54 4.55
N ASP A 53 2.70 -6.59 4.99
CA ASP A 53 2.62 -7.82 4.22
C ASP A 53 1.33 -7.86 3.41
N ASP A 54 1.10 -8.98 2.73
CA ASP A 54 -0.10 -9.15 1.91
C ASP A 54 -1.36 -8.91 2.73
N GLU A 55 -1.33 -9.29 4.00
CA GLU A 55 -2.48 -9.10 4.88
C GLU A 55 -2.77 -7.62 5.09
N ILE A 56 -1.73 -6.84 5.32
CA ILE A 56 -1.88 -5.40 5.53
C ILE A 56 -2.14 -4.68 4.22
N ALA A 57 -1.46 -5.10 3.16
CA ALA A 57 -1.61 -4.49 1.85
C ALA A 57 -2.97 -4.83 1.24
N ASN A 58 -3.33 -6.12 1.29
CA ASN A 58 -4.61 -6.57 0.76
C ASN A 58 -5.77 -5.97 1.54
N GLU A 59 -5.65 -5.94 2.86
CA GLU A 59 -6.69 -5.39 3.71
C GLU A 59 -6.83 -3.88 3.50
N PHE A 60 -5.71 -3.22 3.22
CA PHE A 60 -5.71 -1.79 3.01
C PHE A 60 -6.56 -1.41 1.80
N LEU A 61 -6.25 -2.00 0.65
CA LEU A 61 -6.98 -1.73 -0.58
C LEU A 61 -8.44 -2.16 -0.43
N LYS A 62 -8.68 -3.19 0.36
CA LYS A 62 -10.03 -3.70 0.57
C LYS A 62 -10.85 -2.71 1.39
N SER A 63 -10.20 -1.98 2.28
CA SER A 63 -10.88 -1.00 3.12
C SER A 63 -11.29 0.22 2.30
N ILE A 64 -10.39 0.71 1.46
CA ILE A 64 -10.66 1.86 0.63
C ILE A 64 -11.54 1.49 -0.56
N GLY A 65 -11.41 0.25 -1.02
CA GLY A 65 -12.21 -0.21 -2.15
C GLY A 65 -11.49 -0.05 -3.47
N ALA A 66 -10.25 -0.54 -3.54
CA ALA A 66 -9.45 -0.44 -4.76
C ALA A 66 -9.44 -1.77 -5.51
N GLU A 67 -9.53 -2.86 -4.77
CA GLU A 67 -9.53 -4.20 -5.36
C GLU A 67 -10.89 -4.51 -5.98
N VAL A 68 -11.02 -4.26 -7.27
CA VAL A 68 -12.26 -4.51 -7.99
C VAL A 68 -12.13 -4.18 -9.47
N GLU A 69 -12.16 -5.21 -10.32
CA GLU A 69 -12.05 -5.02 -11.76
C GLU A 69 -12.18 -6.35 -12.49
N LEU A 70 -11.57 -7.38 -11.92
CA LEU A 70 -11.60 -8.72 -12.52
C LEU A 70 -12.27 -9.72 -11.57
N PRO A 71 -13.54 -10.08 -11.83
CA PRO A 71 -14.28 -11.03 -11.00
C PRO A 71 -13.74 -12.45 -11.12
N GLN A 72 -13.73 -13.17 -10.00
CA GLN A 72 -13.22 -14.54 -9.98
C GLN A 72 -14.37 -15.54 -10.14
N GLU A 73 -15.53 -15.20 -9.58
CA GLU A 73 -16.69 -16.06 -9.65
C GLU A 73 -17.81 -15.40 -10.46
N ILE A 74 -18.40 -16.17 -11.38
CA ILE A 74 -19.48 -15.65 -12.22
C ILE A 74 -20.59 -16.69 -12.38
N LYS A 75 -21.83 -16.23 -12.35
CA LYS A 75 -22.98 -17.11 -12.49
C LYS A 75 -23.91 -16.62 -13.60
N MET A 4 15.07 5.73 -8.14
CA MET A 4 14.63 5.27 -6.80
C MET A 4 13.15 5.55 -6.57
N ASP A 5 12.48 4.64 -5.89
CA ASP A 5 11.06 4.78 -5.61
C ASP A 5 10.84 5.47 -4.27
N GLU A 6 9.94 6.44 -4.24
CA GLU A 6 9.64 7.18 -3.02
C GLU A 6 8.82 6.33 -2.05
N PHE A 7 8.10 5.35 -2.59
CA PHE A 7 7.27 4.47 -1.78
C PHE A 7 8.11 3.76 -0.72
N VAL A 8 9.05 2.93 -1.17
CA VAL A 8 9.92 2.20 -0.26
C VAL A 8 10.81 3.13 0.55
N LYS A 9 11.29 4.19 -0.10
CA LYS A 9 12.14 5.17 0.56
C LYS A 9 11.40 5.89 1.68
N GLY A 10 10.23 6.43 1.34
CA GLY A 10 9.43 7.14 2.33
C GLY A 10 9.06 6.27 3.51
N LEU A 11 8.79 4.99 3.24
CA LEU A 11 8.42 4.05 4.29
C LEU A 11 9.61 3.70 5.16
N MET A 12 10.72 3.35 4.51
CA MET A 12 11.95 3.00 5.23
C MET A 12 12.41 4.15 6.11
N LYS A 13 12.14 5.38 5.68
CA LYS A 13 12.53 6.56 6.43
C LYS A 13 11.71 6.69 7.72
N ASN A 14 10.47 6.22 7.67
CA ASN A 14 9.59 6.28 8.82
C ASN A 14 9.47 4.92 9.49
N GLY A 15 10.51 4.11 9.38
CA GLY A 15 10.51 2.79 9.98
C GLY A 15 9.36 1.93 9.48
N TYR A 16 9.36 1.64 8.19
CA TYR A 16 8.31 0.83 7.59
C TYR A 16 8.87 -0.05 6.48
N LEU A 17 8.56 -1.34 6.53
CA LEU A 17 9.03 -2.29 5.53
C LEU A 17 7.86 -2.98 4.84
N ILE A 18 8.07 -3.38 3.58
CA ILE A 18 7.04 -4.05 2.82
C ILE A 18 7.62 -5.20 1.99
N THR A 19 6.81 -6.23 1.77
CA THR A 19 7.25 -7.38 1.00
C THR A 19 7.16 -7.11 -0.51
N PRO A 20 7.98 -7.80 -1.31
CA PRO A 20 8.00 -7.62 -2.77
C PRO A 20 6.67 -8.02 -3.41
N SER A 21 5.97 -8.94 -2.76
CA SER A 21 4.68 -9.40 -3.27
C SER A 21 3.63 -8.31 -3.19
N ALA A 22 3.76 -7.43 -2.19
CA ALA A 22 2.82 -6.33 -2.01
C ALA A 22 3.34 -5.06 -2.66
N TYR A 23 4.65 -4.91 -2.70
CA TYR A 23 5.28 -3.73 -3.29
C TYR A 23 4.88 -3.59 -4.76
N TYR A 24 4.81 -4.70 -5.46
CA TYR A 24 4.45 -4.71 -6.87
C TYR A 24 3.01 -4.25 -7.07
N LEU A 25 2.18 -4.45 -6.05
CA LEU A 25 0.78 -4.06 -6.11
C LEU A 25 0.57 -2.64 -5.58
N LEU A 26 1.43 -2.24 -4.64
CA LEU A 26 1.35 -0.91 -4.04
C LEU A 26 2.14 0.11 -4.86
N VAL A 27 3.18 -0.36 -5.54
CA VAL A 27 4.03 0.50 -6.35
C VAL A 27 3.20 1.25 -7.40
N GLY A 28 2.16 0.59 -7.90
CA GLY A 28 1.32 1.20 -8.91
C GLY A 28 0.13 1.93 -8.30
N HIS A 29 -0.45 1.34 -7.26
CA HIS A 29 -1.60 1.93 -6.58
C HIS A 29 -1.22 3.25 -5.92
N PHE A 30 0.08 3.44 -5.68
CA PHE A 30 0.57 4.66 -5.05
C PHE A 30 0.89 5.72 -6.09
N ASN A 31 1.67 5.34 -7.10
CA ASN A 31 2.05 6.26 -8.17
C ASN A 31 0.82 6.73 -8.94
N GLU A 32 -0.14 5.82 -9.12
CA GLU A 32 -1.37 6.14 -9.84
C GLU A 32 -2.10 7.30 -9.19
N GLY A 33 -1.96 7.43 -7.87
CA GLY A 33 -2.61 8.49 -7.14
C GLY A 33 -3.87 8.03 -6.43
N LYS A 34 -3.89 6.75 -6.05
CA LYS A 34 -5.03 6.19 -5.36
C LYS A 34 -4.92 6.41 -3.85
N PHE A 35 -3.88 5.85 -3.24
CA PHE A 35 -3.65 6.00 -1.81
C PHE A 35 -2.40 6.80 -1.53
N SER A 36 -2.43 7.61 -0.47
CA SER A 36 -1.29 8.43 -0.09
C SER A 36 -0.43 7.73 0.96
N LEU A 37 0.80 8.20 1.13
CA LEU A 37 1.70 7.62 2.11
C LEU A 37 1.11 7.70 3.52
N ILE A 38 0.45 8.81 3.82
CA ILE A 38 -0.15 9.01 5.12
C ILE A 38 -1.20 7.93 5.42
N GLU A 39 -1.98 7.57 4.40
CA GLU A 39 -3.00 6.56 4.55
C GLU A 39 -2.39 5.22 4.96
N LEU A 40 -1.32 4.83 4.28
CA LEU A 40 -0.64 3.58 4.57
C LEU A 40 -0.09 3.58 6.00
N ILE A 41 0.50 4.70 6.40
CA ILE A 41 1.06 4.82 7.73
C ILE A 41 -0.03 4.86 8.79
N LYS A 42 -1.19 5.40 8.42
CA LYS A 42 -2.33 5.50 9.33
C LYS A 42 -2.92 4.12 9.60
N PHE A 43 -2.91 3.26 8.58
CA PHE A 43 -3.44 1.92 8.70
C PHE A 43 -2.52 1.04 9.55
N ALA A 44 -1.21 1.23 9.35
CA ALA A 44 -0.21 0.46 10.10
C ALA A 44 -0.11 0.94 11.53
N LYS A 45 -0.18 2.25 11.73
CA LYS A 45 -0.10 2.84 13.06
C LYS A 45 -1.18 2.28 13.98
N SER A 46 -2.43 2.37 13.54
CA SER A 46 -3.55 1.87 14.31
C SER A 46 -3.42 0.37 14.56
N ARG A 47 -2.78 -0.33 13.61
CA ARG A 47 -2.59 -1.77 13.72
C ARG A 47 -1.41 -2.09 14.64
N GLU A 48 -0.51 -1.13 14.81
CA GLU A 48 0.66 -1.31 15.67
C GLU A 48 1.63 -2.31 15.06
N THR A 49 1.86 -2.21 13.76
CA THR A 49 2.77 -3.10 13.05
C THR A 49 3.46 -2.38 11.90
N PHE A 50 4.78 -2.58 11.80
CA PHE A 50 5.56 -1.95 10.74
C PHE A 50 5.71 -2.88 9.54
N ILE A 51 5.62 -4.18 9.80
CA ILE A 51 5.75 -5.18 8.74
C ILE A 51 4.55 -5.14 7.80
N ILE A 52 4.74 -4.58 6.61
CA ILE A 52 3.68 -4.48 5.62
C ILE A 52 3.72 -5.65 4.66
N ASP A 53 2.99 -6.72 4.99
CA ASP A 53 2.94 -7.91 4.15
C ASP A 53 1.70 -7.90 3.28
N ASP A 54 1.50 -8.99 2.53
CA ASP A 54 0.34 -9.11 1.65
C ASP A 54 -0.96 -9.00 2.43
N GLU A 55 -0.92 -9.46 3.68
CA GLU A 55 -2.10 -9.42 4.55
C GLU A 55 -2.55 -7.98 4.79
N ILE A 56 -1.58 -7.07 4.91
CA ILE A 56 -1.88 -5.67 5.14
C ILE A 56 -2.27 -4.97 3.84
N ALA A 57 -1.55 -5.27 2.77
CA ALA A 57 -1.82 -4.67 1.47
C ALA A 57 -3.18 -5.12 0.94
N ASN A 58 -3.54 -6.36 1.23
CA ASN A 58 -4.82 -6.90 0.78
C ASN A 58 -5.98 -6.31 1.59
N GLU A 59 -5.85 -6.33 2.91
CA GLU A 59 -6.88 -5.79 3.78
C GLU A 59 -6.98 -4.28 3.64
N PHE A 60 -5.86 -3.64 3.36
CA PHE A 60 -5.82 -2.19 3.20
C PHE A 60 -6.61 -1.77 1.97
N LEU A 61 -6.27 -2.35 0.82
CA LEU A 61 -6.93 -2.02 -0.43
C LEU A 61 -8.43 -2.32 -0.34
N LYS A 62 -8.78 -3.38 0.38
CA LYS A 62 -10.17 -3.78 0.55
C LYS A 62 -10.88 -2.86 1.53
N SER A 63 -10.13 -2.33 2.49
CA SER A 63 -10.70 -1.43 3.49
C SER A 63 -10.91 -0.04 2.92
N ILE A 64 -9.90 0.47 2.22
CA ILE A 64 -9.98 1.79 1.63
C ILE A 64 -11.14 1.89 0.64
N GLY A 65 -11.45 0.76 -0.01
CA GLY A 65 -12.53 0.73 -0.97
C GLY A 65 -12.05 0.93 -2.39
N ALA A 66 -11.06 0.14 -2.80
CA ALA A 66 -10.50 0.24 -4.14
C ALA A 66 -11.02 -0.88 -5.03
N GLU A 67 -11.95 -0.56 -5.92
CA GLU A 67 -12.52 -1.54 -6.84
C GLU A 67 -11.43 -2.17 -7.71
N VAL A 68 -11.00 -3.37 -7.34
CA VAL A 68 -9.96 -4.07 -8.10
C VAL A 68 -10.57 -5.15 -8.98
N GLU A 69 -9.72 -5.86 -9.72
CA GLU A 69 -10.17 -6.93 -10.60
C GLU A 69 -11.08 -6.38 -11.70
N LEU A 70 -10.58 -6.41 -12.93
CA LEU A 70 -11.34 -5.92 -14.08
C LEU A 70 -11.07 -6.76 -15.32
N PRO A 71 -11.53 -8.03 -15.32
CA PRO A 71 -11.32 -8.94 -16.45
C PRO A 71 -12.14 -8.53 -17.68
N GLN A 72 -11.62 -7.56 -18.43
CA GLN A 72 -12.31 -7.08 -19.62
C GLN A 72 -11.46 -6.03 -20.36
N GLU A 73 -10.69 -6.48 -21.34
CA GLU A 73 -9.84 -5.59 -22.10
C GLU A 73 -8.80 -4.93 -21.21
N ILE A 74 -7.68 -4.54 -21.80
CA ILE A 74 -6.60 -3.89 -21.05
C ILE A 74 -6.57 -2.39 -21.35
N LYS A 75 -7.74 -1.81 -21.62
CA LYS A 75 -7.85 -0.39 -21.91
C LYS A 75 -9.07 0.22 -21.24
N MET A 4 15.58 5.03 -7.77
CA MET A 4 14.80 4.56 -6.60
C MET A 4 13.35 5.01 -6.67
N ASP A 5 12.57 4.64 -5.67
CA ASP A 5 11.15 5.00 -5.63
C ASP A 5 10.82 5.75 -4.33
N GLU A 6 9.93 6.73 -4.44
CA GLU A 6 9.53 7.51 -3.28
C GLU A 6 8.79 6.65 -2.26
N PHE A 7 8.13 5.61 -2.75
CA PHE A 7 7.39 4.70 -1.89
C PHE A 7 8.30 4.06 -0.84
N VAL A 8 9.27 3.28 -1.31
CA VAL A 8 10.21 2.60 -0.43
C VAL A 8 11.10 3.61 0.29
N LYS A 9 11.35 4.75 -0.35
CA LYS A 9 12.19 5.79 0.22
C LYS A 9 11.44 6.55 1.31
N GLY A 10 10.13 6.64 1.17
CA GLY A 10 9.33 7.34 2.16
C GLY A 10 8.88 6.45 3.29
N LEU A 11 8.76 5.15 3.01
CA LEU A 11 8.33 4.18 4.02
C LEU A 11 9.50 3.81 4.94
N MET A 12 10.63 3.45 4.35
CA MET A 12 11.81 3.07 5.12
C MET A 12 12.25 4.21 6.03
N LYS A 13 12.02 5.44 5.59
CA LYS A 13 12.40 6.62 6.36
C LYS A 13 11.61 6.69 7.67
N ASN A 14 10.38 6.17 7.64
CA ASN A 14 9.52 6.17 8.82
C ASN A 14 9.69 4.90 9.64
N GLY A 15 10.74 4.14 9.34
CA GLY A 15 10.99 2.90 10.06
C GLY A 15 9.99 1.81 9.72
N TYR A 16 9.46 1.85 8.50
CA TYR A 16 8.48 0.87 8.05
C TYR A 16 9.09 -0.05 7.01
N LEU A 17 8.57 -1.27 6.92
CA LEU A 17 9.06 -2.25 5.96
C LEU A 17 7.92 -2.81 5.12
N ILE A 18 8.25 -3.29 3.92
CA ILE A 18 7.26 -3.85 3.01
C ILE A 18 7.83 -5.03 2.23
N THR A 19 6.98 -6.00 1.92
CA THR A 19 7.41 -7.18 1.17
C THR A 19 7.27 -6.95 -0.33
N PRO A 20 8.18 -7.55 -1.13
CA PRO A 20 8.15 -7.41 -2.59
C PRO A 20 6.79 -7.76 -3.18
N SER A 21 6.16 -8.81 -2.65
CA SER A 21 4.86 -9.24 -3.13
C SER A 21 3.82 -8.13 -2.97
N ALA A 22 3.99 -7.32 -1.93
CA ALA A 22 3.08 -6.21 -1.67
C ALA A 22 3.50 -4.95 -2.40
N TYR A 23 4.81 -4.77 -2.55
CA TYR A 23 5.34 -3.60 -3.24
C TYR A 23 4.91 -3.59 -4.70
N TYR A 24 4.93 -4.76 -5.32
CA TYR A 24 4.55 -4.89 -6.73
C TYR A 24 3.09 -4.52 -6.93
N LEU A 25 2.28 -4.71 -5.90
CA LEU A 25 0.85 -4.40 -5.97
C LEU A 25 0.56 -3.02 -5.41
N LEU A 26 1.37 -2.59 -4.45
CA LEU A 26 1.20 -1.28 -3.83
C LEU A 26 1.87 -0.19 -4.66
N VAL A 27 2.94 -0.54 -5.36
CA VAL A 27 3.66 0.41 -6.19
C VAL A 27 2.75 1.03 -7.25
N GLY A 28 1.78 0.25 -7.72
CA GLY A 28 0.86 0.74 -8.73
C GLY A 28 -0.22 1.63 -8.14
N HIS A 29 -0.90 1.13 -7.10
CA HIS A 29 -1.96 1.88 -6.45
C HIS A 29 -1.43 3.19 -5.84
N PHE A 30 -0.12 3.25 -5.64
CA PHE A 30 0.51 4.44 -5.07
C PHE A 30 0.83 5.46 -6.16
N ASN A 31 1.59 5.02 -7.16
CA ASN A 31 1.97 5.90 -8.26
C ASN A 31 0.75 6.35 -9.04
N GLU A 32 -0.26 5.50 -9.11
CA GLU A 32 -1.49 5.82 -9.84
C GLU A 32 -2.14 7.08 -9.26
N GLY A 33 -1.94 7.30 -7.96
CA GLY A 33 -2.52 8.46 -7.32
C GLY A 33 -3.77 8.13 -6.53
N LYS A 34 -3.86 6.89 -6.06
CA LYS A 34 -5.02 6.44 -5.30
C LYS A 34 -4.82 6.71 -3.81
N PHE A 35 -3.80 6.10 -3.23
CA PHE A 35 -3.50 6.28 -1.81
C PHE A 35 -2.17 6.99 -1.61
N SER A 36 -1.97 7.56 -0.42
CA SER A 36 -0.74 8.28 -0.11
C SER A 36 0.00 7.60 1.03
N LEU A 37 1.26 7.98 1.23
CA LEU A 37 2.09 7.41 2.29
C LEU A 37 1.44 7.63 3.66
N ILE A 38 0.73 8.75 3.81
CA ILE A 38 0.07 9.08 5.06
C ILE A 38 -1.06 8.10 5.35
N GLU A 39 -1.70 7.60 4.30
CA GLU A 39 -2.80 6.65 4.44
C GLU A 39 -2.28 5.26 4.79
N LEU A 40 -1.27 4.82 4.04
CA LEU A 40 -0.68 3.50 4.27
C LEU A 40 -0.12 3.38 5.68
N ILE A 41 0.65 4.39 6.09
CA ILE A 41 1.25 4.38 7.42
C ILE A 41 0.17 4.41 8.50
N LYS A 42 -0.92 5.13 8.23
CA LYS A 42 -2.02 5.23 9.18
C LYS A 42 -2.69 3.87 9.39
N PHE A 43 -2.68 3.04 8.34
CA PHE A 43 -3.28 1.72 8.41
C PHE A 43 -2.42 0.78 9.24
N ALA A 44 -1.13 0.74 8.94
CA ALA A 44 -0.19 -0.12 9.66
C ALA A 44 -0.10 0.27 11.12
N LYS A 45 -0.15 1.56 11.39
CA LYS A 45 -0.07 2.07 12.76
C LYS A 45 -1.22 1.53 13.61
N SER A 46 -2.44 1.63 13.08
CA SER A 46 -3.62 1.15 13.78
C SER A 46 -3.51 -0.35 14.07
N ARG A 47 -2.84 -1.07 13.17
CA ARG A 47 -2.66 -2.51 13.33
C ARG A 47 -1.53 -2.82 14.32
N GLU A 48 -0.80 -1.80 14.73
CA GLU A 48 0.31 -1.98 15.66
C GLU A 48 1.38 -2.91 15.09
N THR A 49 1.77 -2.64 13.85
CA THR A 49 2.78 -3.44 13.17
C THR A 49 3.37 -2.71 11.97
N PHE A 50 4.62 -2.29 12.09
CA PHE A 50 5.30 -1.56 11.02
C PHE A 50 5.50 -2.46 9.80
N ILE A 51 5.51 -3.78 10.02
CA ILE A 51 5.71 -4.73 8.95
C ILE A 51 4.49 -4.76 8.02
N ILE A 52 4.68 -4.32 6.79
CA ILE A 52 3.61 -4.30 5.81
C ILE A 52 3.70 -5.49 4.87
N ASP A 53 2.89 -6.52 5.13
CA ASP A 53 2.89 -7.73 4.30
C ASP A 53 1.69 -7.72 3.36
N ASP A 54 1.53 -8.81 2.62
CA ASP A 54 0.42 -8.95 1.68
C ASP A 54 -0.92 -8.89 2.40
N GLU A 55 -0.95 -9.42 3.61
CA GLU A 55 -2.17 -9.42 4.41
C GLU A 55 -2.64 -8.00 4.69
N ILE A 56 -1.70 -7.12 4.99
CA ILE A 56 -2.02 -5.73 5.28
C ILE A 56 -2.38 -4.96 4.00
N ALA A 57 -1.69 -5.29 2.91
CA ALA A 57 -1.94 -4.64 1.63
C ALA A 57 -3.34 -4.96 1.11
N ASN A 58 -3.74 -6.22 1.24
CA ASN A 58 -5.06 -6.65 0.79
C ASN A 58 -6.16 -5.98 1.60
N GLU A 59 -6.08 -6.10 2.92
CA GLU A 59 -7.07 -5.50 3.80
C GLU A 59 -7.10 -3.99 3.63
N PHE A 60 -5.96 -3.40 3.30
CA PHE A 60 -5.87 -1.95 3.11
C PHE A 60 -6.76 -1.50 1.97
N LEU A 61 -6.53 -2.05 0.78
CA LEU A 61 -7.32 -1.70 -0.40
C LEU A 61 -8.81 -1.99 -0.16
N LYS A 62 -9.08 -3.03 0.63
CA LYS A 62 -10.45 -3.41 0.93
C LYS A 62 -11.10 -2.42 1.92
N SER A 63 -10.26 -1.78 2.73
CA SER A 63 -10.75 -0.82 3.71
C SER A 63 -10.92 0.56 3.09
N ILE A 64 -10.13 0.85 2.06
CA ILE A 64 -10.20 2.15 1.38
C ILE A 64 -11.11 2.09 0.16
N GLY A 65 -12.06 1.16 0.18
CA GLY A 65 -12.97 1.03 -0.94
C GLY A 65 -12.27 0.86 -2.27
N ALA A 66 -11.17 0.12 -2.26
CA ALA A 66 -10.39 -0.12 -3.47
C ALA A 66 -10.57 -1.55 -3.96
N GLU A 67 -10.05 -1.83 -5.15
CA GLU A 67 -10.15 -3.17 -5.73
C GLU A 67 -11.60 -3.57 -5.92
N VAL A 68 -12.19 -3.15 -7.04
CA VAL A 68 -13.59 -3.47 -7.34
C VAL A 68 -13.81 -4.98 -7.39
N GLU A 69 -12.79 -5.71 -7.83
CA GLU A 69 -12.88 -7.16 -7.92
C GLU A 69 -11.60 -7.82 -7.38
N LEU A 70 -11.71 -9.09 -7.03
CA LEU A 70 -10.58 -9.84 -6.49
C LEU A 70 -10.75 -11.34 -6.73
N PRO A 71 -10.34 -11.83 -7.91
CA PRO A 71 -10.45 -13.25 -8.26
C PRO A 71 -9.83 -14.15 -7.20
N GLN A 72 -10.58 -15.17 -6.79
CA GLN A 72 -10.11 -16.11 -5.77
C GLN A 72 -10.84 -17.45 -5.88
N GLU A 73 -10.08 -18.52 -5.98
CA GLU A 73 -10.66 -19.86 -6.09
C GLU A 73 -11.54 -19.97 -7.33
N ILE A 74 -12.16 -21.14 -7.51
CA ILE A 74 -13.03 -21.37 -8.65
C ILE A 74 -14.45 -20.91 -8.36
N LYS A 75 -15.31 -20.98 -9.37
CA LYS A 75 -16.70 -20.58 -9.22
C LYS A 75 -17.41 -21.43 -8.19
N MET A 4 11.59 7.57 -8.92
CA MET A 4 11.36 6.11 -8.82
C MET A 4 11.64 5.61 -7.40
N ASP A 5 10.95 4.53 -7.00
CA ASP A 5 11.13 3.96 -5.68
C ASP A 5 10.77 4.97 -4.60
N GLU A 6 9.79 5.83 -4.90
CA GLU A 6 9.36 6.85 -3.95
C GLU A 6 8.56 6.22 -2.81
N PHE A 7 7.85 5.14 -3.11
CA PHE A 7 7.05 4.44 -2.12
C PHE A 7 7.92 3.84 -1.04
N VAL A 8 8.99 3.17 -1.46
CA VAL A 8 9.91 2.53 -0.52
C VAL A 8 10.72 3.58 0.25
N LYS A 9 11.05 4.68 -0.43
CA LYS A 9 11.81 5.75 0.20
C LYS A 9 11.00 6.44 1.28
N GLY A 10 9.71 6.63 1.04
CA GLY A 10 8.85 7.28 2.00
C GLY A 10 8.53 6.38 3.18
N LEU A 11 8.54 5.07 2.95
CA LEU A 11 8.25 4.11 4.01
C LEU A 11 9.48 3.87 4.88
N MET A 12 10.63 3.64 4.25
CA MET A 12 11.87 3.40 4.96
C MET A 12 12.19 4.56 5.91
N LYS A 13 11.74 5.75 5.54
CA LYS A 13 11.98 6.94 6.37
C LYS A 13 11.35 6.78 7.75
N ASN A 14 10.24 6.05 7.81
CA ASN A 14 9.56 5.83 9.08
C ASN A 14 9.86 4.44 9.63
N GLY A 15 11.03 3.91 9.28
CA GLY A 15 11.42 2.59 9.74
C GLY A 15 10.41 1.52 9.38
N TYR A 16 9.78 1.67 8.22
CA TYR A 16 8.79 0.71 7.75
C TYR A 16 9.39 -0.22 6.71
N LEU A 17 8.74 -1.37 6.49
CA LEU A 17 9.20 -2.34 5.52
C LEU A 17 8.05 -2.86 4.68
N ILE A 18 8.37 -3.68 3.67
CA ILE A 18 7.35 -4.25 2.81
C ILE A 18 7.92 -5.41 1.98
N THR A 19 7.10 -6.41 1.74
CA THR A 19 7.52 -7.58 0.96
C THR A 19 7.30 -7.36 -0.52
N PRO A 20 8.12 -8.01 -1.38
CA PRO A 20 8.01 -7.87 -2.83
C PRO A 20 6.59 -8.13 -3.33
N SER A 21 5.85 -8.95 -2.60
CA SER A 21 4.47 -9.27 -2.97
C SER A 21 3.58 -8.05 -2.89
N ALA A 22 3.68 -7.32 -1.77
CA ALA A 22 2.89 -6.12 -1.57
C ALA A 22 3.49 -4.92 -2.30
N TYR A 23 4.81 -4.92 -2.44
CA TYR A 23 5.50 -3.84 -3.12
C TYR A 23 5.03 -3.71 -4.56
N TYR A 24 5.06 -4.82 -5.29
CA TYR A 24 4.64 -4.84 -6.69
C TYR A 24 3.22 -4.30 -6.85
N LEU A 25 2.43 -4.39 -5.78
CA LEU A 25 1.06 -3.91 -5.81
C LEU A 25 0.96 -2.47 -5.34
N LEU A 26 1.43 -2.22 -4.12
CA LEU A 26 1.40 -0.87 -3.55
C LEU A 26 2.19 0.12 -4.41
N VAL A 27 3.21 -0.39 -5.09
CA VAL A 27 4.04 0.44 -5.95
C VAL A 27 3.20 1.14 -7.02
N GLY A 28 2.30 0.38 -7.62
CA GLY A 28 1.44 0.93 -8.66
C GLY A 28 0.27 1.71 -8.09
N HIS A 29 -0.26 1.24 -6.97
CA HIS A 29 -1.39 1.90 -6.33
C HIS A 29 -0.97 3.24 -5.73
N PHE A 30 0.33 3.42 -5.51
CA PHE A 30 0.85 4.65 -4.94
C PHE A 30 1.32 5.60 -6.04
N ASN A 31 2.03 5.05 -7.02
CA ASN A 31 2.53 5.85 -8.14
C ASN A 31 1.39 6.46 -8.93
N GLU A 32 0.35 5.68 -9.17
CA GLU A 32 -0.81 6.14 -9.91
C GLU A 32 -1.47 7.32 -9.22
N GLY A 33 -1.39 7.33 -7.89
CA GLY A 33 -1.98 8.41 -7.12
C GLY A 33 -3.33 8.05 -6.53
N LYS A 34 -3.52 6.76 -6.28
CA LYS A 34 -4.78 6.28 -5.70
C LYS A 34 -4.84 6.56 -4.21
N PHE A 35 -3.83 6.09 -3.48
CA PHE A 35 -3.78 6.29 -2.04
C PHE A 35 -2.56 7.14 -1.65
N SER A 36 -2.54 7.60 -0.41
CA SER A 36 -1.44 8.43 0.09
C SER A 36 -0.67 7.71 1.19
N LEU A 37 0.58 8.09 1.38
CA LEU A 37 1.42 7.49 2.40
C LEU A 37 0.82 7.69 3.79
N ILE A 38 0.26 8.87 4.02
CA ILE A 38 -0.35 9.19 5.31
C ILE A 38 -1.49 8.22 5.63
N GLU A 39 -2.14 7.73 4.59
CA GLU A 39 -3.26 6.79 4.75
C GLU A 39 -2.73 5.38 5.05
N LEU A 40 -1.68 5.00 4.36
CA LEU A 40 -1.08 3.67 4.54
C LEU A 40 -0.49 3.53 5.94
N ILE A 41 0.24 4.56 6.37
CA ILE A 41 0.87 4.56 7.69
C ILE A 41 -0.19 4.56 8.79
N LYS A 42 -1.28 5.27 8.55
CA LYS A 42 -2.37 5.35 9.52
C LYS A 42 -3.01 3.97 9.75
N PHE A 43 -2.98 3.14 8.71
CA PHE A 43 -3.56 1.81 8.79
C PHE A 43 -2.59 0.85 9.47
N ALA A 44 -1.30 1.10 9.31
CA ALA A 44 -0.27 0.25 9.91
C ALA A 44 -0.05 0.61 11.37
N LYS A 45 0.10 1.90 11.65
CA LYS A 45 0.32 2.37 13.01
C LYS A 45 -0.84 1.97 13.92
N SER A 46 -2.06 2.11 13.42
CA SER A 46 -3.25 1.76 14.19
C SER A 46 -3.34 0.25 14.38
N ARG A 47 -2.82 -0.50 13.41
CA ARG A 47 -2.84 -1.95 13.48
C ARG A 47 -1.68 -2.49 14.31
N GLU A 48 -0.77 -1.61 14.71
CA GLU A 48 0.38 -2.00 15.51
C GLU A 48 1.26 -2.98 14.75
N THR A 49 1.81 -2.53 13.63
CA THR A 49 2.67 -3.36 12.80
C THR A 49 3.49 -2.51 11.84
N PHE A 50 4.74 -2.90 11.62
CA PHE A 50 5.63 -2.18 10.71
C PHE A 50 5.90 -3.00 9.45
N ILE A 51 5.81 -4.31 9.57
CA ILE A 51 6.05 -5.19 8.43
C ILE A 51 4.85 -5.22 7.50
N ILE A 52 4.85 -4.31 6.52
CA ILE A 52 3.76 -4.23 5.55
C ILE A 52 3.78 -5.41 4.60
N ASP A 53 3.04 -6.47 4.95
CA ASP A 53 2.98 -7.66 4.12
C ASP A 53 1.71 -7.67 3.26
N ASP A 54 1.51 -8.76 2.53
CA ASP A 54 0.34 -8.88 1.67
C ASP A 54 -0.95 -8.79 2.48
N GLU A 55 -0.92 -9.32 3.69
CA GLU A 55 -2.09 -9.29 4.57
C GLU A 55 -2.53 -7.86 4.86
N ILE A 56 -1.55 -6.97 5.01
CA ILE A 56 -1.84 -5.57 5.29
C ILE A 56 -2.33 -4.85 4.03
N ALA A 57 -1.62 -5.07 2.93
CA ALA A 57 -1.98 -4.43 1.66
C ALA A 57 -3.35 -4.90 1.18
N ASN A 58 -3.70 -6.15 1.53
CA ASN A 58 -4.98 -6.72 1.13
C ASN A 58 -6.13 -6.00 1.83
N GLU A 59 -6.15 -6.09 3.16
CA GLU A 59 -7.19 -5.46 3.95
C GLU A 59 -7.20 -3.95 3.73
N PHE A 60 -6.02 -3.40 3.47
CA PHE A 60 -5.90 -1.95 3.24
C PHE A 60 -6.74 -1.51 2.06
N LEU A 61 -6.40 -2.00 0.88
CA LEU A 61 -7.13 -1.66 -0.34
C LEU A 61 -8.59 -2.10 -0.25
N LYS A 62 -8.82 -3.19 0.47
CA LYS A 62 -10.18 -3.72 0.64
C LYS A 62 -11.00 -2.82 1.55
N SER A 63 -10.33 -2.20 2.53
CA SER A 63 -11.00 -1.30 3.46
C SER A 63 -11.41 0.00 2.78
N ILE A 64 -10.45 0.63 2.11
CA ILE A 64 -10.71 1.89 1.41
C ILE A 64 -11.70 1.69 0.27
N GLY A 65 -11.68 0.50 -0.32
CA GLY A 65 -12.59 0.20 -1.42
C GLY A 65 -12.00 0.56 -2.77
N ALA A 66 -10.70 0.31 -2.93
CA ALA A 66 -10.01 0.61 -4.18
C ALA A 66 -9.31 -0.63 -4.73
N GLU A 67 -9.42 -0.84 -6.03
CA GLU A 67 -8.80 -1.98 -6.68
C GLU A 67 -8.96 -1.90 -8.20
N VAL A 68 -7.94 -1.37 -8.87
CA VAL A 68 -7.97 -1.24 -10.32
C VAL A 68 -6.61 -1.57 -10.93
N GLU A 69 -6.63 -2.15 -12.12
CA GLU A 69 -5.39 -2.52 -12.82
C GLU A 69 -5.36 -1.91 -14.22
N LEU A 70 -4.24 -1.30 -14.56
CA LEU A 70 -4.08 -0.67 -15.87
C LEU A 70 -3.48 -1.66 -16.87
N PRO A 71 -3.68 -1.43 -18.18
CA PRO A 71 -3.15 -2.30 -19.24
C PRO A 71 -1.66 -2.56 -19.07
N GLN A 72 -1.29 -3.84 -18.99
CA GLN A 72 0.11 -4.23 -18.84
C GLN A 72 0.88 -4.00 -20.14
N GLU A 73 0.38 -4.58 -21.22
CA GLU A 73 1.03 -4.44 -22.52
C GLU A 73 0.54 -3.18 -23.24
N ILE A 74 1.43 -2.57 -24.02
CA ILE A 74 1.10 -1.36 -24.76
C ILE A 74 0.78 -0.21 -23.82
N LYS A 75 1.30 0.97 -24.13
CA LYS A 75 1.08 2.15 -23.30
C LYS A 75 0.64 3.34 -24.16
N MET A 4 11.94 8.96 -7.61
CA MET A 4 11.83 7.52 -7.92
C MET A 4 11.93 6.67 -6.65
N ASP A 5 11.10 5.64 -6.58
CA ASP A 5 11.09 4.74 -5.43
C ASP A 5 10.73 5.51 -4.16
N GLU A 6 9.87 6.51 -4.30
CA GLU A 6 9.44 7.33 -3.16
C GLU A 6 8.64 6.49 -2.17
N PHE A 7 7.97 5.46 -2.68
CA PHE A 7 7.16 4.59 -1.84
C PHE A 7 8.03 3.81 -0.84
N VAL A 8 8.92 2.98 -1.39
CA VAL A 8 9.81 2.18 -0.56
C VAL A 8 10.69 3.07 0.33
N LYS A 9 11.16 4.17 -0.24
CA LYS A 9 12.00 5.10 0.49
C LYS A 9 11.20 5.86 1.55
N GLY A 10 10.00 6.27 1.17
CA GLY A 10 9.14 7.01 2.09
C GLY A 10 8.77 6.20 3.31
N LEU A 11 8.63 4.88 3.13
CA LEU A 11 8.28 3.99 4.23
C LEU A 11 9.45 3.84 5.21
N MET A 12 10.64 3.62 4.66
CA MET A 12 11.84 3.45 5.47
C MET A 12 12.10 4.69 6.32
N LYS A 13 11.64 5.85 5.84
CA LYS A 13 11.83 7.10 6.55
C LYS A 13 11.23 7.03 7.95
N ASN A 14 10.15 6.27 8.09
CA ASN A 14 9.48 6.11 9.38
C ASN A 14 9.65 4.71 9.92
N GLY A 15 10.75 4.05 9.54
CA GLY A 15 11.01 2.70 10.00
C GLY A 15 9.89 1.75 9.66
N TYR A 16 9.61 1.59 8.37
CA TYR A 16 8.55 0.71 7.91
C TYR A 16 9.05 -0.21 6.79
N LEU A 17 8.85 -1.52 6.97
CA LEU A 17 9.28 -2.49 5.98
C LEU A 17 8.12 -2.88 5.06
N ILE A 18 8.42 -3.09 3.78
CA ILE A 18 7.40 -3.48 2.82
C ILE A 18 7.91 -4.60 1.91
N THR A 19 7.26 -5.76 1.99
CA THR A 19 7.64 -6.91 1.19
C THR A 19 7.45 -6.61 -0.30
N PRO A 20 8.26 -7.25 -1.17
CA PRO A 20 8.17 -7.06 -2.62
C PRO A 20 6.88 -7.62 -3.20
N SER A 21 6.33 -8.63 -2.54
CA SER A 21 5.09 -9.26 -3.00
C SER A 21 3.95 -8.27 -2.98
N ALA A 22 3.98 -7.34 -2.03
CA ALA A 22 2.94 -6.33 -1.90
C ALA A 22 3.29 -5.08 -2.70
N TYR A 23 4.58 -4.81 -2.84
CA TYR A 23 5.05 -3.65 -3.58
C TYR A 23 4.58 -3.69 -5.03
N TYR A 24 4.50 -4.90 -5.58
CA TYR A 24 4.05 -5.08 -6.96
C TYR A 24 2.61 -4.62 -7.14
N LEU A 25 1.83 -4.71 -6.06
CA LEU A 25 0.43 -4.30 -6.11
C LEU A 25 0.26 -2.88 -5.57
N LEU A 26 1.13 -2.49 -4.63
CA LEU A 26 1.06 -1.16 -4.04
C LEU A 26 1.75 -0.12 -4.93
N VAL A 27 2.76 -0.57 -5.67
CA VAL A 27 3.49 0.32 -6.56
C VAL A 27 2.57 0.95 -7.60
N GLY A 28 1.71 0.13 -8.19
CA GLY A 28 0.79 0.63 -9.19
C GLY A 28 -0.32 1.47 -8.60
N HIS A 29 -0.66 1.19 -7.34
CA HIS A 29 -1.72 1.94 -6.66
C HIS A 29 -1.18 3.24 -6.08
N PHE A 30 0.14 3.30 -5.88
CA PHE A 30 0.77 4.49 -5.33
C PHE A 30 1.19 5.46 -6.43
N ASN A 31 1.79 4.92 -7.48
CA ASN A 31 2.25 5.72 -8.61
C ASN A 31 1.06 6.38 -9.30
N GLU A 32 0.00 5.62 -9.53
CA GLU A 32 -1.19 6.15 -10.18
C GLU A 32 -1.78 7.31 -9.39
N GLY A 33 -1.61 7.28 -8.08
CA GLY A 33 -2.13 8.34 -7.24
C GLY A 33 -3.46 7.98 -6.60
N LYS A 34 -3.62 6.71 -6.26
CA LYS A 34 -4.85 6.23 -5.64
C LYS A 34 -4.82 6.46 -4.13
N PHE A 35 -3.82 5.89 -3.47
CA PHE A 35 -3.69 6.03 -2.02
C PHE A 35 -2.47 6.87 -1.67
N SER A 36 -2.55 7.59 -0.55
CA SER A 36 -1.45 8.43 -0.10
C SER A 36 -0.58 7.70 0.91
N LEU A 37 0.67 8.14 1.05
CA LEU A 37 1.59 7.53 2.00
C LEU A 37 1.05 7.59 3.42
N ILE A 38 0.55 8.76 3.81
CA ILE A 38 0.00 8.94 5.14
C ILE A 38 -1.11 7.93 5.44
N GLU A 39 -1.84 7.54 4.39
CA GLU A 39 -2.92 6.58 4.54
C GLU A 39 -2.37 5.19 4.87
N LEU A 40 -1.22 4.88 4.31
CA LEU A 40 -0.59 3.58 4.55
C LEU A 40 -0.02 3.51 5.97
N ILE A 41 0.62 4.59 6.40
CA ILE A 41 1.20 4.64 7.74
C ILE A 41 0.13 4.54 8.81
N LYS A 42 -1.05 5.11 8.53
CA LYS A 42 -2.16 5.08 9.46
C LYS A 42 -2.66 3.66 9.68
N PHE A 43 -2.71 2.88 8.59
CA PHE A 43 -3.17 1.51 8.65
C PHE A 43 -2.27 0.67 9.55
N ALA A 44 -0.96 0.78 9.33
CA ALA A 44 0.01 0.03 10.12
C ALA A 44 -0.04 0.44 11.59
N LYS A 45 -0.09 1.75 11.83
CA LYS A 45 -0.14 2.27 13.19
C LYS A 45 -1.38 1.76 13.92
N SER A 46 -2.46 1.57 13.17
CA SER A 46 -3.72 1.09 13.74
C SER A 46 -3.61 -0.37 14.14
N ARG A 47 -2.80 -1.12 13.40
CA ARG A 47 -2.61 -2.55 13.69
C ARG A 47 -1.44 -2.76 14.66
N GLU A 48 -0.70 -1.70 14.96
CA GLU A 48 0.43 -1.78 15.87
C GLU A 48 1.51 -2.71 15.30
N THR A 49 2.02 -2.37 14.13
CA THR A 49 3.05 -3.16 13.48
C THR A 49 3.72 -2.37 12.35
N PHE A 50 5.04 -2.43 12.30
CA PHE A 50 5.80 -1.73 11.27
C PHE A 50 6.18 -2.67 10.13
N ILE A 51 5.32 -3.66 9.87
CA ILE A 51 5.56 -4.63 8.81
C ILE A 51 4.38 -4.67 7.85
N ILE A 52 4.63 -4.29 6.59
CA ILE A 52 3.59 -4.30 5.57
C ILE A 52 3.72 -5.52 4.67
N ASP A 53 2.78 -6.46 4.81
CA ASP A 53 2.79 -7.67 4.01
C ASP A 53 1.53 -7.77 3.17
N ASP A 54 1.31 -8.93 2.55
CA ASP A 54 0.14 -9.15 1.72
C ASP A 54 -1.15 -8.96 2.52
N GLU A 55 -1.14 -9.43 3.76
CA GLU A 55 -2.31 -9.31 4.63
C GLU A 55 -2.69 -7.85 4.83
N ILE A 56 -1.68 -6.99 4.97
CA ILE A 56 -1.92 -5.57 5.17
C ILE A 56 -2.28 -4.88 3.86
N ALA A 57 -1.52 -5.19 2.81
CA ALA A 57 -1.77 -4.60 1.50
C ALA A 57 -3.17 -4.91 1.00
N ASN A 58 -3.57 -6.17 1.13
CA ASN A 58 -4.90 -6.60 0.70
C ASN A 58 -5.99 -5.90 1.50
N GLU A 59 -5.93 -6.03 2.83
CA GLU A 59 -6.91 -5.41 3.70
C GLU A 59 -6.90 -3.90 3.55
N PHE A 60 -5.73 -3.34 3.24
CA PHE A 60 -5.58 -1.91 3.06
C PHE A 60 -6.47 -1.41 1.92
N LEU A 61 -6.26 -1.97 0.73
CA LEU A 61 -7.03 -1.59 -0.44
C LEU A 61 -8.53 -1.78 -0.21
N LYS A 62 -8.89 -2.93 0.35
CA LYS A 62 -10.29 -3.24 0.63
C LYS A 62 -10.85 -2.30 1.71
N SER A 63 -9.97 -1.85 2.60
CA SER A 63 -10.37 -0.95 3.67
C SER A 63 -10.58 0.47 3.16
N ILE A 64 -9.59 0.99 2.44
CA ILE A 64 -9.66 2.33 1.88
C ILE A 64 -10.85 2.46 0.93
N GLY A 65 -11.20 1.37 0.27
CA GLY A 65 -12.31 1.38 -0.67
C GLY A 65 -11.85 1.37 -2.11
N ALA A 66 -10.72 0.73 -2.36
CA ALA A 66 -10.17 0.65 -3.72
C ALA A 66 -10.99 -0.29 -4.60
N GLU A 67 -11.77 0.28 -5.51
CA GLU A 67 -12.60 -0.52 -6.41
C GLU A 67 -12.97 0.30 -7.65
N VAL A 68 -13.26 -0.41 -8.74
CA VAL A 68 -13.65 0.24 -9.99
C VAL A 68 -15.16 0.26 -10.16
N GLU A 69 -15.88 0.33 -9.05
CA GLU A 69 -17.33 0.35 -9.08
C GLU A 69 -17.90 0.68 -7.70
N LEU A 70 -18.66 1.76 -7.62
CA LEU A 70 -19.27 2.17 -6.36
C LEU A 70 -20.77 2.44 -6.53
N PRO A 71 -21.54 1.40 -6.85
CA PRO A 71 -22.99 1.53 -7.05
C PRO A 71 -23.73 1.77 -5.74
N GLN A 72 -23.63 3.00 -5.23
CA GLN A 72 -24.29 3.37 -3.99
C GLN A 72 -24.75 4.82 -4.02
N GLU A 73 -25.53 5.22 -3.01
CA GLU A 73 -26.04 6.58 -2.93
C GLU A 73 -25.48 7.30 -1.72
N ILE A 74 -25.54 6.64 -0.56
CA ILE A 74 -25.03 7.22 0.68
C ILE A 74 -25.82 8.47 1.05
N LYS A 75 -25.91 8.74 2.35
CA LYS A 75 -26.63 9.90 2.85
C LYS A 75 -28.11 9.84 2.45
N MET A 4 13.06 8.32 -7.64
CA MET A 4 13.42 6.88 -7.82
C MET A 4 13.18 6.10 -6.53
N ASP A 5 12.16 5.24 -6.56
CA ASP A 5 11.81 4.42 -5.41
C ASP A 5 11.45 5.30 -4.22
N GLU A 6 10.39 6.08 -4.35
CA GLU A 6 9.94 6.96 -3.28
C GLU A 6 9.02 6.22 -2.32
N PHE A 7 8.26 5.26 -2.85
CA PHE A 7 7.33 4.49 -2.04
C PHE A 7 8.08 3.72 -0.95
N VAL A 8 9.14 3.03 -1.34
CA VAL A 8 9.95 2.25 -0.40
C VAL A 8 10.77 3.16 0.50
N LYS A 9 11.33 4.21 -0.09
CA LYS A 9 12.14 5.16 0.67
C LYS A 9 11.29 5.95 1.66
N GLY A 10 10.05 6.23 1.27
CA GLY A 10 9.16 6.97 2.13
C GLY A 10 8.79 6.20 3.38
N LEU A 11 8.63 4.89 3.24
CA LEU A 11 8.29 4.04 4.38
C LEU A 11 9.46 3.89 5.33
N MET A 12 10.63 3.57 4.77
CA MET A 12 11.83 3.39 5.58
C MET A 12 12.18 4.67 6.33
N LYS A 13 11.82 5.82 5.75
CA LYS A 13 12.10 7.10 6.37
C LYS A 13 11.42 7.20 7.74
N ASN A 14 10.19 6.71 7.82
CA ASN A 14 9.43 6.75 9.07
C ASN A 14 9.73 5.53 9.92
N GLY A 15 10.05 4.41 9.27
CA GLY A 15 10.37 3.19 9.99
C GLY A 15 9.41 2.06 9.64
N TYR A 16 9.09 1.93 8.36
CA TYR A 16 8.18 0.88 7.90
C TYR A 16 8.83 0.04 6.82
N LEU A 17 8.34 -1.19 6.66
CA LEU A 17 8.88 -2.10 5.65
C LEU A 17 7.76 -2.65 4.78
N ILE A 18 8.13 -3.20 3.63
CA ILE A 18 7.16 -3.77 2.71
C ILE A 18 7.72 -5.00 1.99
N THR A 19 6.84 -5.93 1.65
CA THR A 19 7.24 -7.15 0.97
C THR A 19 7.21 -6.98 -0.55
N PRO A 20 7.98 -7.80 -1.28
CA PRO A 20 8.03 -7.72 -2.75
C PRO A 20 6.69 -8.06 -3.40
N SER A 21 5.91 -8.91 -2.72
CA SER A 21 4.60 -9.31 -3.23
C SER A 21 3.59 -8.18 -3.10
N ALA A 22 3.75 -7.37 -2.06
CA ALA A 22 2.85 -6.25 -1.82
C ALA A 22 3.31 -5.00 -2.56
N TYR A 23 4.63 -4.87 -2.72
CA TYR A 23 5.20 -3.72 -3.42
C TYR A 23 4.74 -3.67 -4.86
N TYR A 24 4.66 -4.84 -5.50
CA TYR A 24 4.22 -4.91 -6.89
C TYR A 24 2.76 -4.47 -7.04
N LEU A 25 1.99 -4.66 -5.98
CA LEU A 25 0.58 -4.28 -5.99
C LEU A 25 0.38 -2.88 -5.44
N LEU A 26 1.25 -2.48 -4.52
CA LEU A 26 1.17 -1.15 -3.91
C LEU A 26 1.87 -0.11 -4.78
N VAL A 27 2.89 -0.54 -5.52
CA VAL A 27 3.63 0.37 -6.38
C VAL A 27 2.71 1.02 -7.42
N GLY A 28 1.84 0.22 -8.03
CA GLY A 28 0.93 0.74 -9.03
C GLY A 28 -0.18 1.56 -8.41
N HIS A 29 -0.68 1.13 -7.26
CA HIS A 29 -1.75 1.83 -6.56
C HIS A 29 -1.23 3.07 -5.86
N PHE A 30 0.09 3.19 -5.76
CA PHE A 30 0.71 4.34 -5.11
C PHE A 30 1.09 5.41 -6.12
N ASN A 31 1.86 5.03 -7.13
CA ASN A 31 2.29 5.95 -8.17
C ASN A 31 1.08 6.56 -8.88
N GLU A 32 0.03 5.77 -9.04
CA GLU A 32 -1.18 6.23 -9.70
C GLU A 32 -1.77 7.44 -8.98
N GLY A 33 -1.56 7.49 -7.67
CA GLY A 33 -2.08 8.60 -6.88
C GLY A 33 -3.38 8.26 -6.18
N LYS A 34 -3.57 6.98 -5.87
CA LYS A 34 -4.79 6.53 -5.20
C LYS A 34 -4.63 6.67 -3.68
N PHE A 35 -3.69 5.91 -3.11
CA PHE A 35 -3.46 5.96 -1.67
C PHE A 35 -2.16 6.67 -1.35
N SER A 36 -2.23 7.67 -0.47
CA SER A 36 -1.05 8.43 -0.07
C SER A 36 -0.26 7.70 1.01
N LEU A 37 0.97 8.14 1.24
CA LEU A 37 1.83 7.54 2.25
C LEU A 37 1.19 7.61 3.62
N ILE A 38 0.51 8.73 3.90
CA ILE A 38 -0.15 8.93 5.18
C ILE A 38 -1.19 7.85 5.44
N GLU A 39 -1.87 7.43 4.38
CA GLU A 39 -2.90 6.40 4.48
C GLU A 39 -2.28 5.04 4.78
N LEU A 40 -1.10 4.80 4.22
CA LEU A 40 -0.40 3.53 4.43
C LEU A 40 0.09 3.41 5.86
N ILE A 41 0.60 4.51 6.40
CA ILE A 41 1.09 4.53 7.78
C ILE A 41 -0.05 4.46 8.79
N LYS A 42 -1.18 5.04 8.41
CA LYS A 42 -2.36 5.04 9.28
C LYS A 42 -2.89 3.62 9.48
N PHE A 43 -2.97 2.87 8.39
CA PHE A 43 -3.46 1.50 8.44
C PHE A 43 -2.52 0.62 9.27
N ALA A 44 -1.23 0.94 9.23
CA ALA A 44 -0.24 0.17 9.97
C ALA A 44 -0.17 0.64 11.42
N LYS A 45 -0.37 1.94 11.64
CA LYS A 45 -0.33 2.51 12.97
C LYS A 45 -1.39 1.87 13.87
N SER A 46 -2.61 1.79 13.38
CA SER A 46 -3.71 1.20 14.13
C SER A 46 -3.40 -0.25 14.49
N ARG A 47 -2.66 -0.92 13.62
CA ARG A 47 -2.29 -2.32 13.85
C ARG A 47 -1.01 -2.42 14.66
N GLU A 48 -0.21 -1.35 14.66
CA GLU A 48 1.04 -1.33 15.40
C GLU A 48 2.04 -2.30 14.80
N THR A 49 2.09 -2.35 13.47
CA THR A 49 3.00 -3.24 12.76
C THR A 49 3.81 -2.48 11.73
N PHE A 50 5.13 -2.63 11.78
CA PHE A 50 6.01 -1.94 10.84
C PHE A 50 6.42 -2.88 9.70
N ILE A 51 5.54 -3.81 9.37
CA ILE A 51 5.82 -4.77 8.29
C ILE A 51 4.60 -4.95 7.39
N ILE A 52 4.48 -4.08 6.39
CA ILE A 52 3.36 -4.13 5.46
C ILE A 52 3.46 -5.35 4.56
N ASP A 53 2.81 -6.43 4.97
CA ASP A 53 2.82 -7.67 4.19
C ASP A 53 1.58 -7.77 3.31
N ASP A 54 1.41 -8.92 2.67
CA ASP A 54 0.27 -9.16 1.80
C ASP A 54 -1.04 -9.06 2.58
N GLU A 55 -0.99 -9.43 3.85
CA GLU A 55 -2.17 -9.37 4.71
C GLU A 55 -2.59 -7.93 4.97
N ILE A 56 -1.62 -7.05 5.14
CA ILE A 56 -1.89 -5.64 5.39
C ILE A 56 -2.28 -4.91 4.11
N ALA A 57 -1.57 -5.21 3.02
CA ALA A 57 -1.84 -4.58 1.73
C ALA A 57 -3.21 -4.98 1.21
N ASN A 58 -3.54 -6.27 1.31
CA ASN A 58 -4.82 -6.76 0.85
C ASN A 58 -5.97 -6.09 1.60
N GLU A 59 -5.96 -6.19 2.92
CA GLU A 59 -6.99 -5.59 3.75
C GLU A 59 -7.03 -4.08 3.57
N PHE A 60 -5.87 -3.49 3.27
CA PHE A 60 -5.76 -2.05 3.06
C PHE A 60 -6.60 -1.61 1.88
N LEU A 61 -6.30 -2.17 0.71
CA LEU A 61 -7.02 -1.82 -0.52
C LEU A 61 -8.52 -2.05 -0.34
N LYS A 62 -8.87 -3.09 0.41
CA LYS A 62 -10.28 -3.41 0.65
C LYS A 62 -10.89 -2.45 1.66
N SER A 63 -10.06 -1.92 2.56
CA SER A 63 -10.51 -0.99 3.58
C SER A 63 -10.74 0.40 2.98
N ILE A 64 -10.01 0.71 1.92
CA ILE A 64 -10.13 2.01 1.26
C ILE A 64 -11.05 1.94 0.05
N GLY A 65 -12.00 1.00 0.08
CA GLY A 65 -12.94 0.84 -1.02
C GLY A 65 -12.24 0.68 -2.36
N ALA A 66 -11.01 0.16 -2.33
CA ALA A 66 -10.25 -0.04 -3.55
C ALA A 66 -10.16 -1.53 -3.91
N GLU A 67 -11.32 -2.12 -4.19
CA GLU A 67 -11.38 -3.53 -4.55
C GLU A 67 -11.20 -3.73 -6.05
N VAL A 68 -10.08 -3.23 -6.57
CA VAL A 68 -9.79 -3.34 -7.99
C VAL A 68 -8.38 -3.89 -8.21
N GLU A 69 -8.30 -5.09 -8.78
CA GLU A 69 -7.01 -5.72 -9.04
C GLU A 69 -6.72 -5.74 -10.55
N LEU A 70 -6.81 -4.58 -11.18
CA LEU A 70 -6.55 -4.46 -12.61
C LEU A 70 -5.20 -3.81 -12.87
N PRO A 71 -4.13 -4.60 -13.06
CA PRO A 71 -2.79 -4.08 -13.32
C PRO A 71 -2.68 -3.42 -14.70
N GLN A 72 -2.24 -2.16 -14.71
CA GLN A 72 -2.10 -1.43 -15.96
C GLN A 72 -1.05 -0.31 -15.81
N GLU A 73 0.11 -0.51 -16.43
CA GLU A 73 1.18 0.48 -16.36
C GLU A 73 0.86 1.68 -17.25
N ILE A 74 0.29 2.72 -16.65
CA ILE A 74 -0.06 3.92 -17.38
C ILE A 74 1.19 4.64 -17.88
N LYS A 75 2.28 4.53 -17.13
CA LYS A 75 3.53 5.16 -17.50
C LYS A 75 4.72 4.32 -17.03
N MET A 4 12.09 6.01 -9.75
CA MET A 4 12.27 6.62 -8.41
C MET A 4 11.58 5.80 -7.33
N ASP A 5 12.37 5.25 -6.40
CA ASP A 5 11.84 4.44 -5.31
C ASP A 5 11.41 5.32 -4.15
N GLU A 6 10.44 6.20 -4.40
CA GLU A 6 9.94 7.10 -3.37
C GLU A 6 9.03 6.37 -2.40
N PHE A 7 8.36 5.32 -2.88
CA PHE A 7 7.47 4.53 -2.06
C PHE A 7 8.24 3.72 -1.02
N VAL A 8 9.15 2.88 -1.51
CA VAL A 8 9.96 2.05 -0.62
C VAL A 8 10.78 2.89 0.34
N LYS A 9 11.45 3.91 -0.21
CA LYS A 9 12.28 4.80 0.60
C LYS A 9 11.42 5.72 1.46
N GLY A 10 10.28 6.14 0.91
CA GLY A 10 9.39 7.02 1.64
C GLY A 10 8.90 6.39 2.93
N LEU A 11 8.70 5.08 2.92
CA LEU A 11 8.23 4.37 4.10
C LEU A 11 9.39 4.01 5.02
N MET A 12 10.53 3.69 4.43
CA MET A 12 11.72 3.33 5.19
C MET A 12 12.13 4.47 6.14
N LYS A 13 11.83 5.70 5.73
CA LYS A 13 12.17 6.87 6.52
C LYS A 13 11.41 6.86 7.86
N ASN A 14 10.21 6.29 7.83
CA ASN A 14 9.38 6.22 9.03
C ASN A 14 9.47 4.84 9.67
N GLY A 15 10.59 4.15 9.46
CA GLY A 15 10.77 2.83 10.03
C GLY A 15 9.69 1.85 9.58
N TYR A 16 9.43 1.82 8.27
CA TYR A 16 8.41 0.93 7.72
C TYR A 16 8.99 0.10 6.59
N LEU A 17 8.74 -1.21 6.64
CA LEU A 17 9.24 -2.12 5.62
C LEU A 17 8.09 -2.67 4.77
N ILE A 18 8.43 -3.36 3.69
CA ILE A 18 7.43 -3.93 2.80
C ILE A 18 8.03 -5.06 1.96
N THR A 19 7.25 -6.13 1.78
CA THR A 19 7.70 -7.27 1.00
C THR A 19 7.50 -7.04 -0.49
N PRO A 20 8.38 -7.62 -1.33
CA PRO A 20 8.30 -7.47 -2.79
C PRO A 20 6.92 -7.83 -3.33
N SER A 21 6.24 -8.74 -2.64
CA SER A 21 4.91 -9.18 -3.05
C SER A 21 3.89 -8.04 -2.89
N ALA A 22 4.00 -7.31 -1.79
CA ALA A 22 3.09 -6.19 -1.53
C ALA A 22 3.49 -4.95 -2.33
N TYR A 23 4.80 -4.76 -2.50
CA TYR A 23 5.30 -3.62 -3.25
C TYR A 23 4.81 -3.64 -4.69
N TYR A 24 4.88 -4.81 -5.32
CA TYR A 24 4.44 -4.97 -6.70
C TYR A 24 2.97 -4.61 -6.85
N LEU A 25 2.20 -4.80 -5.78
CA LEU A 25 0.77 -4.49 -5.80
C LEU A 25 0.51 -3.07 -5.32
N LEU A 26 1.29 -2.62 -4.34
CA LEU A 26 1.15 -1.28 -3.78
C LEU A 26 1.72 -0.24 -4.72
N VAL A 27 2.75 -0.61 -5.48
CA VAL A 27 3.39 0.29 -6.41
C VAL A 27 2.40 0.82 -7.44
N GLY A 28 1.38 0.02 -7.74
CA GLY A 28 0.37 0.42 -8.71
C GLY A 28 -0.64 1.38 -8.14
N HIS A 29 -1.06 1.13 -6.90
CA HIS A 29 -2.04 1.98 -6.24
C HIS A 29 -1.39 3.26 -5.71
N PHE A 30 -0.06 3.27 -5.63
CA PHE A 30 0.66 4.43 -5.14
C PHE A 30 1.07 5.34 -6.29
N ASN A 31 1.67 4.75 -7.32
CA ASN A 31 2.11 5.51 -8.48
C ASN A 31 0.92 6.18 -9.17
N GLU A 32 -0.21 5.47 -9.21
CA GLU A 32 -1.41 5.98 -9.84
C GLU A 32 -1.87 7.27 -9.17
N GLY A 33 -1.72 7.33 -7.86
CA GLY A 33 -2.12 8.52 -7.12
C GLY A 33 -3.44 8.33 -6.38
N LYS A 34 -3.67 7.11 -5.90
CA LYS A 34 -4.91 6.81 -5.18
C LYS A 34 -4.72 7.00 -3.68
N PHE A 35 -3.76 6.27 -3.11
CA PHE A 35 -3.49 6.36 -1.68
C PHE A 35 -2.17 7.09 -1.42
N SER A 36 -2.10 7.82 -0.31
CA SER A 36 -0.90 8.55 0.05
C SER A 36 -0.15 7.86 1.19
N LEU A 37 1.09 8.27 1.40
CA LEU A 37 1.91 7.69 2.46
C LEU A 37 1.27 7.92 3.83
N ILE A 38 0.65 9.08 3.99
CA ILE A 38 0.00 9.43 5.26
C ILE A 38 -1.09 8.42 5.60
N GLU A 39 -1.72 7.87 4.58
CA GLU A 39 -2.78 6.88 4.78
C GLU A 39 -2.21 5.49 5.05
N LEU A 40 -1.20 5.12 4.26
CA LEU A 40 -0.57 3.81 4.42
C LEU A 40 0.02 3.66 5.82
N ILE A 41 0.66 4.71 6.30
CA ILE A 41 1.28 4.69 7.63
C ILE A 41 0.21 4.66 8.73
N LYS A 42 -0.90 5.35 8.49
CA LYS A 42 -1.99 5.39 9.46
C LYS A 42 -2.66 4.02 9.60
N PHE A 43 -2.72 3.30 8.49
CA PHE A 43 -3.34 1.97 8.48
C PHE A 43 -2.55 0.99 9.34
N ALA A 44 -1.26 0.84 9.03
CA ALA A 44 -0.40 -0.06 9.77
C ALA A 44 -0.33 0.33 11.24
N LYS A 45 -0.45 1.64 11.52
CA LYS A 45 -0.40 2.14 12.88
C LYS A 45 -1.53 1.55 13.71
N SER A 46 -2.74 1.60 13.17
CA SER A 46 -3.92 1.08 13.87
C SER A 46 -3.75 -0.40 14.18
N ARG A 47 -3.02 -1.11 13.31
CA ARG A 47 -2.79 -2.54 13.49
C ARG A 47 -1.66 -2.79 14.50
N GLU A 48 -0.92 -1.74 14.85
CA GLU A 48 0.18 -1.87 15.79
C GLU A 48 1.31 -2.70 15.20
N THR A 49 1.55 -2.54 13.90
CA THR A 49 2.60 -3.28 13.23
C THR A 49 3.23 -2.44 12.13
N PHE A 50 4.55 -2.53 12.01
CA PHE A 50 5.29 -1.78 11.00
C PHE A 50 5.75 -2.69 9.86
N ILE A 51 4.98 -3.74 9.59
CA ILE A 51 5.30 -4.68 8.54
C ILE A 51 4.22 -4.71 7.46
N ILE A 52 4.50 -4.04 6.34
CA ILE A 52 3.54 -3.98 5.24
C ILE A 52 3.70 -5.19 4.31
N ASP A 53 2.86 -6.19 4.52
CA ASP A 53 2.90 -7.40 3.70
C ASP A 53 1.62 -7.56 2.91
N ASP A 54 1.49 -8.70 2.22
CA ASP A 54 0.30 -8.98 1.41
C ASP A 54 -0.96 -8.92 2.27
N GLU A 55 -0.82 -9.26 3.54
CA GLU A 55 -1.94 -9.25 4.47
C GLU A 55 -2.39 -7.82 4.78
N ILE A 56 -1.41 -6.94 5.00
CA ILE A 56 -1.69 -5.54 5.31
C ILE A 56 -2.08 -4.78 4.04
N ALA A 57 -1.52 -5.18 2.91
CA ALA A 57 -1.81 -4.53 1.63
C ALA A 57 -3.22 -4.88 1.15
N ASN A 58 -3.58 -6.16 1.27
CA ASN A 58 -4.89 -6.61 0.84
C ASN A 58 -5.99 -5.99 1.70
N GLU A 59 -5.80 -6.02 3.02
CA GLU A 59 -6.77 -5.46 3.95
C GLU A 59 -6.88 -3.95 3.76
N PHE A 60 -5.77 -3.32 3.40
CA PHE A 60 -5.73 -1.87 3.21
C PHE A 60 -6.58 -1.48 2.00
N LEU A 61 -6.22 -2.01 0.83
CA LEU A 61 -6.95 -1.70 -0.40
C LEU A 61 -8.39 -2.16 -0.30
N LYS A 62 -8.61 -3.24 0.44
CA LYS A 62 -9.96 -3.79 0.62
C LYS A 62 -10.77 -2.96 1.60
N SER A 63 -10.08 -2.37 2.58
CA SER A 63 -10.73 -1.54 3.59
C SER A 63 -11.09 -0.17 3.03
N ILE A 64 -10.13 0.45 2.34
CA ILE A 64 -10.34 1.77 1.77
C ILE A 64 -11.41 1.73 0.68
N GLY A 65 -11.54 0.57 0.03
CA GLY A 65 -12.53 0.42 -1.02
C GLY A 65 -11.94 0.68 -2.39
N ALA A 66 -10.74 0.16 -2.62
CA ALA A 66 -10.05 0.33 -3.90
C ALA A 66 -10.75 -0.46 -5.00
N GLU A 67 -11.62 0.20 -5.74
CA GLU A 67 -12.35 -0.45 -6.82
C GLU A 67 -12.55 0.50 -7.99
N VAL A 68 -11.63 0.46 -8.96
CA VAL A 68 -11.70 1.32 -10.14
C VAL A 68 -13.02 1.12 -10.89
N GLU A 69 -13.45 -0.13 -10.99
CA GLU A 69 -14.69 -0.46 -11.68
C GLU A 69 -14.66 0.06 -13.12
N LEU A 70 -14.28 -0.81 -14.04
CA LEU A 70 -14.22 -0.44 -15.45
C LEU A 70 -14.42 -1.67 -16.34
N PRO A 71 -15.05 -1.47 -17.52
CA PRO A 71 -15.31 -2.57 -18.46
C PRO A 71 -14.04 -3.04 -19.17
N GLN A 72 -14.13 -4.16 -19.86
CA GLN A 72 -13.00 -4.72 -20.59
C GLN A 72 -13.28 -4.80 -22.08
N GLU A 73 -13.16 -3.65 -22.75
CA GLU A 73 -13.41 -3.59 -24.19
C GLU A 73 -12.11 -3.39 -24.95
N ILE A 74 -11.68 -4.41 -25.68
CA ILE A 74 -10.46 -4.36 -26.47
C ILE A 74 -10.65 -4.94 -27.85
N LYS A 75 -11.83 -4.71 -28.42
CA LYS A 75 -12.15 -5.22 -29.75
C LYS A 75 -11.89 -4.17 -30.82
N MET A 4 14.13 4.83 -8.53
CA MET A 4 12.66 4.79 -8.42
C MET A 4 12.21 4.09 -7.14
N ASP A 5 12.68 4.59 -6.01
CA ASP A 5 12.34 4.01 -4.72
C ASP A 5 11.62 5.03 -3.84
N GLU A 6 10.82 5.88 -4.47
CA GLU A 6 10.08 6.91 -3.75
C GLU A 6 9.14 6.27 -2.72
N PHE A 7 8.50 5.18 -3.10
CA PHE A 7 7.58 4.48 -2.21
C PHE A 7 8.35 3.67 -1.17
N VAL A 8 9.36 2.94 -1.61
CA VAL A 8 10.18 2.13 -0.71
C VAL A 8 10.88 3.00 0.33
N LYS A 9 11.54 4.05 -0.14
CA LYS A 9 12.26 4.96 0.76
C LYS A 9 11.29 5.79 1.57
N GLY A 10 10.13 6.08 1.00
CA GLY A 10 9.12 6.87 1.68
C GLY A 10 8.69 6.25 2.99
N LEU A 11 8.58 4.92 3.00
CA LEU A 11 8.17 4.20 4.21
C LEU A 11 9.38 3.88 5.08
N MET A 12 10.48 3.51 4.44
CA MET A 12 11.71 3.17 5.17
C MET A 12 12.15 4.34 6.05
N LYS A 13 11.84 5.57 5.62
CA LYS A 13 12.21 6.76 6.37
C LYS A 13 11.46 6.83 7.68
N ASN A 14 10.23 6.30 7.69
CA ASN A 14 9.41 6.30 8.89
C ASN A 14 9.46 4.95 9.61
N GLY A 15 10.58 4.25 9.44
CA GLY A 15 10.75 2.95 10.08
C GLY A 15 9.65 1.97 9.68
N TYR A 16 9.50 1.78 8.38
CA TYR A 16 8.48 0.86 7.86
C TYR A 16 9.08 -0.06 6.79
N LEU A 17 8.61 -1.31 6.76
CA LEU A 17 9.09 -2.28 5.79
C LEU A 17 7.95 -2.79 4.92
N ILE A 18 8.29 -3.23 3.71
CA ILE A 18 7.29 -3.74 2.78
C ILE A 18 7.84 -4.93 1.98
N THR A 19 7.03 -5.96 1.82
CA THR A 19 7.43 -7.14 1.08
C THR A 19 7.31 -6.92 -0.42
N PRO A 20 8.19 -7.55 -1.21
CA PRO A 20 8.18 -7.41 -2.67
C PRO A 20 6.81 -7.70 -3.27
N SER A 21 6.10 -8.66 -2.69
CA SER A 21 4.77 -9.04 -3.16
C SER A 21 3.81 -7.86 -3.06
N ALA A 22 3.77 -7.23 -1.89
CA ALA A 22 2.89 -6.09 -1.66
C ALA A 22 3.36 -4.87 -2.45
N TYR A 23 4.67 -4.75 -2.64
CA TYR A 23 5.24 -3.64 -3.38
C TYR A 23 4.78 -3.65 -4.83
N TYR A 24 4.92 -4.82 -5.47
CA TYR A 24 4.52 -4.96 -6.87
C TYR A 24 3.07 -4.55 -7.08
N LEU A 25 2.27 -4.63 -6.02
CA LEU A 25 0.86 -4.26 -6.10
C LEU A 25 0.64 -2.82 -5.68
N LEU A 26 1.16 -2.46 -4.51
CA LEU A 26 1.02 -1.11 -3.98
C LEU A 26 1.75 -0.10 -4.86
N VAL A 27 2.82 -0.56 -5.51
CA VAL A 27 3.61 0.31 -6.38
C VAL A 27 2.73 0.94 -7.47
N GLY A 28 1.73 0.20 -7.92
CA GLY A 28 0.85 0.70 -8.95
C GLY A 28 -0.24 1.60 -8.41
N HIS A 29 -0.68 1.32 -7.19
CA HIS A 29 -1.72 2.11 -6.54
C HIS A 29 -1.14 3.37 -5.90
N PHE A 30 0.18 3.39 -5.71
CA PHE A 30 0.85 4.52 -5.10
C PHE A 30 1.27 5.54 -6.16
N ASN A 31 1.90 5.04 -7.23
CA ASN A 31 2.35 5.90 -8.30
C ASN A 31 1.18 6.61 -8.97
N GLU A 32 0.10 5.87 -9.19
CA GLU A 32 -1.09 6.42 -9.83
C GLU A 32 -1.64 7.60 -9.03
N GLY A 33 -1.41 7.58 -7.72
CA GLY A 33 -1.89 8.66 -6.87
C GLY A 33 -3.22 8.34 -6.23
N LYS A 34 -3.48 7.05 -6.00
CA LYS A 34 -4.73 6.62 -5.40
C LYS A 34 -4.69 6.77 -3.88
N PHE A 35 -3.73 6.09 -3.26
CA PHE A 35 -3.58 6.14 -1.80
C PHE A 35 -2.33 6.93 -1.42
N SER A 36 -2.48 7.82 -0.44
CA SER A 36 -1.35 8.64 0.02
C SER A 36 -0.59 7.93 1.14
N LEU A 37 0.64 8.37 1.39
CA LEU A 37 1.46 7.78 2.44
C LEU A 37 0.79 7.91 3.80
N ILE A 38 0.12 9.03 4.03
CA ILE A 38 -0.57 9.28 5.29
C ILE A 38 -1.64 8.22 5.54
N GLU A 39 -2.15 7.62 4.46
CA GLU A 39 -3.18 6.60 4.58
C GLU A 39 -2.56 5.23 4.86
N LEU A 40 -1.46 4.94 4.18
CA LEU A 40 -0.78 3.66 4.36
C LEU A 40 -0.20 3.55 5.77
N ILE A 41 0.36 4.65 6.27
CA ILE A 41 0.94 4.68 7.60
C ILE A 41 -0.15 4.63 8.68
N LYS A 42 -1.29 5.24 8.38
CA LYS A 42 -2.42 5.26 9.31
C LYS A 42 -2.92 3.86 9.60
N PHE A 43 -2.93 3.02 8.58
CA PHE A 43 -3.39 1.64 8.73
C PHE A 43 -2.43 0.83 9.59
N ALA A 44 -1.14 0.95 9.31
CA ALA A 44 -0.12 0.23 10.06
C ALA A 44 -0.10 0.69 11.52
N LYS A 45 -0.20 2.00 11.72
CA LYS A 45 -0.19 2.58 13.06
C LYS A 45 -1.28 1.96 13.93
N SER A 46 -2.51 2.03 13.46
CA SER A 46 -3.66 1.48 14.19
C SER A 46 -3.55 -0.03 14.31
N ARG A 47 -2.86 -0.65 13.35
CA ARG A 47 -2.69 -2.09 13.34
C ARG A 47 -1.52 -2.52 14.22
N GLU A 48 -0.61 -1.58 14.48
CA GLU A 48 0.56 -1.86 15.30
C GLU A 48 1.45 -2.91 14.64
N THR A 49 1.92 -2.61 13.44
CA THR A 49 2.79 -3.54 12.71
C THR A 49 3.45 -2.84 11.52
N PHE A 50 4.74 -2.55 11.65
CA PHE A 50 5.50 -1.89 10.59
C PHE A 50 5.67 -2.82 9.39
N ILE A 51 5.61 -4.13 9.63
CA ILE A 51 5.77 -5.11 8.57
C ILE A 51 4.58 -5.09 7.62
N ILE A 52 4.72 -4.37 6.51
CA ILE A 52 3.66 -4.27 5.53
C ILE A 52 3.69 -5.45 4.56
N ASP A 53 3.01 -6.53 4.93
CA ASP A 53 2.97 -7.73 4.10
C ASP A 53 1.69 -7.76 3.26
N ASP A 54 1.47 -8.87 2.56
CA ASP A 54 0.30 -9.02 1.72
C ASP A 54 -0.98 -8.92 2.54
N GLU A 55 -0.95 -9.47 3.74
CA GLU A 55 -2.10 -9.44 4.64
C GLU A 55 -2.49 -8.01 4.97
N ILE A 56 -1.48 -7.16 5.17
CA ILE A 56 -1.71 -5.76 5.50
C ILE A 56 -2.19 -4.98 4.28
N ALA A 57 -1.58 -5.24 3.14
CA ALA A 57 -1.94 -4.58 1.89
C ALA A 57 -3.36 -4.96 1.46
N ASN A 58 -3.68 -6.24 1.60
CA ASN A 58 -5.00 -6.73 1.21
C ASN A 58 -6.09 -6.07 2.05
N GLU A 59 -5.92 -6.12 3.37
CA GLU A 59 -6.90 -5.53 4.28
C GLU A 59 -7.01 -4.02 4.05
N PHE A 60 -5.88 -3.39 3.70
CA PHE A 60 -5.86 -1.96 3.45
C PHE A 60 -6.63 -1.61 2.19
N LEU A 61 -6.23 -2.21 1.07
CA LEU A 61 -6.89 -1.96 -0.21
C LEU A 61 -8.37 -2.35 -0.14
N LYS A 62 -8.67 -3.36 0.65
CA LYS A 62 -10.05 -3.83 0.80
C LYS A 62 -10.86 -2.87 1.66
N SER A 63 -10.19 -2.22 2.60
CA SER A 63 -10.84 -1.26 3.49
C SER A 63 -11.12 0.06 2.77
N ILE A 64 -10.10 0.58 2.10
CA ILE A 64 -10.25 1.84 1.37
C ILE A 64 -11.21 1.69 0.20
N GLY A 65 -11.26 0.49 -0.37
CA GLY A 65 -12.15 0.24 -1.49
C GLY A 65 -11.47 0.51 -2.82
N ALA A 66 -10.25 0.02 -2.98
CA ALA A 66 -9.50 0.23 -4.22
C ALA A 66 -10.06 -0.64 -5.34
N GLU A 67 -11.30 -0.35 -5.74
CA GLU A 67 -11.94 -1.10 -6.80
C GLU A 67 -12.99 -0.23 -7.51
N VAL A 68 -12.53 0.75 -8.27
CA VAL A 68 -13.43 1.64 -9.00
C VAL A 68 -13.08 1.68 -10.48
N GLU A 69 -14.01 1.19 -11.30
CA GLU A 69 -13.81 1.17 -12.75
C GLU A 69 -14.75 2.16 -13.44
N LEU A 70 -15.94 2.34 -12.88
CA LEU A 70 -16.93 3.26 -13.43
C LEU A 70 -17.71 3.94 -12.33
N PRO A 71 -17.36 5.20 -11.98
CA PRO A 71 -18.05 5.95 -10.93
C PRO A 71 -19.47 6.34 -11.33
N GLN A 72 -19.70 6.45 -12.64
CA GLN A 72 -21.01 6.83 -13.15
C GLN A 72 -22.07 5.81 -12.73
N GLU A 73 -21.86 4.56 -13.12
CA GLU A 73 -22.80 3.48 -12.78
C GLU A 73 -22.72 3.15 -11.30
N ILE A 74 -21.57 2.67 -10.87
CA ILE A 74 -21.36 2.30 -9.46
C ILE A 74 -20.58 3.38 -8.73
N LYS A 75 -20.79 3.47 -7.42
CA LYS A 75 -20.10 4.46 -6.60
C LYS A 75 -18.91 3.84 -5.88
N MET A 4 12.52 7.51 -8.23
CA MET A 4 11.97 6.28 -8.86
C MET A 4 11.37 5.35 -7.81
N ASP A 5 11.98 5.33 -6.62
CA ASP A 5 11.50 4.50 -5.53
C ASP A 5 11.18 5.33 -4.30
N GLU A 6 10.28 6.30 -4.46
CA GLU A 6 9.89 7.17 -3.36
C GLU A 6 9.00 6.42 -2.37
N PHE A 7 8.24 5.46 -2.87
CA PHE A 7 7.34 4.67 -2.03
C PHE A 7 8.11 3.97 -0.91
N VAL A 8 8.98 3.05 -1.29
CA VAL A 8 9.78 2.31 -0.32
C VAL A 8 10.62 3.25 0.55
N LYS A 9 11.09 4.33 -0.06
CA LYS A 9 11.89 5.33 0.65
C LYS A 9 11.06 6.08 1.68
N GLY A 10 9.78 6.25 1.38
CA GLY A 10 8.90 6.94 2.30
C GLY A 10 8.52 6.11 3.51
N LEU A 11 8.51 4.80 3.34
CA LEU A 11 8.16 3.89 4.42
C LEU A 11 9.31 3.77 5.42
N MET A 12 10.51 3.55 4.92
CA MET A 12 11.69 3.42 5.76
C MET A 12 11.90 4.67 6.61
N LYS A 13 11.45 5.81 6.09
CA LYS A 13 11.58 7.07 6.80
C LYS A 13 10.89 7.01 8.17
N ASN A 14 9.83 6.22 8.24
CA ASN A 14 9.07 6.08 9.49
C ASN A 14 9.22 4.66 10.05
N GLY A 15 10.36 4.03 9.77
CA GLY A 15 10.60 2.68 10.26
C GLY A 15 9.55 1.70 9.78
N TYR A 16 9.40 1.57 8.47
CA TYR A 16 8.42 0.66 7.90
C TYR A 16 9.02 -0.11 6.72
N LEU A 17 8.66 -1.38 6.61
CA LEU A 17 9.16 -2.23 5.53
C LEU A 17 8.01 -2.71 4.64
N ILE A 18 8.37 -3.32 3.52
CA ILE A 18 7.37 -3.82 2.58
C ILE A 18 7.92 -4.99 1.76
N THR A 19 7.17 -6.08 1.72
CA THR A 19 7.57 -7.26 0.97
C THR A 19 7.41 -7.05 -0.53
N PRO A 20 8.15 -7.82 -1.35
CA PRO A 20 8.09 -7.71 -2.81
C PRO A 20 6.70 -8.05 -3.36
N SER A 21 5.98 -8.90 -2.63
CA SER A 21 4.64 -9.31 -3.05
C SER A 21 3.64 -8.17 -2.84
N ALA A 22 3.89 -7.33 -1.84
CA ALA A 22 3.01 -6.20 -1.55
C ALA A 22 3.43 -4.97 -2.35
N TYR A 23 4.73 -4.83 -2.59
CA TYR A 23 5.24 -3.69 -3.34
C TYR A 23 4.71 -3.69 -4.76
N TYR A 24 4.75 -4.85 -5.41
CA TYR A 24 4.26 -4.97 -6.77
C TYR A 24 2.79 -4.58 -6.88
N LEU A 25 2.06 -4.72 -5.77
CA LEU A 25 0.64 -4.38 -5.74
C LEU A 25 0.44 -2.93 -5.31
N LEU A 26 1.12 -2.54 -4.23
CA LEU A 26 1.01 -1.18 -3.71
C LEU A 26 1.64 -0.17 -4.67
N VAL A 27 2.66 -0.62 -5.40
CA VAL A 27 3.35 0.24 -6.35
C VAL A 27 2.39 0.81 -7.39
N GLY A 28 1.53 -0.06 -7.92
CA GLY A 28 0.57 0.37 -8.92
C GLY A 28 -0.46 1.34 -8.36
N HIS A 29 -1.00 1.02 -7.19
CA HIS A 29 -1.99 1.86 -6.54
C HIS A 29 -1.38 3.18 -6.06
N PHE A 30 -0.06 3.22 -5.99
CA PHE A 30 0.65 4.41 -5.53
C PHE A 30 1.15 5.23 -6.73
N ASN A 31 1.65 4.55 -7.74
CA ASN A 31 2.15 5.22 -8.93
C ASN A 31 1.07 6.06 -9.59
N GLU A 32 -0.15 5.53 -9.61
CA GLU A 32 -1.28 6.24 -10.21
C GLU A 32 -1.70 7.42 -9.34
N GLY A 33 -1.47 7.31 -8.03
CA GLY A 33 -1.83 8.38 -7.12
C GLY A 33 -3.19 8.15 -6.47
N LYS A 34 -3.50 6.89 -6.20
CA LYS A 34 -4.77 6.54 -5.56
C LYS A 34 -4.70 6.75 -4.05
N PHE A 35 -3.78 6.03 -3.40
CA PHE A 35 -3.62 6.14 -1.95
C PHE A 35 -2.36 6.93 -1.61
N SER A 36 -2.42 7.67 -0.51
CA SER A 36 -1.28 8.46 -0.05
C SER A 36 -0.41 7.68 0.92
N LEU A 37 0.87 8.03 0.99
CA LEU A 37 1.79 7.36 1.89
C LEU A 37 1.34 7.51 3.34
N ILE A 38 0.92 8.72 3.70
CA ILE A 38 0.47 9.00 5.07
C ILE A 38 -0.70 8.09 5.44
N GLU A 39 -1.54 7.76 4.46
CA GLU A 39 -2.69 6.90 4.69
C GLU A 39 -2.26 5.47 4.96
N LEU A 40 -1.18 5.05 4.32
CA LEU A 40 -0.66 3.70 4.49
C LEU A 40 -0.02 3.53 5.87
N ILE A 41 0.62 4.58 6.34
CA ILE A 41 1.28 4.55 7.65
C ILE A 41 0.25 4.55 8.78
N LYS A 42 -0.86 5.23 8.55
CA LYS A 42 -1.92 5.31 9.55
C LYS A 42 -2.59 3.95 9.74
N PHE A 43 -2.74 3.21 8.65
CA PHE A 43 -3.37 1.90 8.69
C PHE A 43 -2.53 0.93 9.52
N ALA A 44 -1.21 0.99 9.34
CA ALA A 44 -0.30 0.11 10.05
C ALA A 44 -0.20 0.51 11.52
N LYS A 45 -0.37 1.80 11.80
CA LYS A 45 -0.30 2.31 13.16
C LYS A 45 -1.35 1.63 14.04
N SER A 46 -2.60 1.64 13.59
CA SER A 46 -3.69 1.03 14.33
C SER A 46 -3.46 -0.46 14.50
N ARG A 47 -2.79 -1.06 13.52
CA ARG A 47 -2.50 -2.50 13.56
C ARG A 47 -1.31 -2.80 14.47
N GLU A 48 -0.51 -1.77 14.78
CA GLU A 48 0.65 -1.94 15.63
C GLU A 48 1.67 -2.87 14.98
N THR A 49 2.15 -2.48 13.80
CA THR A 49 3.13 -3.28 13.08
C THR A 49 3.90 -2.43 12.07
N PHE A 50 5.21 -2.60 12.04
CA PHE A 50 6.06 -1.85 11.12
C PHE A 50 6.39 -2.67 9.88
N ILE A 51 5.46 -3.53 9.49
CA ILE A 51 5.65 -4.38 8.32
C ILE A 51 4.44 -4.32 7.39
N ILE A 52 4.68 -4.07 6.11
CA ILE A 52 3.61 -3.99 5.13
C ILE A 52 3.70 -5.13 4.13
N ASP A 53 3.01 -6.23 4.44
CA ASP A 53 3.01 -7.40 3.56
C ASP A 53 1.68 -7.52 2.82
N ASP A 54 1.52 -8.61 2.07
CA ASP A 54 0.29 -8.84 1.32
C ASP A 54 -0.93 -8.81 2.23
N GLU A 55 -0.72 -9.19 3.49
CA GLU A 55 -1.80 -9.21 4.46
C GLU A 55 -2.30 -7.80 4.76
N ILE A 56 -1.36 -6.85 4.77
CA ILE A 56 -1.70 -5.45 5.05
C ILE A 56 -2.21 -4.76 3.79
N ALA A 57 -1.52 -4.97 2.67
CA ALA A 57 -1.91 -4.36 1.41
C ALA A 57 -3.31 -4.80 1.00
N ASN A 58 -3.68 -6.01 1.38
CA ASN A 58 -5.00 -6.55 1.05
C ASN A 58 -6.09 -5.85 1.88
N GLU A 59 -5.96 -5.93 3.20
CA GLU A 59 -6.93 -5.32 4.09
C GLU A 59 -7.02 -3.81 3.85
N PHE A 60 -5.87 -3.17 3.67
CA PHE A 60 -5.82 -1.73 3.42
C PHE A 60 -6.53 -1.38 2.12
N LEU A 61 -6.10 -2.00 1.03
CA LEU A 61 -6.70 -1.74 -0.27
C LEU A 61 -8.19 -2.08 -0.27
N LYS A 62 -8.57 -3.05 0.55
CA LYS A 62 -9.97 -3.45 0.66
C LYS A 62 -10.75 -2.55 1.61
N SER A 63 -10.04 -2.02 2.61
CA SER A 63 -10.66 -1.13 3.59
C SER A 63 -11.00 0.22 2.97
N ILE A 64 -10.12 0.71 2.11
CA ILE A 64 -10.33 2.00 1.45
C ILE A 64 -11.30 1.85 0.27
N GLY A 65 -11.30 0.68 -0.36
CA GLY A 65 -12.18 0.45 -1.48
C GLY A 65 -11.42 0.42 -2.80
N ALA A 66 -10.16 0.02 -2.75
CA ALA A 66 -9.32 -0.04 -3.94
C ALA A 66 -9.75 -1.20 -4.84
N GLU A 67 -8.89 -1.53 -5.81
CA GLU A 67 -9.18 -2.62 -6.74
C GLU A 67 -10.40 -2.30 -7.60
N VAL A 68 -10.16 -1.69 -8.75
CA VAL A 68 -11.24 -1.33 -9.67
C VAL A 68 -10.79 -1.46 -11.12
N GLU A 69 -10.90 -2.67 -11.65
CA GLU A 69 -10.51 -2.93 -13.04
C GLU A 69 -11.68 -2.69 -13.99
N LEU A 70 -11.48 -1.77 -14.93
CA LEU A 70 -12.52 -1.44 -15.90
C LEU A 70 -13.79 -0.96 -15.20
N PRO A 71 -14.04 0.37 -15.19
CA PRO A 71 -15.23 0.94 -14.55
C PRO A 71 -16.51 0.59 -15.30
N GLN A 72 -17.65 0.73 -14.62
CA GLN A 72 -18.94 0.43 -15.23
C GLN A 72 -19.84 1.66 -15.22
N GLU A 73 -19.62 2.56 -16.17
CA GLU A 73 -20.42 3.78 -16.26
C GLU A 73 -20.89 4.00 -17.70
N ILE A 74 -21.93 4.83 -17.85
CA ILE A 74 -22.48 5.12 -19.17
C ILE A 74 -22.27 6.59 -19.54
N LYS A 75 -21.18 7.17 -19.05
CA LYS A 75 -20.85 8.56 -19.33
C LYS A 75 -20.33 8.73 -20.74
N MET A 4 14.04 4.08 -9.15
CA MET A 4 12.76 4.79 -8.86
C MET A 4 11.95 4.03 -7.82
N ASP A 5 12.21 4.32 -6.54
CA ASP A 5 11.50 3.67 -5.45
C ASP A 5 11.14 4.67 -4.36
N GLU A 6 10.35 5.67 -4.74
CA GLU A 6 9.92 6.70 -3.79
C GLU A 6 8.97 6.13 -2.75
N PHE A 7 8.21 5.12 -3.16
CA PHE A 7 7.26 4.48 -2.26
C PHE A 7 7.96 3.92 -1.02
N VAL A 8 8.97 3.08 -1.24
CA VAL A 8 9.71 2.48 -0.16
C VAL A 8 10.53 3.52 0.60
N LYS A 9 10.97 4.56 -0.12
CA LYS A 9 11.76 5.62 0.49
C LYS A 9 10.96 6.34 1.57
N GLY A 10 9.74 6.74 1.23
CA GLY A 10 8.90 7.44 2.18
C GLY A 10 8.63 6.61 3.43
N LEU A 11 8.43 5.31 3.24
CA LEU A 11 8.16 4.41 4.36
C LEU A 11 9.43 4.18 5.19
N MET A 12 10.57 4.11 4.51
CA MET A 12 11.84 3.89 5.17
C MET A 12 12.20 5.08 6.07
N LYS A 13 11.73 6.26 5.69
CA LYS A 13 12.00 7.47 6.45
C LYS A 13 11.48 7.34 7.88
N ASN A 14 10.32 6.73 8.03
CA ASN A 14 9.71 6.53 9.34
C ASN A 14 10.17 5.21 9.97
N GLY A 15 10.47 4.24 9.12
CA GLY A 15 10.91 2.94 9.60
C GLY A 15 9.92 1.84 9.30
N TYR A 16 9.30 1.92 8.12
CA TYR A 16 8.32 0.92 7.71
C TYR A 16 8.89 0.00 6.64
N LEU A 17 8.52 -1.27 6.69
CA LEU A 17 9.00 -2.25 5.73
C LEU A 17 7.85 -2.80 4.89
N ILE A 18 8.18 -3.36 3.74
CA ILE A 18 7.17 -3.93 2.85
C ILE A 18 7.75 -5.06 2.01
N THR A 19 7.07 -6.21 2.04
CA THR A 19 7.52 -7.38 1.27
C THR A 19 7.47 -7.11 -0.22
N PRO A 20 8.32 -7.79 -1.00
CA PRO A 20 8.38 -7.63 -2.46
C PRO A 20 7.09 -8.08 -3.13
N SER A 21 6.37 -9.00 -2.50
CA SER A 21 5.12 -9.50 -3.04
C SER A 21 4.02 -8.45 -2.98
N ALA A 22 4.03 -7.65 -1.91
CA ALA A 22 3.04 -6.60 -1.73
C ALA A 22 3.47 -5.32 -2.43
N TYR A 23 4.78 -5.10 -2.50
CA TYR A 23 5.32 -3.90 -3.14
C TYR A 23 4.92 -3.85 -4.61
N TYR A 24 5.02 -4.98 -5.29
CA TYR A 24 4.67 -5.06 -6.70
C TYR A 24 3.22 -4.62 -6.94
N LEU A 25 2.39 -4.80 -5.92
CA LEU A 25 0.98 -4.42 -6.03
C LEU A 25 0.76 -2.99 -5.54
N LEU A 26 1.33 -2.66 -4.38
CA LEU A 26 1.19 -1.32 -3.81
C LEU A 26 1.93 -0.30 -4.66
N VAL A 27 2.99 -0.73 -5.33
CA VAL A 27 3.77 0.16 -6.18
C VAL A 27 2.90 0.82 -7.25
N GLY A 28 1.85 0.13 -7.66
CA GLY A 28 0.96 0.67 -8.68
C GLY A 28 -0.15 1.51 -8.09
N HIS A 29 -0.71 1.04 -6.97
CA HIS A 29 -1.80 1.75 -6.31
C HIS A 29 -1.31 3.06 -5.68
N PHE A 30 0.01 3.22 -5.60
CA PHE A 30 0.60 4.42 -5.02
C PHE A 30 1.05 5.38 -6.12
N ASN A 31 1.83 4.87 -7.07
CA ASN A 31 2.32 5.68 -8.18
C ASN A 31 1.17 6.30 -8.95
N GLU A 32 0.11 5.53 -9.16
CA GLU A 32 -1.05 6.01 -9.89
C GLU A 32 -1.67 7.22 -9.20
N GLY A 33 -1.52 7.28 -7.88
CA GLY A 33 -2.07 8.39 -7.13
C GLY A 33 -3.40 8.06 -6.50
N LYS A 34 -3.53 6.86 -5.95
CA LYS A 34 -4.76 6.43 -5.31
C LYS A 34 -4.72 6.69 -3.81
N PHE A 35 -3.83 5.99 -3.12
CA PHE A 35 -3.69 6.16 -1.67
C PHE A 35 -2.43 6.94 -1.33
N SER A 36 -2.54 7.82 -0.34
CA SER A 36 -1.41 8.64 0.08
C SER A 36 -0.58 7.92 1.14
N LEU A 37 0.66 8.37 1.32
CA LEU A 37 1.56 7.77 2.29
C LEU A 37 0.97 7.85 3.69
N ILE A 38 0.47 9.03 4.06
CA ILE A 38 -0.12 9.25 5.37
C ILE A 38 -1.19 8.18 5.68
N GLU A 39 -1.94 7.79 4.66
CA GLU A 39 -2.99 6.78 4.82
C GLU A 39 -2.38 5.41 5.10
N LEU A 40 -1.20 5.17 4.54
CA LEU A 40 -0.51 3.90 4.72
C LEU A 40 0.06 3.78 6.14
N ILE A 41 0.57 4.90 6.66
CA ILE A 41 1.15 4.91 7.99
C ILE A 41 0.08 4.72 9.06
N LYS A 42 -1.07 5.35 8.85
CA LYS A 42 -2.18 5.24 9.79
C LYS A 42 -2.65 3.80 9.93
N PHE A 43 -2.78 3.12 8.79
CA PHE A 43 -3.22 1.73 8.77
C PHE A 43 -2.28 0.85 9.57
N ALA A 44 -1.00 0.84 9.19
CA ALA A 44 0.00 0.03 9.87
C ALA A 44 0.15 0.47 11.32
N LYS A 45 0.12 1.79 11.55
CA LYS A 45 0.25 2.34 12.88
C LYS A 45 -0.84 1.83 13.81
N SER A 46 -2.09 1.92 13.34
CA SER A 46 -3.23 1.46 14.13
C SER A 46 -3.11 -0.03 14.45
N ARG A 47 -2.48 -0.77 13.55
CA ARG A 47 -2.30 -2.21 13.75
C ARG A 47 -1.09 -2.50 14.63
N GLU A 48 -0.27 -1.48 14.88
CA GLU A 48 0.92 -1.63 15.70
C GLU A 48 1.88 -2.64 15.09
N THR A 49 2.18 -2.47 13.81
CA THR A 49 3.09 -3.36 13.11
C THR A 49 3.73 -2.66 11.91
N PHE A 50 5.03 -2.90 11.72
CA PHE A 50 5.75 -2.29 10.61
C PHE A 50 6.01 -3.31 9.50
N ILE A 51 5.12 -4.28 9.38
CA ILE A 51 5.25 -5.31 8.36
C ILE A 51 4.09 -5.26 7.37
N ILE A 52 4.32 -4.61 6.24
CA ILE A 52 3.29 -4.48 5.20
C ILE A 52 3.30 -5.68 4.28
N ASP A 53 2.61 -6.75 4.69
CA ASP A 53 2.54 -7.97 3.89
C ASP A 53 1.29 -7.97 3.03
N ASP A 54 1.07 -9.07 2.30
CA ASP A 54 -0.09 -9.19 1.43
C ASP A 54 -1.39 -9.05 2.22
N GLU A 55 -1.37 -9.51 3.48
CA GLU A 55 -2.54 -9.43 4.34
C GLU A 55 -2.92 -7.98 4.59
N ILE A 56 -1.92 -7.14 4.86
CA ILE A 56 -2.15 -5.73 5.12
C ILE A 56 -2.49 -4.97 3.84
N ALA A 57 -1.68 -5.18 2.81
CA ALA A 57 -1.89 -4.53 1.53
C ALA A 57 -3.26 -4.88 0.95
N ASN A 58 -3.59 -6.17 0.97
CA ASN A 58 -4.87 -6.64 0.44
C ASN A 58 -6.03 -6.00 1.21
N GLU A 59 -6.01 -6.12 2.53
CA GLU A 59 -7.07 -5.55 3.36
C GLU A 59 -7.03 -4.03 3.34
N PHE A 60 -5.92 -3.46 2.88
CA PHE A 60 -5.77 -2.02 2.80
C PHE A 60 -6.58 -1.44 1.65
N LEU A 61 -6.51 -2.10 0.50
CA LEU A 61 -7.24 -1.66 -0.68
C LEU A 61 -8.74 -1.85 -0.51
N LYS A 62 -9.13 -2.97 0.11
CA LYS A 62 -10.53 -3.27 0.33
C LYS A 62 -11.13 -2.37 1.41
N SER A 63 -10.31 -2.00 2.39
CA SER A 63 -10.74 -1.15 3.48
C SER A 63 -10.98 0.29 2.99
N ILE A 64 -10.05 0.79 2.17
CA ILE A 64 -10.17 2.14 1.64
C ILE A 64 -11.37 2.27 0.71
N GLY A 65 -11.71 1.17 0.05
CA GLY A 65 -12.84 1.17 -0.86
C GLY A 65 -12.42 1.41 -2.30
N ALA A 66 -11.41 0.67 -2.74
CA ALA A 66 -10.90 0.80 -4.10
C ALA A 66 -11.52 -0.27 -5.01
N GLU A 67 -12.81 -0.50 -4.84
CA GLU A 67 -13.52 -1.50 -5.65
C GLU A 67 -14.48 -0.82 -6.62
N VAL A 68 -14.05 0.29 -7.19
CA VAL A 68 -14.88 1.03 -8.14
C VAL A 68 -14.28 0.99 -9.54
N GLU A 69 -15.13 0.78 -10.54
CA GLU A 69 -14.70 0.72 -11.93
C GLU A 69 -15.88 0.88 -12.88
N LEU A 70 -15.57 1.16 -14.14
CA LEU A 70 -16.60 1.34 -15.15
C LEU A 70 -16.55 0.22 -16.19
N PRO A 71 -17.28 -0.88 -15.96
CA PRO A 71 -17.31 -2.02 -16.89
C PRO A 71 -17.60 -1.59 -18.32
N GLN A 72 -18.44 -0.57 -18.47
CA GLN A 72 -18.80 -0.07 -19.79
C GLN A 72 -17.64 0.71 -20.41
N GLU A 73 -17.91 1.34 -21.55
CA GLU A 73 -16.88 2.11 -22.25
C GLU A 73 -16.81 3.54 -21.70
N ILE A 74 -16.58 3.65 -20.40
CA ILE A 74 -16.49 4.95 -19.75
C ILE A 74 -17.77 5.75 -19.94
N LYS A 75 -18.76 5.48 -19.09
CA LYS A 75 -20.05 6.18 -19.17
C LYS A 75 -20.71 5.95 -20.53
N MET A 4 15.89 4.83 -6.25
CA MET A 4 14.96 5.59 -7.11
C MET A 4 13.52 5.46 -6.63
N ASP A 5 13.18 4.28 -6.13
CA ASP A 5 11.84 4.02 -5.63
C ASP A 5 11.49 4.94 -4.48
N GLU A 6 10.50 5.81 -4.68
CA GLU A 6 10.08 6.75 -3.65
C GLU A 6 9.20 6.06 -2.61
N PHE A 7 8.45 5.04 -3.05
CA PHE A 7 7.57 4.30 -2.16
C PHE A 7 8.38 3.53 -1.12
N VAL A 8 9.35 2.75 -1.57
CA VAL A 8 10.19 1.97 -0.68
C VAL A 8 10.93 2.87 0.30
N LYS A 9 11.68 3.84 -0.22
CA LYS A 9 12.43 4.76 0.61
C LYS A 9 11.49 5.64 1.44
N GLY A 10 10.32 5.93 0.88
CA GLY A 10 9.36 6.77 1.58
C GLY A 10 8.87 6.12 2.86
N LEU A 11 8.77 4.80 2.86
CA LEU A 11 8.31 4.07 4.04
C LEU A 11 9.41 4.00 5.10
N MET A 12 10.63 3.78 4.65
CA MET A 12 11.77 3.68 5.56
C MET A 12 11.95 4.97 6.35
N LYS A 13 11.51 6.08 5.77
CA LYS A 13 11.61 7.38 6.42
C LYS A 13 10.91 7.38 7.78
N ASN A 14 9.85 6.57 7.89
CA ASN A 14 9.08 6.48 9.12
C ASN A 14 9.25 5.10 9.75
N GLY A 15 10.40 4.48 9.51
CA GLY A 15 10.67 3.17 10.08
C GLY A 15 9.62 2.14 9.67
N TYR A 16 9.52 1.88 8.38
CA TYR A 16 8.55 0.91 7.87
C TYR A 16 9.16 0.04 6.79
N LEU A 17 8.76 -1.23 6.76
CA LEU A 17 9.27 -2.18 5.78
C LEU A 17 8.15 -2.75 4.93
N ILE A 18 8.46 -3.07 3.67
CA ILE A 18 7.47 -3.63 2.77
C ILE A 18 8.08 -4.74 1.91
N THR A 19 7.31 -5.81 1.72
CA THR A 19 7.77 -6.95 0.93
C THR A 19 7.29 -6.84 -0.52
N PRO A 20 8.05 -7.42 -1.47
CA PRO A 20 7.70 -7.38 -2.89
C PRO A 20 6.28 -7.86 -3.14
N SER A 21 5.79 -8.73 -2.28
CA SER A 21 4.44 -9.27 -2.41
C SER A 21 3.40 -8.15 -2.33
N ALA A 22 3.65 -7.18 -1.45
CA ALA A 22 2.74 -6.06 -1.27
C ALA A 22 3.15 -4.87 -2.14
N TYR A 23 4.45 -4.74 -2.38
CA TYR A 23 4.96 -3.66 -3.20
C TYR A 23 4.43 -3.74 -4.63
N TYR A 24 4.33 -4.97 -5.14
CA TYR A 24 3.84 -5.19 -6.50
C TYR A 24 2.38 -4.75 -6.63
N LEU A 25 1.66 -4.75 -5.53
CA LEU A 25 0.25 -4.36 -5.52
C LEU A 25 0.08 -2.91 -5.08
N LEU A 26 1.00 -2.45 -4.22
CA LEU A 26 0.94 -1.09 -3.72
C LEU A 26 1.64 -0.12 -4.65
N VAL A 27 2.64 -0.61 -5.37
CA VAL A 27 3.40 0.22 -6.31
C VAL A 27 2.48 0.84 -7.36
N GLY A 28 1.51 0.05 -7.83
CA GLY A 28 0.59 0.53 -8.84
C GLY A 28 -0.46 1.46 -8.26
N HIS A 29 -0.83 1.23 -7.01
CA HIS A 29 -1.83 2.05 -6.33
C HIS A 29 -1.22 3.33 -5.79
N PHE A 30 0.09 3.34 -5.62
CA PHE A 30 0.80 4.52 -5.12
C PHE A 30 1.32 5.39 -6.25
N ASN A 31 1.94 4.74 -7.24
CA ASN A 31 2.48 5.45 -8.40
C ASN A 31 1.38 6.21 -9.14
N GLU A 32 0.25 5.53 -9.37
CA GLU A 32 -0.87 6.13 -10.06
C GLU A 32 -1.39 7.36 -9.31
N GLY A 33 -1.38 7.27 -7.98
CA GLY A 33 -1.84 8.38 -7.17
C GLY A 33 -3.21 8.12 -6.57
N LYS A 34 -3.46 6.88 -6.17
CA LYS A 34 -4.74 6.50 -5.58
C LYS A 34 -4.75 6.80 -4.08
N PHE A 35 -3.76 6.28 -3.37
CA PHE A 35 -3.66 6.48 -1.93
C PHE A 35 -2.38 7.26 -1.58
N SER A 36 -2.39 7.89 -0.41
CA SER A 36 -1.24 8.67 0.05
C SER A 36 -0.43 7.89 1.07
N LEU A 37 0.84 8.23 1.21
CA LEU A 37 1.72 7.57 2.16
C LEU A 37 1.19 7.70 3.59
N ILE A 38 0.71 8.89 3.93
CA ILE A 38 0.17 9.15 5.25
C ILE A 38 -0.96 8.18 5.59
N GLU A 39 -1.67 7.74 4.56
CA GLU A 39 -2.79 6.82 4.73
C GLU A 39 -2.28 5.42 5.06
N LEU A 40 -1.15 5.04 4.46
CA LEU A 40 -0.55 3.73 4.68
C LEU A 40 -0.03 3.61 6.11
N ILE A 41 0.57 4.69 6.61
CA ILE A 41 1.12 4.71 7.96
C ILE A 41 0.02 4.58 9.01
N LYS A 42 -1.11 5.24 8.75
CA LYS A 42 -2.24 5.20 9.67
C LYS A 42 -2.79 3.78 9.82
N PHE A 43 -2.80 3.05 8.70
CA PHE A 43 -3.29 1.68 8.69
C PHE A 43 -2.44 0.79 9.60
N ALA A 44 -1.12 0.91 9.46
CA ALA A 44 -0.20 0.11 10.27
C ALA A 44 -0.19 0.58 11.71
N LYS A 45 -0.41 1.88 11.91
CA LYS A 45 -0.42 2.46 13.25
C LYS A 45 -1.53 1.84 14.10
N SER A 46 -2.66 1.57 13.48
CA SER A 46 -3.80 0.98 14.18
C SER A 46 -3.59 -0.52 14.39
N ARG A 47 -2.79 -1.13 13.52
CA ARG A 47 -2.51 -2.56 13.61
C ARG A 47 -1.36 -2.84 14.58
N GLU A 48 -0.52 -1.83 14.81
CA GLU A 48 0.61 -1.97 15.72
C GLU A 48 1.68 -2.88 15.12
N THR A 49 1.89 -2.75 13.82
CA THR A 49 2.90 -3.56 13.13
C THR A 49 3.54 -2.78 11.99
N PHE A 50 4.87 -2.73 11.98
CA PHE A 50 5.60 -2.02 10.95
C PHE A 50 6.06 -2.96 9.85
N ILE A 51 5.20 -3.91 9.49
CA ILE A 51 5.52 -4.88 8.45
C ILE A 51 4.43 -4.92 7.38
N ILE A 52 4.53 -4.02 6.41
CA ILE A 52 3.56 -3.95 5.33
C ILE A 52 3.74 -5.09 4.34
N ASP A 53 3.04 -6.20 4.58
CA ASP A 53 3.14 -7.36 3.71
C ASP A 53 1.92 -7.46 2.81
N ASP A 54 1.85 -8.54 2.03
CA ASP A 54 0.72 -8.76 1.12
C ASP A 54 -0.59 -8.79 1.88
N GLU A 55 -0.54 -9.25 3.13
CA GLU A 55 -1.73 -9.32 3.97
C GLU A 55 -2.21 -7.93 4.36
N ILE A 56 -1.26 -7.03 4.59
CA ILE A 56 -1.58 -5.65 4.98
C ILE A 56 -2.03 -4.84 3.77
N ALA A 57 -1.41 -5.11 2.62
CA ALA A 57 -1.75 -4.39 1.40
C ALA A 57 -3.14 -4.78 0.90
N ASN A 58 -3.47 -6.05 1.04
CA ASN A 58 -4.77 -6.55 0.60
C ASN A 58 -5.90 -5.96 1.44
N GLU A 59 -5.71 -5.96 2.75
CA GLU A 59 -6.70 -5.43 3.67
C GLU A 59 -6.83 -3.92 3.53
N PHE A 60 -5.73 -3.27 3.16
CA PHE A 60 -5.71 -1.83 2.98
C PHE A 60 -6.70 -1.40 1.91
N LEU A 61 -6.51 -1.89 0.69
CA LEU A 61 -7.40 -1.57 -0.42
C LEU A 61 -8.82 -2.01 -0.13
N LYS A 62 -8.96 -3.25 0.36
CA LYS A 62 -10.28 -3.80 0.67
C LYS A 62 -10.99 -2.95 1.73
N SER A 63 -10.21 -2.31 2.59
CA SER A 63 -10.77 -1.47 3.64
C SER A 63 -11.19 -0.11 3.08
N ILE A 64 -10.41 0.40 2.13
CA ILE A 64 -10.72 1.69 1.52
C ILE A 64 -11.45 1.51 0.19
N GLY A 65 -11.97 0.32 -0.05
CA GLY A 65 -12.69 0.05 -1.28
C GLY A 65 -11.89 0.42 -2.52
N ALA A 66 -10.66 -0.08 -2.60
CA ALA A 66 -9.80 0.21 -3.73
C ALA A 66 -9.78 -0.95 -4.72
N GLU A 67 -9.86 -0.64 -6.01
CA GLU A 67 -9.85 -1.65 -7.05
C GLU A 67 -8.78 -1.35 -8.09
N VAL A 68 -7.77 -2.22 -8.16
CA VAL A 68 -6.67 -2.05 -9.12
C VAL A 68 -6.74 -3.09 -10.23
N GLU A 69 -7.03 -2.63 -11.44
CA GLU A 69 -7.13 -3.53 -12.59
C GLU A 69 -7.52 -2.76 -13.84
N LEU A 70 -8.42 -1.80 -13.67
CA LEU A 70 -8.88 -0.98 -14.79
C LEU A 70 -9.51 -1.84 -15.88
N PRO A 71 -10.71 -2.38 -15.64
CA PRO A 71 -11.42 -3.22 -16.61
C PRO A 71 -12.02 -2.41 -17.75
N GLN A 72 -11.33 -2.40 -18.89
CA GLN A 72 -11.81 -1.66 -20.05
C GLN A 72 -12.17 -2.60 -21.20
N GLU A 73 -11.39 -3.68 -21.32
CA GLU A 73 -11.63 -4.67 -22.38
C GLU A 73 -12.05 -6.01 -21.79
N ILE A 74 -11.12 -6.66 -21.09
CA ILE A 74 -11.40 -7.95 -20.48
C ILE A 74 -10.69 -8.09 -19.14
N LYS A 75 -11.38 -8.67 -18.17
CA LYS A 75 -10.81 -8.86 -16.83
C LYS A 75 -10.42 -7.51 -16.21
#